data_2BO4
#
_entry.id   2BO4
#
_cell.length_a   261.148
_cell.length_b   151.288
_cell.length_c   153.240
_cell.angle_alpha   90.00
_cell.angle_beta   90.41
_cell.angle_gamma   90.00
#
_symmetry.space_group_name_H-M   'C 1 2 1'
#
loop_
_entity.id
_entity.type
_entity.pdbx_description
1 polymer 'MANNOSYLGLYCERATE SYNTHASE'
2 non-polymer 'CITRATE ANION'
3 water water
#
_entity_poly.entity_id   1
_entity_poly.type   'polypeptide(L)'
_entity_poly.pdbx_seq_one_letter_code
;MSLVVFPFKHEHPEVLLHNVRVAAAHPRVHEVLCIGYERDQTYEAVERAAPEISRATGTPVSVRLQERLGTLRPGKGDGM
NTALRYFLEETQWERIHFYDADITSFGPDWITKAEEAADFGYGLVRHYFPRASTDAMITWMITRTGFALLWPHTELSWIE
QPLGGELLMRREVAAMLYEDERVRRRSDWGIDTLYTFVTVQQGVSIYECYIPEGKAHRLYGGLDDLRTMLVECFAAIQSL
QHEVVGQPAIHRQEHPHRVPVHIAERVGYDVEATLHRLMQHWTPRQVELLELFTTPVREGLRTCQRRPAFNFMDEMAWAA
TYHVLLEHFQPGDPDWEELLFKLWTTRVLNYTMTVALRGYDYAQQYLYRMLGRYRYQAALENGRGHPVPPRAALSTA
;
_entity_poly.pdbx_strand_id   A,B,C,D,E,F
#
loop_
_chem_comp.id
_chem_comp.type
_chem_comp.name
_chem_comp.formula
FLC non-polymer 'CITRATE ANION' 'C6 H5 O7 -3'
#
# COMPACT_ATOMS: atom_id res chain seq x y z
N SER A 2 4.22 20.88 15.87
CA SER A 2 3.23 20.08 15.10
C SER A 2 2.53 19.03 15.98
N LEU A 3 1.45 18.45 15.47
CA LEU A 3 0.68 17.45 16.18
C LEU A 3 1.11 16.08 15.71
N VAL A 4 1.39 15.16 16.63
CA VAL A 4 1.63 13.76 16.28
C VAL A 4 0.50 12.91 16.84
N VAL A 5 -0.08 12.09 15.96
CA VAL A 5 -1.25 11.31 16.29
C VAL A 5 -0.94 9.81 16.23
N PHE A 6 -1.22 9.10 17.31
CA PHE A 6 -1.17 7.65 17.34
C PHE A 6 -2.57 7.06 17.52
N PRO A 7 -3.20 6.58 16.45
CA PRO A 7 -4.40 5.76 16.60
C PRO A 7 -3.99 4.41 17.19
N PHE A 8 -4.74 3.90 18.15
CA PHE A 8 -4.34 2.69 18.88
C PHE A 8 -5.52 1.77 19.20
N LYS A 9 -5.19 0.51 19.51
CA LYS A 9 -6.17 -0.53 19.82
C LYS A 9 -5.68 -1.44 20.95
N HIS A 10 -6.16 -2.70 20.92
CA HIS A 10 -5.50 -3.89 21.51
C HIS A 10 -4.10 -3.58 22.07
N GLU A 11 -3.08 -3.91 21.26
CA GLU A 11 -1.76 -3.29 21.25
C GLU A 11 -1.21 -3.01 22.62
N HIS A 12 -0.31 -3.86 23.08
CA HIS A 12 0.34 -3.66 24.38
C HIS A 12 0.66 -2.18 24.58
N PRO A 13 0.25 -1.64 25.72
CA PRO A 13 0.40 -0.21 25.99
C PRO A 13 1.86 0.25 26.04
N GLU A 14 2.81 -0.64 26.35
CA GLU A 14 4.22 -0.25 26.47
C GLU A 14 4.83 0.16 25.15
N VAL A 15 4.40 -0.45 24.05
CA VAL A 15 4.82 -0.01 22.73
C VAL A 15 4.27 1.39 22.44
N LEU A 16 2.99 1.61 22.70
CA LEU A 16 2.36 2.92 22.49
C LEU A 16 3.04 4.02 23.31
N LEU A 17 3.25 3.75 24.58
CA LEU A 17 3.81 4.74 25.49
C LEU A 17 5.25 5.13 25.09
N HIS A 18 6.02 4.16 24.59
CA HIS A 18 7.38 4.41 24.10
C HIS A 18 7.33 5.36 22.92
N ASN A 19 6.45 5.07 21.96
CA ASN A 19 6.29 5.90 20.78
C ASN A 19 5.82 7.33 21.13
N VAL A 20 4.93 7.44 22.11
CA VAL A 20 4.47 8.74 22.59
C VAL A 20 5.63 9.52 23.19
N ARG A 21 6.48 8.84 23.95
CA ARG A 21 7.64 9.47 24.55
C ARG A 21 8.63 9.99 23.49
N VAL A 22 8.81 9.23 22.42
CA VAL A 22 9.67 9.63 21.32
C VAL A 22 9.12 10.91 20.65
N ALA A 23 7.84 10.89 20.28
CA ALA A 23 7.20 12.07 19.69
C ALA A 23 7.27 13.30 20.59
N ALA A 24 6.94 13.12 21.87
CA ALA A 24 6.85 14.23 22.82
C ALA A 24 8.20 14.90 23.04
N ALA A 25 9.27 14.12 22.96
CA ALA A 25 10.63 14.62 23.21
C ALA A 25 11.26 15.26 21.95
N HIS A 26 10.64 15.10 20.80
CA HIS A 26 11.16 15.65 19.55
C HIS A 26 10.97 17.17 19.52
N PRO A 27 12.01 17.93 19.21
CA PRO A 27 11.94 19.40 19.28
C PRO A 27 10.89 20.07 18.39
N ARG A 28 10.45 19.40 17.33
CA ARG A 28 9.48 20.01 16.41
C ARG A 28 8.03 19.60 16.70
N VAL A 29 7.86 18.72 17.68
CA VAL A 29 6.52 18.26 18.07
C VAL A 29 6.01 19.10 19.25
N HIS A 30 4.87 19.75 19.04
CA HIS A 30 4.27 20.62 20.05
C HIS A 30 3.11 19.95 20.79
N GLU A 31 2.64 18.82 20.28
CA GLU A 31 1.52 18.10 20.89
C GLU A 31 1.41 16.66 20.39
N VAL A 32 1.03 15.75 21.29
CA VAL A 32 0.78 14.36 20.94
C VAL A 32 -0.69 14.02 21.29
N LEU A 33 -1.34 13.28 20.40
CA LEU A 33 -2.74 12.85 20.57
C LEU A 33 -2.85 11.37 20.28
N CYS A 34 -3.38 10.62 21.22
CA CYS A 34 -3.68 9.21 21.01
C CYS A 34 -5.20 9.05 20.90
N ILE A 35 -5.65 8.28 19.91
CA ILE A 35 -7.08 8.05 19.68
C ILE A 35 -7.37 6.56 19.82
N GLY A 36 -8.29 6.20 20.70
CA GLY A 36 -8.74 4.83 20.84
C GLY A 36 -10.26 4.74 20.76
N TYR A 37 -10.75 3.53 20.56
CA TYR A 37 -12.17 3.28 20.37
C TYR A 37 -12.95 3.37 21.67
N GLU A 38 -12.37 2.82 22.74
CA GLU A 38 -13.04 2.73 24.03
C GLU A 38 -12.06 2.93 25.18
N ARG A 39 -12.61 3.15 26.37
CA ARG A 39 -11.83 3.35 27.59
C ARG A 39 -11.49 1.99 28.20
N ASP A 40 -10.61 1.25 27.52
CA ASP A 40 -10.08 -0.01 28.03
C ASP A 40 -8.78 0.25 28.81
N GLN A 41 -8.04 -0.79 29.16
CA GLN A 41 -6.85 -0.65 30.01
C GLN A 41 -5.71 0.10 29.32
N THR A 42 -5.57 -0.09 28.01
CA THR A 42 -4.55 0.63 27.23
C THR A 42 -4.83 2.13 27.23
N TYR A 43 -6.10 2.49 27.00
CA TYR A 43 -6.54 3.88 27.07
C TYR A 43 -6.24 4.50 28.43
N GLU A 44 -6.52 3.75 29.51
CA GLU A 44 -6.32 4.26 30.88
C GLU A 44 -4.84 4.42 31.21
N ALA A 45 -4.01 3.53 30.68
CA ALA A 45 -2.56 3.59 30.91
C ALA A 45 -1.94 4.85 30.32
N VAL A 46 -2.38 5.24 29.12
CA VAL A 46 -1.89 6.46 28.47
C VAL A 46 -2.38 7.71 29.18
N GLU A 47 -3.68 7.72 29.53
CA GLU A 47 -4.27 8.82 30.28
C GLU A 47 -3.54 9.01 31.60
N ARG A 48 -3.06 7.91 32.18
CA ARG A 48 -2.35 7.94 33.47
C ARG A 48 -0.90 8.41 33.30
N ALA A 49 -0.26 8.01 32.21
CA ALA A 49 1.14 8.39 31.95
C ALA A 49 1.26 9.82 31.42
N ALA A 50 0.19 10.33 30.81
CA ALA A 50 0.23 11.57 30.02
C ALA A 50 0.72 12.80 30.77
N PRO A 51 0.26 13.04 32.00
CA PRO A 51 0.76 14.17 32.80
C PRO A 51 2.26 14.14 33.10
N GLU A 52 2.83 12.96 33.33
CA GLU A 52 4.28 12.84 33.57
C GLU A 52 5.10 13.09 32.29
N ILE A 53 4.65 12.52 31.17
CA ILE A 53 5.30 12.75 29.88
C ILE A 53 5.22 14.25 29.53
N SER A 54 4.08 14.87 29.80
CA SER A 54 3.85 16.27 29.49
C SER A 54 4.72 17.20 30.32
N ARG A 55 5.00 16.82 31.56
CA ARG A 55 5.82 17.63 32.47
C ARG A 55 7.30 17.47 32.14
N ALA A 56 7.71 16.24 31.80
CA ALA A 56 9.10 15.93 31.47
C ALA A 56 9.59 16.55 30.16
N THR A 57 8.71 16.58 29.15
CA THR A 57 9.09 17.02 27.80
C THR A 57 8.67 18.44 27.46
N GLY A 58 7.73 19.01 28.23
CA GLY A 58 7.11 20.26 27.86
C GLY A 58 6.09 20.14 26.72
N THR A 59 5.78 18.90 26.31
CA THR A 59 4.85 18.66 25.23
C THR A 59 3.54 18.04 25.76
N PRO A 60 2.41 18.72 25.60
CA PRO A 60 1.12 18.14 26.04
C PRO A 60 0.75 16.86 25.30
N VAL A 61 0.30 15.87 26.06
CA VAL A 61 -0.15 14.59 25.56
C VAL A 61 -1.62 14.42 25.96
N SER A 62 -2.47 14.16 24.96
CA SER A 62 -3.90 13.93 25.19
C SER A 62 -4.29 12.59 24.64
N VAL A 63 -5.32 12.01 25.26
CA VAL A 63 -6.01 10.84 24.75
C VAL A 63 -7.47 11.22 24.55
N ARG A 64 -8.02 10.84 23.40
CA ARG A 64 -9.41 11.09 23.07
C ARG A 64 -10.04 9.83 22.51
N LEU A 65 -11.35 9.73 22.66
CA LEU A 65 -12.11 8.65 22.08
C LEU A 65 -12.38 8.93 20.62
N GLN A 66 -12.43 7.86 19.85
CA GLN A 66 -12.85 7.87 18.48
C GLN A 66 -14.33 8.28 18.38
N GLU A 67 -14.62 9.27 17.53
CA GLU A 67 -15.98 9.70 17.29
C GLU A 67 -16.56 9.05 16.04
N ARG A 68 -17.86 8.84 16.05
CA ARG A 68 -18.59 8.27 14.92
C ARG A 68 -18.92 9.37 13.92
N LEU A 69 -18.01 9.55 12.96
CA LEU A 69 -18.06 10.61 11.97
C LEU A 69 -18.50 10.12 10.58
N GLY A 70 -18.35 8.83 10.31
CA GLY A 70 -18.69 8.23 9.03
C GLY A 70 -19.87 7.28 9.10
N THR A 71 -20.06 6.47 8.04
CA THR A 71 -21.28 5.66 7.88
C THR A 71 -21.00 4.19 7.52
N LEU A 72 -19.75 3.79 7.59
CA LEU A 72 -19.36 2.41 7.29
C LEU A 72 -19.04 1.72 8.62
N ARG A 73 -18.38 0.56 8.61
CA ARG A 73 -17.91 -0.02 9.87
C ARG A 73 -17.08 1.02 10.64
N PRO A 74 -17.33 1.19 11.93
CA PRO A 74 -16.56 2.15 12.75
C PRO A 74 -15.13 1.64 13.04
N GLY A 75 -14.19 1.99 12.17
CA GLY A 75 -12.84 1.49 12.24
C GLY A 75 -11.83 2.62 12.15
N LYS A 76 -10.77 2.40 11.37
CA LYS A 76 -9.63 3.31 11.35
C LYS A 76 -9.99 4.70 10.84
N GLY A 77 -10.84 4.77 9.82
CA GLY A 77 -11.32 6.03 9.29
C GLY A 77 -11.91 6.98 10.33
N ASP A 78 -12.80 6.48 11.18
CA ASP A 78 -13.37 7.31 12.23
C ASP A 78 -12.27 7.82 13.17
N GLY A 79 -11.30 6.97 13.49
CA GLY A 79 -10.15 7.38 14.29
C GLY A 79 -9.36 8.51 13.66
N MET A 80 -8.99 8.36 12.40
CA MET A 80 -8.16 9.34 11.72
C MET A 80 -8.90 10.66 11.50
N ASN A 81 -10.17 10.57 11.10
CA ASN A 81 -10.98 11.77 10.89
C ASN A 81 -11.26 12.51 12.21
N THR A 82 -11.34 11.77 13.32
CA THR A 82 -11.48 12.37 14.64
C THR A 82 -10.24 13.19 14.98
N ALA A 83 -9.07 12.65 14.66
CA ALA A 83 -7.81 13.36 14.86
C ALA A 83 -7.72 14.62 13.98
N LEU A 84 -8.19 14.50 12.75
CA LEU A 84 -8.28 15.66 11.85
C LEU A 84 -9.14 16.76 12.47
N ARG A 85 -10.27 16.37 13.05
CA ARG A 85 -11.16 17.33 13.66
C ARG A 85 -10.48 18.02 14.84
N TYR A 86 -9.80 17.25 15.68
CA TYR A 86 -9.06 17.81 16.80
C TYR A 86 -7.97 18.79 16.31
N PHE A 87 -7.19 18.36 15.34
CA PHE A 87 -6.14 19.20 14.72
C PHE A 87 -6.69 20.56 14.26
N LEU A 88 -7.84 20.53 13.57
CA LEU A 88 -8.40 21.70 12.93
C LEU A 88 -9.23 22.61 13.86
N GLU A 89 -9.93 22.02 14.82
CA GLU A 89 -10.85 22.76 15.68
C GLU A 89 -10.27 23.12 17.06
N GLU A 90 -9.28 22.36 17.53
CA GLU A 90 -8.72 22.53 18.88
C GLU A 90 -7.24 22.90 18.92
N THR A 91 -6.60 23.01 17.75
CA THR A 91 -5.22 23.49 17.70
C THR A 91 -4.99 24.46 16.55
N GLN A 92 -3.80 25.02 16.57
CA GLN A 92 -3.35 25.94 15.54
C GLN A 92 -2.08 25.48 14.87
N TRP A 93 -1.71 24.22 15.03
CA TRP A 93 -0.45 23.72 14.46
C TRP A 93 -0.53 23.66 12.93
N GLU A 94 0.61 23.87 12.27
CA GLU A 94 0.67 23.91 10.81
C GLU A 94 0.70 22.52 10.18
N ARG A 95 1.12 21.52 10.96
CA ARG A 95 1.30 20.16 10.46
C ARG A 95 0.78 19.10 11.44
N ILE A 96 0.30 17.99 10.88
CA ILE A 96 -0.12 16.83 11.63
C ILE A 96 0.58 15.60 11.09
N HIS A 97 1.14 14.77 11.98
CA HIS A 97 1.63 13.44 11.63
C HIS A 97 0.67 12.36 12.13
N PHE A 98 0.56 11.28 11.37
CA PHE A 98 -0.04 10.04 11.85
C PHE A 98 1.04 8.95 11.86
N TYR A 99 1.09 8.16 12.92
CA TYR A 99 1.83 6.89 12.93
C TYR A 99 0.99 5.82 13.60
N ASP A 100 0.98 4.62 13.03
CA ASP A 100 0.38 3.48 13.71
C ASP A 100 1.09 3.27 15.05
N ALA A 101 0.30 3.04 16.10
CA ALA A 101 0.80 2.97 17.46
C ALA A 101 1.70 1.75 17.73
N ASP A 102 1.50 0.68 16.98
CA ASP A 102 2.18 -0.61 17.22
C ASP A 102 3.53 -0.77 16.53
N ILE A 103 4.05 0.30 15.93
CA ILE A 103 5.35 0.25 15.27
C ILE A 103 6.48 0.17 16.31
N THR A 104 7.37 -0.81 16.15
CA THR A 104 8.42 -1.09 17.14
C THR A 104 9.78 -0.52 16.75
N SER A 105 9.86 0.15 15.60
CA SER A 105 11.11 0.71 15.10
C SER A 105 11.11 2.25 15.11
N PHE A 106 10.08 2.85 15.73
CA PHE A 106 9.87 4.29 15.70
C PHE A 106 11.04 5.04 16.29
N GLY A 107 11.46 6.10 15.62
CA GLY A 107 12.54 6.95 16.09
C GLY A 107 12.34 8.39 15.69
N PRO A 108 13.06 9.31 16.32
CA PRO A 108 12.91 10.75 16.03
C PRO A 108 13.19 11.11 14.57
N ASP A 109 14.05 10.36 13.90
CA ASP A 109 14.36 10.64 12.49
C ASP A 109 13.16 10.51 11.56
N TRP A 110 12.20 9.66 11.89
CA TRP A 110 10.97 9.56 11.11
C TRP A 110 10.27 10.91 11.09
N ILE A 111 10.16 11.52 12.27
CA ILE A 111 9.54 12.82 12.41
C ILE A 111 10.36 13.89 11.68
N THR A 112 11.68 13.84 11.85
CA THR A 112 12.57 14.81 11.24
C THR A 112 12.48 14.79 9.71
N LYS A 113 12.49 13.60 9.13
CA LYS A 113 12.45 13.45 7.69
C LYS A 113 11.19 14.06 7.08
N ALA A 114 10.05 13.87 7.73
CA ALA A 114 8.79 14.39 7.25
C ALA A 114 8.73 15.90 7.42
N GLU A 115 9.18 16.40 8.57
CA GLU A 115 9.16 17.84 8.87
C GLU A 115 10.05 18.62 7.90
N GLU A 116 11.21 18.05 7.56
CA GLU A 116 12.15 18.72 6.66
C GLU A 116 11.66 18.72 5.22
N ALA A 117 11.02 17.63 4.79
CA ALA A 117 10.37 17.61 3.49
C ALA A 117 9.26 18.65 3.44
N ALA A 118 8.50 18.78 4.53
CA ALA A 118 7.42 19.77 4.58
C ALA A 118 7.95 21.20 4.57
N ASP A 119 9.18 21.42 5.04
CA ASP A 119 9.80 22.76 4.98
C ASP A 119 10.01 23.24 3.55
N PHE A 120 10.09 22.31 2.59
CA PHE A 120 10.23 22.66 1.19
C PHE A 120 8.90 22.76 0.44
N GLY A 121 7.80 22.69 1.19
CA GLY A 121 6.49 23.01 0.65
C GLY A 121 5.61 21.83 0.27
N TYR A 122 6.09 20.60 0.42
CA TYR A 122 5.25 19.44 0.12
C TYR A 122 4.04 19.41 1.04
N GLY A 123 2.85 19.23 0.43
CA GLY A 123 1.60 19.21 1.17
C GLY A 123 1.34 17.93 1.93
N LEU A 124 1.91 16.83 1.43
CA LEU A 124 1.76 15.51 2.03
C LEU A 124 3.11 14.80 1.96
N VAL A 125 3.54 14.22 3.08
CA VAL A 125 4.73 13.40 3.14
C VAL A 125 4.27 12.02 3.57
N ARG A 126 4.58 11.01 2.76
CA ARG A 126 4.24 9.62 3.05
C ARG A 126 5.53 8.85 3.39
N HIS A 127 5.54 8.13 4.51
CA HIS A 127 6.63 7.24 4.84
C HIS A 127 6.36 5.88 4.21
N TYR A 128 7.35 5.35 3.49
CA TYR A 128 7.23 4.00 2.94
C TYR A 128 8.40 3.09 3.34
N PHE A 129 8.17 1.79 3.31
CA PHE A 129 9.00 0.80 3.97
C PHE A 129 9.27 -0.38 3.07
N PRO A 130 10.39 -1.07 3.30
CA PRO A 130 10.63 -2.36 2.64
C PRO A 130 9.59 -3.36 3.12
N ARG A 131 9.08 -4.21 2.23
CA ARG A 131 8.09 -5.22 2.60
C ARG A 131 8.46 -6.55 1.98
N ALA A 132 8.18 -7.62 2.71
CA ALA A 132 8.40 -8.99 2.23
C ALA A 132 7.56 -9.24 0.97
N SER A 133 8.00 -10.18 0.14
CA SER A 133 7.35 -10.43 -1.14
C SER A 133 5.93 -10.99 -0.97
N THR A 134 5.65 -11.62 0.16
CA THR A 134 4.29 -12.13 0.43
C THR A 134 3.52 -11.32 1.48
N ASP A 135 4.03 -10.12 1.79
CA ASP A 135 3.24 -9.08 2.43
C ASP A 135 2.69 -8.15 1.37
N ALA A 136 1.87 -7.21 1.82
CA ALA A 136 1.33 -6.13 1.01
C ALA A 136 0.52 -6.65 -0.17
N MET A 137 -0.16 -7.78 0.03
CA MET A 137 -0.98 -8.36 -1.03
C MET A 137 -2.30 -7.63 -1.29
N ILE A 138 -2.79 -6.87 -0.32
CA ILE A 138 -3.89 -5.97 -0.61
C ILE A 138 -3.38 -4.76 -1.38
N THR A 139 -2.31 -4.14 -0.87
CA THR A 139 -1.65 -3.03 -1.55
C THR A 139 -1.44 -3.32 -3.03
N TRP A 140 -0.86 -4.47 -3.35
CA TRP A 140 -0.47 -4.75 -4.73
C TRP A 140 -1.65 -5.22 -5.58
N MET A 141 -2.38 -6.24 -5.11
CA MET A 141 -3.41 -6.90 -5.91
C MET A 141 -4.76 -6.21 -5.91
N ILE A 142 -4.99 -5.29 -4.97
CA ILE A 142 -6.25 -4.59 -4.88
C ILE A 142 -6.08 -3.10 -5.17
N THR A 143 -5.26 -2.42 -4.38
CA THR A 143 -5.22 -0.96 -4.42
C THR A 143 -4.43 -0.41 -5.62
N ARG A 144 -3.18 -0.79 -5.72
CA ARG A 144 -2.34 -0.35 -6.82
C ARG A 144 -2.82 -0.92 -8.16
N THR A 145 -3.25 -2.18 -8.18
CA THR A 145 -3.86 -2.76 -9.38
C THR A 145 -5.09 -1.95 -9.82
N GLY A 146 -5.94 -1.60 -8.87
CA GLY A 146 -7.15 -0.88 -9.19
C GLY A 146 -6.84 0.49 -9.74
N PHE A 147 -5.92 1.19 -9.09
CA PHE A 147 -5.46 2.50 -9.57
C PHE A 147 -4.87 2.42 -11.00
N ALA A 148 -4.12 1.36 -11.29
CA ALA A 148 -3.51 1.16 -12.61
C ALA A 148 -4.55 0.84 -13.70
N LEU A 149 -5.53 0.01 -13.36
CA LEU A 149 -6.53 -0.42 -14.33
C LEU A 149 -7.50 0.71 -14.70
N LEU A 150 -7.80 1.58 -13.74
CA LEU A 150 -8.82 2.59 -13.90
C LEU A 150 -8.29 3.96 -14.24
N TRP A 151 -7.10 4.30 -13.73
CA TRP A 151 -6.51 5.62 -13.95
C TRP A 151 -5.02 5.50 -14.37
N PRO A 152 -4.77 4.84 -15.49
CA PRO A 152 -3.40 4.55 -15.94
C PRO A 152 -2.51 5.77 -16.20
N HIS A 153 -3.08 6.90 -16.58
CA HIS A 153 -2.28 8.09 -16.92
C HIS A 153 -2.04 9.03 -15.75
N THR A 154 -2.53 8.67 -14.57
CA THR A 154 -2.44 9.52 -13.40
C THR A 154 -1.34 9.03 -12.46
N GLU A 155 -1.07 9.83 -11.43
CA GLU A 155 -0.12 9.47 -10.38
C GLU A 155 -0.58 8.35 -9.44
N LEU A 156 -1.87 8.01 -9.42
CA LEU A 156 -2.42 7.16 -8.36
C LEU A 156 -1.65 5.85 -8.13
N SER A 157 -1.44 5.07 -9.18
CA SER A 157 -0.78 3.78 -9.05
C SER A 157 0.72 3.89 -8.83
N TRP A 158 1.27 5.09 -8.94
CA TRP A 158 2.70 5.34 -8.68
C TRP A 158 2.99 5.72 -7.22
N ILE A 159 1.98 5.92 -6.39
CA ILE A 159 2.19 6.04 -4.94
C ILE A 159 2.52 4.64 -4.39
N GLU A 160 3.64 4.55 -3.68
CA GLU A 160 4.18 3.25 -3.29
C GLU A 160 3.31 2.50 -2.31
N GLN A 161 2.89 3.17 -1.25
CA GLN A 161 2.13 2.50 -0.19
C GLN A 161 0.86 3.29 0.11
N PRO A 162 -0.13 3.16 -0.77
CA PRO A 162 -1.37 3.91 -0.66
C PRO A 162 -2.19 3.61 0.58
N LEU A 163 -1.94 2.46 1.22
CA LEU A 163 -2.64 2.08 2.44
C LEU A 163 -1.85 2.46 3.70
N GLY A 164 -0.68 3.04 3.54
CA GLY A 164 0.18 3.32 4.68
C GLY A 164 -0.37 4.39 5.59
N GLY A 165 -0.31 4.15 6.89
CA GLY A 165 -0.84 5.06 7.89
C GLY A 165 0.21 5.95 8.53
N GLU A 166 1.42 6.01 7.96
CA GLU A 166 2.47 6.87 8.49
C GLU A 166 2.67 8.00 7.50
N LEU A 167 2.31 9.20 7.90
CA LEU A 167 2.37 10.34 7.01
C LEU A 167 2.28 11.68 7.77
N LEU A 168 2.58 12.74 7.04
CA LEU A 168 2.45 14.10 7.54
C LEU A 168 1.62 14.90 6.52
N MET A 169 0.69 15.73 7.02
CA MET A 169 -0.09 16.63 6.19
C MET A 169 0.09 18.05 6.66
N ARG A 170 0.24 18.99 5.72
CA ARG A 170 0.08 20.41 6.01
C ARG A 170 -1.39 20.69 6.38
N ARG A 171 -1.61 21.76 7.11
CA ARG A 171 -2.93 22.10 7.65
C ARG A 171 -3.98 22.22 6.55
N GLU A 172 -3.61 22.83 5.44
CA GLU A 172 -4.55 23.08 4.33
C GLU A 172 -4.98 21.76 3.67
N VAL A 173 -4.10 20.76 3.69
CA VAL A 173 -4.42 19.45 3.15
C VAL A 173 -5.38 18.71 4.08
N ALA A 174 -5.09 18.75 5.38
CA ALA A 174 -5.97 18.18 6.39
C ALA A 174 -7.37 18.80 6.32
N ALA A 175 -7.44 20.12 6.16
CA ALA A 175 -8.73 20.81 6.07
C ALA A 175 -9.51 20.35 4.85
N MET A 176 -8.82 20.23 3.73
CA MET A 176 -9.45 19.78 2.49
C MET A 176 -10.03 18.36 2.68
N LEU A 177 -9.25 17.48 3.29
CA LEU A 177 -9.69 16.09 3.49
C LEU A 177 -10.82 15.97 4.49
N TYR A 178 -10.76 16.73 5.58
CA TYR A 178 -11.82 16.72 6.58
C TYR A 178 -13.16 17.25 5.99
N GLU A 179 -13.07 18.21 5.07
CA GLU A 179 -14.28 18.82 4.48
C GLU A 179 -14.92 17.96 3.41
N ASP A 180 -14.16 16.98 2.92
CA ASP A 180 -14.60 16.14 1.82
C ASP A 180 -15.51 15.00 2.31
N GLU A 181 -16.74 14.97 1.80
CA GLU A 181 -17.75 14.02 2.24
C GLU A 181 -17.37 12.57 1.97
N ARG A 182 -16.67 12.30 0.87
CA ARG A 182 -16.25 10.93 0.55
C ARG A 182 -15.22 10.41 1.55
N VAL A 183 -14.39 11.31 2.04
CA VAL A 183 -13.37 10.97 3.02
C VAL A 183 -14.02 10.78 4.39
N ARG A 184 -14.87 11.72 4.77
CA ARG A 184 -15.55 11.72 6.07
C ARG A 184 -16.38 10.45 6.28
N ARG A 185 -17.02 9.96 5.23
CA ARG A 185 -17.86 8.79 5.35
C ARG A 185 -17.09 7.47 5.49
N ARG A 186 -15.80 7.48 5.12
CA ARG A 186 -14.98 6.28 5.06
C ARG A 186 -14.40 5.93 6.42
N SER A 187 -15.26 5.44 7.29
CA SER A 187 -14.92 5.22 8.69
C SER A 187 -14.12 3.95 8.91
N ASP A 188 -14.03 3.11 7.89
CA ASP A 188 -13.46 1.76 8.00
C ASP A 188 -11.99 1.70 7.53
N TRP A 189 -11.51 0.55 7.07
CA TRP A 189 -10.14 0.41 6.58
C TRP A 189 -9.90 1.18 5.27
N GLY A 190 -10.97 1.63 4.64
CA GLY A 190 -10.87 2.34 3.38
C GLY A 190 -10.29 3.74 3.47
N ILE A 191 -10.10 4.26 4.68
CA ILE A 191 -9.66 5.65 4.87
C ILE A 191 -8.35 5.98 4.16
N ASP A 192 -7.35 5.09 4.24
CA ASP A 192 -6.03 5.41 3.67
C ASP A 192 -6.08 5.53 2.15
N THR A 193 -6.86 4.67 1.51
CA THR A 193 -7.14 4.77 0.08
C THR A 193 -7.75 6.12 -0.27
N LEU A 194 -8.69 6.58 0.56
CA LEU A 194 -9.40 7.83 0.27
C LEU A 194 -8.49 9.03 0.46
N TYR A 195 -7.65 9.02 1.50
CA TYR A 195 -6.68 10.11 1.68
C TYR A 195 -5.73 10.15 0.49
N THR A 196 -5.30 8.97 0.05
CA THR A 196 -4.38 8.87 -1.08
C THR A 196 -5.05 9.40 -2.36
N PHE A 197 -6.26 8.95 -2.61
CA PHE A 197 -6.96 9.27 -3.85
C PHE A 197 -7.29 10.75 -3.94
N VAL A 198 -7.83 11.29 -2.86
CA VAL A 198 -8.31 12.66 -2.85
C VAL A 198 -7.12 13.65 -2.91
N THR A 199 -6.02 13.33 -2.23
CA THR A 199 -4.83 14.20 -2.32
C THR A 199 -4.29 14.25 -3.76
N VAL A 200 -4.24 13.11 -4.43
CA VAL A 200 -3.77 13.05 -5.81
C VAL A 200 -4.77 13.75 -6.75
N GLN A 201 -6.06 13.50 -6.55
CA GLN A 201 -7.08 14.09 -7.41
C GLN A 201 -7.06 15.62 -7.34
N GLN A 202 -6.70 16.15 -6.17
CA GLN A 202 -6.63 17.59 -5.96
C GLN A 202 -5.26 18.17 -6.30
N GLY A 203 -4.31 17.34 -6.71
CA GLY A 203 -3.01 17.84 -7.14
C GLY A 203 -2.08 18.30 -6.02
N VAL A 204 -2.29 17.77 -4.83
CA VAL A 204 -1.39 18.00 -3.68
C VAL A 204 -0.01 17.47 -4.02
N SER A 205 1.02 18.26 -3.73
CA SER A 205 2.41 17.85 -3.94
C SER A 205 2.82 16.83 -2.87
N ILE A 206 3.40 15.71 -3.31
CA ILE A 206 3.64 14.56 -2.45
C ILE A 206 5.13 14.21 -2.42
N TYR A 207 5.68 14.08 -1.22
CA TYR A 207 7.02 13.53 -1.02
C TYR A 207 6.89 12.19 -0.31
N GLU A 208 7.54 11.17 -0.84
CA GLU A 208 7.59 9.86 -0.21
C GLU A 208 8.98 9.65 0.35
N CYS A 209 9.09 9.50 1.66
CA CYS A 209 10.38 9.24 2.26
C CYS A 209 10.52 7.78 2.67
N TYR A 210 11.70 7.26 2.45
CA TYR A 210 11.95 5.85 2.70
C TYR A 210 12.51 5.63 4.09
N ILE A 211 11.91 4.70 4.82
CA ILE A 211 12.39 4.35 6.16
C ILE A 211 12.97 2.95 6.03
N PRO A 212 14.29 2.84 6.06
CA PRO A 212 14.99 1.61 5.64
C PRO A 212 14.90 0.45 6.62
N GLU A 213 14.54 0.78 7.85
CA GLU A 213 14.54 -0.16 8.96
C GLU A 213 13.30 -1.06 8.81
N GLY A 214 12.23 -0.49 8.27
CA GLY A 214 10.95 -1.20 8.17
C GLY A 214 10.10 -1.06 9.43
N LYS A 215 8.92 -1.71 9.42
CA LYS A 215 7.86 -1.55 10.44
C LYS A 215 7.28 -2.90 10.98
N ALA A 216 5.99 -2.92 11.33
CA ALA A 216 5.36 -4.00 12.12
C ALA A 216 4.81 -5.20 11.31
N HIS A 217 5.14 -6.41 11.75
CA HIS A 217 4.62 -7.64 11.15
C HIS A 217 3.41 -8.12 11.94
N ARG A 218 2.30 -8.39 11.23
CA ARG A 218 1.14 -9.00 11.88
C ARG A 218 1.53 -10.39 12.40
N LEU A 219 0.71 -10.90 13.32
CA LEU A 219 0.85 -12.27 13.80
C LEU A 219 0.81 -13.22 12.60
N TYR A 220 1.55 -14.31 12.67
CA TYR A 220 1.55 -15.31 11.60
C TYR A 220 0.15 -15.90 11.50
N GLY A 221 -0.43 -15.87 10.30
CA GLY A 221 -1.73 -16.49 10.06
C GLY A 221 -2.08 -16.66 8.59
N GLY A 222 -3.22 -17.27 8.32
CA GLY A 222 -3.74 -17.35 6.98
C GLY A 222 -4.14 -15.98 6.47
N LEU A 223 -4.43 -15.92 5.17
CA LEU A 223 -4.90 -14.68 4.56
C LEU A 223 -6.21 -14.15 5.17
N ASP A 224 -7.01 -15.01 5.77
CA ASP A 224 -8.28 -14.56 6.35
C ASP A 224 -8.17 -13.57 7.53
N ASP A 225 -6.99 -13.48 8.15
CA ASP A 225 -6.72 -12.39 9.10
C ASP A 225 -6.85 -11.01 8.42
N LEU A 226 -6.72 -10.95 7.10
CA LEU A 226 -6.81 -9.70 6.35
C LEU A 226 -8.14 -9.54 5.61
N ARG A 227 -9.09 -10.43 5.85
CA ARG A 227 -10.32 -10.49 5.07
C ARG A 227 -11.15 -9.18 5.15
N THR A 228 -11.35 -8.65 6.34
CA THR A 228 -12.12 -7.40 6.50
C THR A 228 -11.43 -6.25 5.81
N MET A 229 -10.12 -6.14 6.02
CA MET A 229 -9.35 -5.11 5.36
C MET A 229 -9.45 -5.22 3.82
N LEU A 230 -9.39 -6.44 3.30
CA LEU A 230 -9.55 -6.68 1.87
C LEU A 230 -10.87 -6.18 1.32
N VAL A 231 -11.98 -6.57 1.96
CA VAL A 231 -13.29 -6.25 1.42
C VAL A 231 -13.51 -4.74 1.49
N GLU A 232 -12.98 -4.09 2.51
CA GLU A 232 -13.16 -2.65 2.67
C GLU A 232 -12.22 -1.85 1.76
N CYS A 233 -11.02 -2.36 1.51
CA CYS A 233 -10.10 -1.70 0.59
C CYS A 233 -10.60 -1.80 -0.85
N PHE A 234 -11.10 -2.98 -1.21
CA PHE A 234 -11.74 -3.13 -2.50
C PHE A 234 -12.96 -2.22 -2.63
N ALA A 235 -13.83 -2.20 -1.62
CA ALA A 235 -15.02 -1.35 -1.68
C ALA A 235 -14.66 0.10 -1.89
N ALA A 236 -13.55 0.54 -1.31
CA ALA A 236 -13.11 1.92 -1.47
C ALA A 236 -12.78 2.25 -2.93
N ILE A 237 -12.03 1.38 -3.60
CA ILE A 237 -11.72 1.55 -5.03
C ILE A 237 -13.00 1.55 -5.84
N GLN A 238 -13.87 0.58 -5.57
CA GLN A 238 -15.14 0.48 -6.28
C GLN A 238 -15.97 1.76 -6.17
N SER A 239 -15.96 2.38 -4.98
CA SER A 239 -16.77 3.57 -4.74
C SER A 239 -16.26 4.75 -5.55
N LEU A 240 -14.98 4.69 -5.91
CA LEU A 240 -14.32 5.79 -6.61
C LEU A 240 -14.26 5.62 -8.14
N GLN A 241 -14.72 4.47 -8.66
CA GLN A 241 -14.39 4.05 -10.03
C GLN A 241 -14.84 4.99 -11.15
N HIS A 242 -15.87 5.80 -10.90
CA HIS A 242 -16.37 6.73 -11.92
C HIS A 242 -15.78 8.14 -11.79
N GLU A 243 -14.84 8.33 -10.87
CA GLU A 243 -14.22 9.63 -10.67
C GLU A 243 -13.27 9.96 -11.81
N VAL A 244 -13.13 11.24 -12.09
CA VAL A 244 -12.20 11.76 -13.07
C VAL A 244 -10.99 12.29 -12.30
N VAL A 245 -9.80 11.89 -12.76
CA VAL A 245 -8.54 12.31 -12.18
C VAL A 245 -7.65 12.88 -13.30
N GLY A 246 -7.09 14.05 -13.07
CA GLY A 246 -6.24 14.72 -14.05
C GLY A 246 -4.83 14.19 -14.10
N GLN A 247 -3.99 14.86 -14.89
CA GLN A 247 -2.59 14.49 -15.06
C GLN A 247 -1.74 14.71 -13.77
N PRO A 248 -0.58 14.05 -13.69
CA PRO A 248 0.29 14.16 -12.52
C PRO A 248 0.64 15.58 -12.10
N ALA A 249 0.69 15.81 -10.79
CA ALA A 249 1.24 17.02 -10.20
C ALA A 249 2.64 16.66 -9.63
N ILE A 250 3.09 17.34 -8.58
CA ILE A 250 4.44 17.12 -8.05
C ILE A 250 4.48 15.82 -7.21
N HIS A 251 5.39 14.93 -7.55
CA HIS A 251 5.61 13.69 -6.81
C HIS A 251 7.11 13.42 -6.79
N ARG A 252 7.70 13.54 -5.61
CA ARG A 252 9.12 13.23 -5.36
C ARG A 252 9.15 11.99 -4.48
N GLN A 253 10.06 11.07 -4.79
CA GLN A 253 10.12 9.78 -4.12
C GLN A 253 11.57 9.41 -3.84
N GLU A 254 11.93 9.38 -2.55
CA GLU A 254 13.25 8.93 -2.14
C GLU A 254 13.52 7.54 -2.74
N HIS A 255 14.71 7.34 -3.29
CA HIS A 255 15.10 6.06 -3.87
C HIS A 255 15.25 5.02 -2.76
N PRO A 256 14.64 3.85 -2.91
CA PRO A 256 14.70 2.82 -1.86
C PRO A 256 16.10 2.32 -1.61
N HIS A 257 16.44 2.16 -0.33
CA HIS A 257 17.73 1.59 0.05
C HIS A 257 17.68 0.08 -0.20
N ARG A 258 18.77 -0.62 0.09
CA ARG A 258 18.80 -2.08 -0.01
C ARG A 258 17.84 -2.70 1.01
N VAL A 259 17.08 -3.71 0.58
CA VAL A 259 16.15 -4.40 1.46
C VAL A 259 16.92 -5.12 2.59
N PRO A 260 16.50 -4.98 3.84
CA PRO A 260 17.12 -5.75 4.93
C PRO A 260 16.91 -7.24 4.68
N VAL A 261 17.90 -8.05 5.03
CA VAL A 261 17.87 -9.46 4.73
C VAL A 261 16.66 -10.14 5.38
N HIS A 262 16.34 -9.76 6.63
CA HIS A 262 15.23 -10.38 7.35
C HIS A 262 13.88 -10.08 6.70
N ILE A 263 13.79 -8.99 5.96
CA ILE A 263 12.59 -8.70 5.20
C ILE A 263 12.53 -9.48 3.88
N ALA A 264 13.66 -9.54 3.16
CA ALA A 264 13.71 -10.28 1.91
C ALA A 264 13.46 -11.78 2.16
N GLU A 265 13.82 -12.27 3.35
CA GLU A 265 13.69 -13.69 3.67
C GLU A 265 12.45 -14.01 4.54
N ARG A 266 11.54 -13.06 4.68
CA ARG A 266 10.31 -13.27 5.44
C ARG A 266 9.20 -13.89 4.57
N VAL A 267 8.43 -14.79 5.18
CA VAL A 267 7.19 -15.32 4.62
C VAL A 267 6.00 -14.69 5.35
N GLY A 268 5.11 -14.06 4.60
CA GLY A 268 4.11 -13.17 5.16
C GLY A 268 2.78 -13.80 5.54
N TYR A 269 2.56 -15.08 5.19
CA TYR A 269 1.33 -15.77 5.57
C TYR A 269 1.53 -17.28 5.64
N ASP A 270 0.58 -17.96 6.29
CA ASP A 270 0.57 -19.41 6.49
C ASP A 270 -0.13 -20.06 5.28
N VAL A 271 0.67 -20.72 4.44
CA VAL A 271 0.17 -21.26 3.18
C VAL A 271 -0.81 -22.38 3.39
N GLU A 272 -0.49 -23.32 4.28
CA GLU A 272 -1.38 -24.44 4.55
C GLU A 272 -2.75 -23.96 5.02
N ALA A 273 -2.76 -23.03 5.98
CA ALA A 273 -4.02 -22.50 6.51
C ALA A 273 -4.79 -21.77 5.43
N THR A 274 -4.09 -21.11 4.52
CA THR A 274 -4.72 -20.35 3.45
C THR A 274 -5.41 -21.29 2.44
N LEU A 275 -4.75 -22.41 2.17
CA LEU A 275 -5.27 -23.44 1.27
C LEU A 275 -6.53 -24.08 1.82
N HIS A 276 -6.51 -24.43 3.10
CA HIS A 276 -7.65 -25.01 3.81
C HIS A 276 -8.84 -24.06 3.79
N ARG A 277 -8.57 -22.79 4.10
CA ARG A 277 -9.62 -21.79 4.23
C ARG A 277 -10.33 -21.51 2.89
N LEU A 278 -9.60 -21.71 1.80
CA LEU A 278 -10.14 -21.62 0.44
C LEU A 278 -11.25 -22.65 0.16
N MET A 279 -11.22 -23.77 0.87
CA MET A 279 -12.21 -24.84 0.73
C MET A 279 -13.41 -24.68 1.67
N GLN A 280 -13.43 -23.61 2.46
CA GLN A 280 -14.42 -23.45 3.52
C GLN A 280 -15.42 -22.35 3.21
N HIS A 281 -16.55 -22.36 3.90
CA HIS A 281 -17.58 -21.32 3.84
C HIS A 281 -18.21 -21.11 2.45
N TRP A 282 -18.31 -22.20 1.70
CA TRP A 282 -19.01 -22.19 0.41
C TRP A 282 -20.51 -22.18 0.64
N THR A 283 -21.22 -21.48 -0.24
CA THR A 283 -22.67 -21.56 -0.36
C THR A 283 -23.08 -21.74 -1.81
N PRO A 284 -24.28 -22.28 -2.02
CA PRO A 284 -24.82 -22.36 -3.39
C PRO A 284 -24.84 -21.00 -4.10
N ARG A 285 -25.11 -19.91 -3.37
CA ARG A 285 -25.09 -18.59 -3.98
C ARG A 285 -23.71 -18.16 -4.48
N GLN A 286 -22.65 -18.49 -3.75
CA GLN A 286 -21.31 -18.21 -4.23
C GLN A 286 -21.06 -18.95 -5.55
N VAL A 287 -21.51 -20.19 -5.62
CA VAL A 287 -21.32 -21.01 -6.82
C VAL A 287 -22.05 -20.34 -8.00
N GLU A 288 -23.26 -19.85 -7.76
CA GLU A 288 -24.08 -19.17 -8.77
C GLU A 288 -23.47 -17.84 -9.22
N LEU A 289 -22.94 -17.07 -8.27
CA LEU A 289 -22.36 -15.75 -8.55
C LEU A 289 -21.17 -15.87 -9.52
N LEU A 290 -20.49 -17.01 -9.50
CA LEU A 290 -19.37 -17.27 -10.40
C LEU A 290 -19.75 -17.33 -11.89
N GLU A 291 -21.02 -17.50 -12.22
CA GLU A 291 -21.48 -17.38 -13.60
C GLU A 291 -21.18 -16.02 -14.24
N LEU A 292 -20.95 -15.00 -13.42
CA LEU A 292 -20.59 -13.66 -13.91
C LEU A 292 -19.12 -13.53 -14.39
N PHE A 293 -18.30 -14.52 -14.05
CA PHE A 293 -16.85 -14.44 -14.29
C PHE A 293 -16.46 -15.20 -15.55
N THR A 294 -15.22 -15.02 -16.01
CA THR A 294 -14.74 -15.75 -17.19
C THR A 294 -14.70 -17.23 -16.88
N THR A 295 -14.82 -18.05 -17.92
CA THR A 295 -14.89 -19.49 -17.78
C THR A 295 -13.75 -20.11 -16.99
N PRO A 296 -12.50 -19.72 -17.25
CA PRO A 296 -11.38 -20.27 -16.48
C PRO A 296 -11.47 -19.92 -14.97
N VAL A 297 -11.89 -18.71 -14.65
CA VAL A 297 -12.07 -18.31 -13.24
C VAL A 297 -13.27 -18.99 -12.58
N ARG A 298 -14.39 -19.06 -13.29
CA ARG A 298 -15.57 -19.75 -12.79
C ARG A 298 -15.25 -21.21 -12.46
N GLU A 299 -14.64 -21.91 -13.41
CA GLU A 299 -14.29 -23.32 -13.24
C GLU A 299 -13.17 -23.55 -12.22
N GLY A 300 -12.23 -22.63 -12.16
CA GLY A 300 -11.11 -22.71 -11.24
C GLY A 300 -11.56 -22.57 -9.80
N LEU A 301 -12.34 -21.53 -9.50
CA LEU A 301 -12.82 -21.33 -8.13
C LEU A 301 -13.79 -22.41 -7.71
N ARG A 302 -14.66 -22.85 -8.62
CA ARG A 302 -15.59 -23.93 -8.31
C ARG A 302 -14.85 -25.20 -7.91
N THR A 303 -13.68 -25.42 -8.49
CA THR A 303 -12.85 -26.56 -8.10
C THR A 303 -12.45 -26.51 -6.62
N CYS A 304 -12.32 -25.30 -6.10
CA CYS A 304 -11.94 -25.07 -4.70
C CYS A 304 -12.94 -25.60 -3.68
N GLN A 305 -14.13 -26.04 -4.13
CA GLN A 305 -15.03 -26.76 -3.22
C GLN A 305 -14.48 -28.12 -2.85
N ARG A 306 -13.65 -28.68 -3.71
CA ARG A 306 -13.14 -30.05 -3.54
C ARG A 306 -11.65 -30.10 -3.20
N ARG A 307 -10.91 -29.16 -3.76
CA ARG A 307 -9.47 -29.07 -3.51
C ARG A 307 -8.94 -27.72 -3.95
N PRO A 308 -7.81 -27.29 -3.39
CA PRO A 308 -7.30 -25.97 -3.71
C PRO A 308 -6.85 -25.89 -5.17
N ALA A 309 -7.29 -24.83 -5.85
CA ALA A 309 -6.89 -24.56 -7.21
C ALA A 309 -6.58 -23.08 -7.31
N PHE A 310 -5.48 -22.76 -7.98
CA PHE A 310 -5.03 -21.38 -8.13
C PHE A 310 -4.16 -21.11 -9.37
N ASN A 311 -3.65 -22.15 -10.04
CA ASN A 311 -2.86 -21.96 -11.28
C ASN A 311 -3.60 -21.10 -12.33
N PHE A 312 -4.92 -21.17 -12.34
CA PHE A 312 -5.74 -20.41 -13.28
C PHE A 312 -5.68 -18.88 -13.08
N MET A 313 -5.36 -18.44 -11.87
CA MET A 313 -5.50 -17.03 -11.50
C MET A 313 -4.20 -16.28 -11.75
N ASP A 314 -3.83 -16.22 -13.02
CA ASP A 314 -2.67 -15.51 -13.46
C ASP A 314 -3.02 -14.01 -13.58
N GLU A 315 -2.06 -13.23 -14.04
CA GLU A 315 -2.16 -11.79 -14.10
C GLU A 315 -3.32 -11.29 -14.97
N MET A 316 -3.50 -11.92 -16.13
CA MET A 316 -4.56 -11.54 -17.06
C MET A 316 -5.95 -11.94 -16.50
N ALA A 317 -6.04 -13.12 -15.90
CA ALA A 317 -7.29 -13.58 -15.28
C ALA A 317 -7.70 -12.68 -14.11
N TRP A 318 -6.72 -12.20 -13.36
CA TRP A 318 -7.00 -11.31 -12.22
C TRP A 318 -7.57 -9.98 -12.69
N ALA A 319 -7.03 -9.42 -13.76
CA ALA A 319 -7.54 -8.17 -14.29
C ALA A 319 -8.98 -8.31 -14.79
N ALA A 320 -9.29 -9.42 -15.48
CA ALA A 320 -10.65 -9.69 -15.92
C ALA A 320 -11.60 -9.84 -14.73
N THR A 321 -11.13 -10.54 -13.71
CA THR A 321 -11.86 -10.76 -12.47
C THR A 321 -12.14 -9.44 -11.75
N TYR A 322 -11.13 -8.58 -11.73
CA TYR A 322 -11.21 -7.27 -11.09
C TYR A 322 -12.33 -6.43 -11.70
N HIS A 323 -12.44 -6.43 -13.03
CA HIS A 323 -13.47 -5.65 -13.70
C HIS A 323 -14.88 -6.20 -13.43
N VAL A 324 -15.02 -7.52 -13.32
CA VAL A 324 -16.30 -8.12 -12.98
C VAL A 324 -16.71 -7.72 -11.55
N LEU A 325 -15.77 -7.77 -10.62
CA LEU A 325 -16.01 -7.34 -9.25
C LEU A 325 -16.40 -5.85 -9.18
N LEU A 326 -15.72 -5.00 -9.96
CA LEU A 326 -16.03 -3.57 -9.92
C LEU A 326 -17.48 -3.32 -10.26
N GLU A 327 -18.01 -4.07 -11.22
CA GLU A 327 -19.39 -3.93 -11.67
C GLU A 327 -20.38 -4.57 -10.68
N HIS A 328 -20.06 -5.74 -10.15
CA HIS A 328 -21.07 -6.59 -9.51
C HIS A 328 -20.93 -6.81 -8.00
N PHE A 329 -19.73 -6.67 -7.46
CA PHE A 329 -19.50 -6.83 -6.03
C PHE A 329 -20.39 -5.89 -5.20
N GLN A 330 -21.01 -6.45 -4.17
CA GLN A 330 -21.85 -5.70 -3.24
C GLN A 330 -21.23 -5.71 -1.85
N PRO A 331 -20.65 -4.59 -1.42
CA PRO A 331 -20.16 -4.49 -0.03
C PRO A 331 -21.30 -4.77 0.94
N GLY A 332 -21.04 -5.59 1.94
CA GLY A 332 -22.01 -5.95 2.96
C GLY A 332 -22.78 -7.22 2.68
N ASP A 333 -22.76 -7.70 1.44
CA ASP A 333 -23.39 -8.97 1.12
C ASP A 333 -22.40 -10.08 1.52
N PRO A 334 -22.77 -10.97 2.43
CA PRO A 334 -21.82 -12.00 2.92
C PRO A 334 -21.24 -12.88 1.81
N ASP A 335 -22.06 -13.26 0.84
CA ASP A 335 -21.59 -14.12 -0.25
C ASP A 335 -20.62 -13.39 -1.20
N TRP A 336 -20.89 -12.12 -1.51
CA TRP A 336 -19.96 -11.33 -2.32
C TRP A 336 -18.64 -11.10 -1.61
N GLU A 337 -18.71 -10.86 -0.32
CA GLU A 337 -17.49 -10.64 0.45
C GLU A 337 -16.64 -11.90 0.48
N GLU A 338 -17.28 -13.05 0.63
CA GLU A 338 -16.57 -14.32 0.66
C GLU A 338 -16.00 -14.67 -0.71
N LEU A 339 -16.74 -14.36 -1.77
CA LEU A 339 -16.25 -14.65 -3.12
C LEU A 339 -15.02 -13.81 -3.42
N LEU A 340 -15.06 -12.53 -3.06
CA LEU A 340 -13.91 -11.65 -3.21
C LEU A 340 -12.72 -12.20 -2.46
N PHE A 341 -12.93 -12.64 -1.23
CA PHE A 341 -11.85 -13.19 -0.44
C PHE A 341 -11.23 -14.44 -1.10
N LYS A 342 -12.08 -15.34 -1.62
CA LYS A 342 -11.57 -16.56 -2.23
C LYS A 342 -10.83 -16.24 -3.53
N LEU A 343 -11.36 -15.32 -4.31
CA LEU A 343 -10.75 -14.96 -5.57
C LEU A 343 -9.37 -14.35 -5.33
N TRP A 344 -9.31 -13.41 -4.39
CA TRP A 344 -8.05 -12.79 -3.99
C TRP A 344 -7.07 -13.82 -3.45
N THR A 345 -7.56 -14.76 -2.66
CA THR A 345 -6.72 -15.84 -2.13
C THR A 345 -6.04 -16.61 -3.28
N THR A 346 -6.79 -16.95 -4.33
CA THR A 346 -6.20 -17.69 -5.45
C THR A 346 -5.15 -16.85 -6.19
N ARG A 347 -5.38 -15.55 -6.33
CA ARG A 347 -4.41 -14.69 -6.97
C ARG A 347 -3.12 -14.67 -6.14
N VAL A 348 -3.27 -14.50 -4.82
CA VAL A 348 -2.11 -14.46 -3.93
C VAL A 348 -1.34 -15.79 -3.97
N LEU A 349 -2.05 -16.91 -3.97
CA LEU A 349 -1.40 -18.21 -4.02
C LEU A 349 -0.67 -18.38 -5.36
N ASN A 350 -1.29 -17.95 -6.44
CA ASN A 350 -0.69 -18.07 -7.78
C ASN A 350 0.60 -17.27 -7.84
N TYR A 351 0.52 -16.02 -7.41
CA TYR A 351 1.66 -15.12 -7.32
C TYR A 351 2.79 -15.71 -6.47
N THR A 352 2.42 -16.30 -5.34
CA THR A 352 3.38 -16.88 -4.42
C THR A 352 4.18 -18.01 -5.08
N MET A 353 3.50 -18.92 -5.78
CA MET A 353 4.18 -20.06 -6.39
C MET A 353 4.86 -19.74 -7.72
N THR A 354 4.35 -18.78 -8.50
CA THR A 354 4.93 -18.47 -9.81
C THR A 354 5.88 -17.28 -9.79
N VAL A 355 5.83 -16.46 -8.74
CA VAL A 355 6.66 -15.28 -8.64
C VAL A 355 7.49 -15.24 -7.36
N ALA A 356 6.86 -15.24 -6.19
CA ALA A 356 7.61 -15.07 -4.93
C ALA A 356 8.63 -16.18 -4.71
N LEU A 357 8.28 -17.39 -5.14
CA LEU A 357 9.15 -18.54 -5.00
C LEU A 357 10.44 -18.44 -5.87
N ARG A 358 10.44 -17.55 -6.86
CA ARG A 358 11.64 -17.32 -7.66
C ARG A 358 12.61 -16.32 -7.00
N GLY A 359 12.23 -15.76 -5.85
CA GLY A 359 13.13 -14.94 -5.05
C GLY A 359 12.68 -13.50 -5.01
N TYR A 360 13.21 -12.78 -4.03
CA TYR A 360 12.76 -11.44 -3.70
C TYR A 360 12.96 -10.47 -4.87
N ASP A 361 14.12 -10.53 -5.51
CA ASP A 361 14.42 -9.61 -6.62
C ASP A 361 13.48 -9.86 -7.81
N TYR A 362 13.25 -11.12 -8.14
CA TYR A 362 12.29 -11.46 -9.20
C TYR A 362 10.89 -10.93 -8.86
N ALA A 363 10.49 -11.08 -7.61
CA ALA A 363 9.17 -10.65 -7.19
C ALA A 363 9.02 -9.15 -7.29
N GLN A 364 10.07 -8.40 -6.95
CA GLN A 364 10.00 -6.94 -7.01
C GLN A 364 9.84 -6.47 -8.47
N GLN A 365 10.67 -7.00 -9.38
CA GLN A 365 10.55 -6.62 -10.79
C GLN A 365 9.18 -6.99 -11.32
N TYR A 366 8.69 -8.17 -10.93
CA TYR A 366 7.39 -8.65 -11.38
C TYR A 366 6.27 -7.70 -11.01
N LEU A 367 6.24 -7.27 -9.75
CA LEU A 367 5.14 -6.46 -9.24
C LEU A 367 5.09 -5.08 -9.91
N TYR A 368 6.25 -4.44 -10.04
CA TYR A 368 6.32 -3.12 -10.67
C TYR A 368 5.99 -3.20 -12.15
N ARG A 369 6.45 -4.26 -12.82
CA ARG A 369 6.16 -4.45 -14.24
C ARG A 369 4.73 -4.91 -14.48
N MET A 370 4.16 -5.63 -13.51
CA MET A 370 2.74 -5.98 -13.53
C MET A 370 1.89 -4.71 -13.61
N LEU A 371 2.17 -3.73 -12.76
CA LEU A 371 1.44 -2.48 -12.80
C LEU A 371 1.62 -1.80 -14.15
N GLY A 372 2.84 -1.85 -14.70
CA GLY A 372 3.12 -1.28 -16.01
C GLY A 372 2.31 -1.91 -17.12
N ARG A 373 2.22 -3.23 -17.11
CA ARG A 373 1.40 -3.96 -18.08
C ARG A 373 -0.08 -3.60 -17.94
N TYR A 374 -0.56 -3.50 -16.71
CA TYR A 374 -1.96 -3.16 -16.46
C TYR A 374 -2.27 -1.74 -16.97
N ARG A 375 -1.39 -0.79 -16.74
CA ARG A 375 -1.61 0.57 -17.22
C ARG A 375 -1.62 0.66 -18.73
N TYR A 376 -0.64 0.02 -19.34
CA TYR A 376 -0.50 -0.02 -20.79
C TYR A 376 -1.75 -0.62 -21.44
N GLN A 377 -2.19 -1.77 -20.93
CA GLN A 377 -3.40 -2.43 -21.41
C GLN A 377 -4.64 -1.55 -21.23
N ALA A 378 -4.76 -0.93 -20.07
CA ALA A 378 -5.90 -0.07 -19.76
C ALA A 378 -5.96 1.15 -20.68
N ALA A 379 -4.80 1.70 -21.01
CA ALA A 379 -4.72 2.87 -21.88
C ALA A 379 -5.01 2.52 -23.34
N LEU A 380 -4.73 1.28 -23.73
CA LEU A 380 -4.91 0.82 -25.13
C LEU A 380 -6.33 0.45 -25.49
N GLU A 381 -7.19 0.29 -24.48
CA GLU A 381 -8.61 -0.01 -24.69
C GLU A 381 -9.47 1.17 -24.23
N ASN A 382 -8.96 2.27 -23.97
N SER B 2 40.53 -42.77 -23.53
CA SER B 2 39.42 -43.05 -22.57
C SER B 2 38.16 -43.45 -23.34
N LEU B 3 37.24 -44.14 -22.66
CA LEU B 3 35.92 -44.44 -23.19
C LEU B 3 34.94 -43.41 -22.63
N VAL B 4 34.10 -42.82 -23.48
CA VAL B 4 33.05 -41.93 -23.04
C VAL B 4 31.74 -42.62 -23.36
N VAL B 5 30.85 -42.70 -22.39
CA VAL B 5 29.60 -43.44 -22.51
C VAL B 5 28.40 -42.51 -22.35
N PHE B 6 27.45 -42.61 -23.28
CA PHE B 6 26.18 -41.93 -23.16
C PHE B 6 25.07 -43.00 -23.09
N PRO B 7 24.56 -43.29 -21.89
CA PRO B 7 23.35 -44.11 -21.78
C PRO B 7 22.17 -43.28 -22.26
N PHE B 8 21.27 -43.88 -23.02
CA PHE B 8 20.10 -43.16 -23.50
C PHE B 8 18.88 -44.07 -23.56
N LYS B 9 17.72 -43.44 -23.47
CA LYS B 9 16.43 -44.10 -23.60
C LYS B 9 15.65 -43.41 -24.73
N HIS B 10 14.87 -42.37 -24.42
CA HIS B 10 14.07 -41.67 -25.44
C HIS B 10 14.44 -40.19 -25.61
N GLU B 11 15.65 -39.82 -25.19
CA GLU B 11 16.11 -38.44 -25.33
C GLU B 11 16.20 -38.07 -26.80
N HIS B 12 16.04 -36.78 -27.11
CA HIS B 12 16.01 -36.33 -28.51
C HIS B 12 17.37 -36.66 -29.14
N PRO B 13 17.37 -37.33 -30.29
CA PRO B 13 18.63 -37.84 -30.87
C PRO B 13 19.61 -36.76 -31.32
N GLU B 14 19.13 -35.57 -31.66
CA GLU B 14 19.98 -34.51 -32.18
C GLU B 14 20.84 -33.85 -31.10
N VAL B 15 20.31 -33.67 -29.88
CA VAL B 15 21.16 -33.24 -28.77
C VAL B 15 22.15 -34.34 -28.39
N LEU B 16 21.70 -35.58 -28.38
CA LEU B 16 22.60 -36.71 -28.07
C LEU B 16 23.76 -36.78 -29.07
N LEU B 17 23.45 -36.66 -30.36
CA LEU B 17 24.45 -36.82 -31.41
C LEU B 17 25.45 -35.67 -31.41
N HIS B 18 24.98 -34.46 -31.10
CA HIS B 18 25.87 -33.32 -30.88
C HIS B 18 26.86 -33.62 -29.76
N ASN B 19 26.37 -34.16 -28.64
CA ASN B 19 27.23 -34.51 -27.51
C ASN B 19 28.22 -35.64 -27.85
N VAL B 20 27.77 -36.60 -28.66
CA VAL B 20 28.62 -37.71 -29.11
C VAL B 20 29.77 -37.15 -29.94
N ARG B 21 29.46 -36.17 -30.79
CA ARG B 21 30.45 -35.53 -31.67
C ARG B 21 31.50 -34.79 -30.86
N VAL B 22 31.06 -34.07 -29.83
CA VAL B 22 31.97 -33.35 -28.95
C VAL B 22 32.93 -34.35 -28.28
N ALA B 23 32.39 -35.45 -27.76
CA ALA B 23 33.22 -36.46 -27.10
C ALA B 23 34.22 -37.09 -28.08
N ALA B 24 33.76 -37.42 -29.28
CA ALA B 24 34.60 -38.09 -30.27
C ALA B 24 35.72 -37.17 -30.78
N ALA B 25 35.47 -35.86 -30.80
CA ALA B 25 36.44 -34.90 -31.31
C ALA B 25 37.52 -34.53 -30.29
N HIS B 26 37.30 -34.93 -29.03
CA HIS B 26 38.24 -34.62 -27.94
C HIS B 26 39.48 -35.48 -28.06
N PRO B 27 40.68 -34.89 -27.98
CA PRO B 27 41.93 -35.64 -28.18
C PRO B 27 42.22 -36.73 -27.12
N ARG B 28 41.59 -36.67 -25.96
CA ARG B 28 41.83 -37.69 -24.93
C ARG B 28 40.82 -38.84 -24.98
N VAL B 29 39.82 -38.72 -25.85
CA VAL B 29 38.81 -39.74 -26.02
C VAL B 29 39.15 -40.65 -27.21
N HIS B 30 39.25 -41.95 -26.94
CA HIS B 30 39.61 -42.94 -27.95
C HIS B 30 38.44 -43.78 -28.42
N GLU B 31 37.30 -43.67 -27.74
CA GLU B 31 36.09 -44.39 -28.14
C GLU B 31 34.87 -43.79 -27.45
N VAL B 32 33.75 -43.79 -28.16
CA VAL B 32 32.48 -43.37 -27.60
C VAL B 32 31.51 -44.54 -27.73
N LEU B 33 30.83 -44.84 -26.63
CA LEU B 33 29.82 -45.88 -26.59
C LEU B 33 28.46 -45.28 -26.20
N CYS B 34 27.44 -45.53 -27.02
CA CYS B 34 26.07 -45.17 -26.66
C CYS B 34 25.33 -46.45 -26.33
N ILE B 35 24.82 -46.55 -25.11
CA ILE B 35 24.05 -47.72 -24.66
C ILE B 35 22.58 -47.36 -24.60
N GLY B 36 21.78 -47.94 -25.48
CA GLY B 36 20.36 -47.68 -25.55
C GLY B 36 19.48 -48.63 -24.76
N TYR B 37 18.33 -48.13 -24.32
CA TYR B 37 17.32 -48.90 -23.61
C TYR B 37 16.71 -49.99 -24.49
N GLU B 38 16.35 -49.60 -25.71
CA GLU B 38 15.70 -50.50 -26.66
C GLU B 38 15.87 -49.95 -28.08
N ARG B 39 15.48 -50.75 -29.07
CA ARG B 39 15.55 -50.35 -30.47
C ARG B 39 14.39 -49.42 -30.86
N ASP B 40 14.36 -48.23 -30.25
CA ASP B 40 13.34 -47.22 -30.53
C ASP B 40 13.83 -46.25 -31.63
N GLN B 41 13.11 -45.13 -31.80
CA GLN B 41 13.47 -44.14 -32.83
C GLN B 41 14.80 -43.47 -32.52
N THR B 42 15.02 -43.13 -31.25
CA THR B 42 16.30 -42.57 -30.83
C THR B 42 17.43 -43.51 -31.22
N TYR B 43 17.30 -44.80 -30.87
CA TYR B 43 18.33 -45.81 -31.17
C TYR B 43 18.69 -45.85 -32.64
N GLU B 44 17.69 -45.92 -33.51
CA GLU B 44 17.94 -46.09 -34.93
C GLU B 44 18.59 -44.85 -35.53
N ALA B 45 18.20 -43.67 -35.03
CA ALA B 45 18.83 -42.41 -35.41
C ALA B 45 20.32 -42.39 -35.03
N VAL B 46 20.64 -42.92 -33.85
CA VAL B 46 22.00 -42.93 -33.35
C VAL B 46 22.87 -43.96 -34.11
N GLU B 47 22.32 -45.15 -34.32
CA GLU B 47 22.99 -46.22 -35.07
C GLU B 47 23.35 -45.76 -36.49
N ARG B 48 22.43 -45.04 -37.11
CA ARG B 48 22.59 -44.50 -38.47
C ARG B 48 23.70 -43.44 -38.52
N ALA B 49 23.74 -42.57 -37.52
CA ALA B 49 24.65 -41.43 -37.49
C ALA B 49 26.09 -41.79 -37.07
N ALA B 50 26.25 -42.90 -36.36
CA ALA B 50 27.51 -43.21 -35.69
C ALA B 50 28.71 -43.39 -36.63
N PRO B 51 28.54 -44.09 -37.77
CA PRO B 51 29.63 -44.23 -38.75
C PRO B 51 30.22 -42.93 -39.30
N GLU B 52 29.37 -41.96 -39.65
CA GLU B 52 29.84 -40.65 -40.13
C GLU B 52 30.63 -39.93 -39.05
N ILE B 53 30.22 -40.08 -37.78
CA ILE B 53 30.94 -39.43 -36.67
C ILE B 53 32.33 -40.06 -36.50
N SER B 54 32.39 -41.38 -36.59
CA SER B 54 33.65 -42.12 -36.47
C SER B 54 34.64 -41.75 -37.56
N ARG B 55 34.13 -41.53 -38.76
CA ARG B 55 34.94 -41.21 -39.93
C ARG B 55 35.50 -39.78 -39.82
N ALA B 56 34.63 -38.85 -39.41
CA ALA B 56 34.98 -37.43 -39.34
C ALA B 56 35.95 -37.07 -38.20
N THR B 57 35.89 -37.82 -37.10
CA THR B 57 36.73 -37.56 -35.94
C THR B 57 37.90 -38.51 -35.82
N GLY B 58 37.84 -39.65 -36.50
CA GLY B 58 38.83 -40.71 -36.34
C GLY B 58 38.69 -41.50 -35.04
N THR B 59 37.61 -41.24 -34.30
CA THR B 59 37.33 -41.91 -33.04
C THR B 59 36.13 -42.83 -33.22
N PRO B 60 36.28 -44.12 -32.94
CA PRO B 60 35.18 -45.07 -33.14
C PRO B 60 34.00 -44.81 -32.20
N VAL B 61 32.80 -44.79 -32.78
CA VAL B 61 31.56 -44.61 -32.04
C VAL B 61 30.72 -45.85 -32.28
N SER B 62 30.37 -46.57 -31.22
CA SER B 62 29.47 -47.71 -31.37
C SER B 62 28.24 -47.55 -30.53
N VAL B 63 27.21 -48.28 -30.92
CA VAL B 63 25.92 -48.25 -30.29
C VAL B 63 25.54 -49.68 -29.96
N ARG B 64 25.11 -49.90 -28.72
CA ARG B 64 24.65 -51.22 -28.26
C ARG B 64 23.39 -51.07 -27.41
N LEU B 65 22.64 -52.17 -27.31
CA LEU B 65 21.49 -52.28 -26.42
C LEU B 65 21.98 -52.63 -25.03
N GLN B 66 21.33 -52.08 -24.00
CA GLN B 66 21.61 -52.49 -22.63
C GLN B 66 21.25 -53.96 -22.44
N GLU B 67 22.06 -54.65 -21.66
CA GLU B 67 21.88 -56.05 -21.35
C GLU B 67 21.09 -56.16 -20.06
N ARG B 68 20.51 -57.32 -19.79
CA ARG B 68 19.77 -57.56 -18.55
C ARG B 68 20.75 -58.21 -17.58
N LEU B 69 21.32 -57.39 -16.69
CA LEU B 69 22.35 -57.83 -15.75
C LEU B 69 21.89 -57.87 -14.28
N GLY B 70 20.87 -57.09 -13.94
CA GLY B 70 20.36 -57.02 -12.59
C GLY B 70 18.99 -57.69 -12.42
N THR B 71 18.35 -57.42 -11.28
CA THR B 71 17.15 -58.15 -10.86
C THR B 71 15.97 -57.26 -10.47
N LEU B 72 16.12 -55.95 -10.61
CA LEU B 72 15.06 -55.00 -10.31
C LEU B 72 14.42 -54.56 -11.63
N ARG B 73 13.72 -53.41 -11.66
CA ARG B 73 13.20 -52.88 -12.93
C ARG B 73 14.37 -52.68 -13.90
N PRO B 74 14.23 -53.13 -15.15
CA PRO B 74 15.27 -52.88 -16.16
C PRO B 74 15.34 -51.39 -16.50
N GLY B 75 16.39 -50.73 -16.03
CA GLY B 75 16.51 -49.30 -16.16
C GLY B 75 17.95 -48.84 -16.23
N LYS B 76 18.21 -47.72 -15.59
CA LYS B 76 19.48 -47.03 -15.74
C LYS B 76 20.66 -47.90 -15.34
N GLY B 77 20.50 -48.67 -14.28
CA GLY B 77 21.56 -49.54 -13.80
C GLY B 77 22.01 -50.60 -14.77
N ASP B 78 21.07 -51.25 -15.45
CA ASP B 78 21.39 -52.17 -16.53
C ASP B 78 22.20 -51.45 -17.61
N GLY B 79 21.81 -50.23 -17.95
CA GLY B 79 22.54 -49.43 -18.92
C GLY B 79 23.98 -49.18 -18.53
N MET B 80 24.18 -48.65 -17.34
CA MET B 80 25.52 -48.30 -16.88
C MET B 80 26.40 -49.54 -16.62
N ASN B 81 25.81 -50.60 -16.08
CA ASN B 81 26.57 -51.83 -15.83
C ASN B 81 26.94 -52.56 -17.11
N THR B 82 26.11 -52.41 -18.15
CA THR B 82 26.45 -52.92 -19.47
C THR B 82 27.69 -52.24 -20.01
N ALA B 83 27.74 -50.93 -19.83
CA ALA B 83 28.88 -50.12 -20.27
C ALA B 83 30.14 -50.52 -19.52
N LEU B 84 30.01 -50.77 -18.22
CA LEU B 84 31.12 -51.26 -17.41
C LEU B 84 31.62 -52.58 -18.00
N ARG B 85 30.71 -53.47 -18.36
CA ARG B 85 31.12 -54.78 -18.89
C ARG B 85 31.87 -54.63 -20.20
N TYR B 86 31.34 -53.81 -21.11
CA TYR B 86 32.01 -53.56 -22.39
C TYR B 86 33.39 -52.97 -22.17
N PHE B 87 33.46 -51.97 -21.31
CA PHE B 87 34.71 -51.29 -20.96
C PHE B 87 35.76 -52.30 -20.48
N LEU B 88 35.33 -53.22 -19.61
CA LEU B 88 36.24 -54.15 -18.95
C LEU B 88 36.61 -55.37 -19.80
N GLU B 89 35.65 -55.91 -20.53
CA GLU B 89 35.83 -57.16 -21.25
C GLU B 89 36.18 -57.00 -22.74
N GLU B 90 35.92 -55.81 -23.31
CA GLU B 90 36.11 -55.58 -24.74
C GLU B 90 37.00 -54.38 -25.09
N THR B 91 37.57 -53.69 -24.10
CA THR B 91 38.52 -52.62 -24.35
C THR B 91 39.70 -52.70 -23.39
N GLN B 92 40.72 -51.89 -23.69
CA GLN B 92 41.88 -51.73 -22.82
C GLN B 92 42.04 -50.30 -22.32
N TRP B 93 41.01 -49.47 -22.49
CA TRP B 93 41.07 -48.08 -22.07
C TRP B 93 41.23 -48.00 -20.54
N GLU B 94 41.93 -46.99 -20.07
CA GLU B 94 42.26 -46.85 -18.66
C GLU B 94 41.20 -46.10 -17.85
N ARG B 95 40.31 -45.39 -18.54
CA ARG B 95 39.31 -44.56 -17.88
C ARG B 95 38.00 -44.59 -18.66
N ILE B 96 36.88 -44.48 -17.93
CA ILE B 96 35.56 -44.46 -18.51
C ILE B 96 34.80 -43.25 -17.96
N HIS B 97 34.19 -42.47 -18.84
CA HIS B 97 33.30 -41.40 -18.42
C HIS B 97 31.87 -41.84 -18.68
N PHE B 98 30.94 -41.31 -17.88
CA PHE B 98 29.51 -41.35 -18.18
C PHE B 98 28.99 -39.92 -18.22
N TYR B 99 28.13 -39.63 -19.20
CA TYR B 99 27.35 -38.38 -19.26
C TYR B 99 25.92 -38.71 -19.69
N ASP B 100 24.96 -38.01 -19.12
CA ASP B 100 23.56 -38.16 -19.55
C ASP B 100 23.39 -37.65 -20.99
N ALA B 101 22.47 -38.27 -21.72
CA ALA B 101 22.28 -38.02 -23.14
C ALA B 101 21.68 -36.65 -23.45
N ASP B 102 20.95 -36.09 -22.51
CA ASP B 102 20.24 -34.82 -22.73
C ASP B 102 20.90 -33.58 -22.09
N ILE B 103 22.16 -33.69 -21.68
CA ILE B 103 22.88 -32.49 -21.22
C ILE B 103 22.88 -31.42 -22.32
N THR B 104 22.67 -30.16 -21.90
CA THR B 104 22.38 -29.06 -22.83
C THR B 104 23.58 -28.16 -23.11
N SER B 105 24.61 -28.26 -22.28
CA SER B 105 25.73 -27.31 -22.37
C SER B 105 27.08 -28.03 -22.42
N PHE B 106 27.07 -29.24 -22.97
CA PHE B 106 28.25 -30.08 -23.03
C PHE B 106 29.31 -29.41 -23.88
N GLY B 107 30.56 -29.58 -23.46
CA GLY B 107 31.70 -29.10 -24.23
C GLY B 107 32.94 -29.89 -23.87
N PRO B 108 34.02 -29.69 -24.62
CA PRO B 108 35.28 -30.40 -24.37
C PRO B 108 35.82 -30.19 -22.95
N ASP B 109 35.55 -29.03 -22.37
CA ASP B 109 36.03 -28.71 -21.02
C ASP B 109 35.55 -29.65 -19.94
N TRP B 110 34.36 -30.24 -20.11
CA TRP B 110 33.84 -31.19 -19.14
C TRP B 110 34.73 -32.43 -19.11
N ILE B 111 35.10 -32.91 -20.29
CA ILE B 111 35.96 -34.07 -20.43
C ILE B 111 37.37 -33.74 -19.91
N THR B 112 37.88 -32.58 -20.28
CA THR B 112 39.23 -32.14 -19.89
C THR B 112 39.36 -32.03 -18.37
N LYS B 113 38.35 -31.49 -17.71
CA LYS B 113 38.38 -31.28 -16.27
C LYS B 113 38.42 -32.62 -15.55
N ALA B 114 37.62 -33.58 -16.01
CA ALA B 114 37.59 -34.91 -15.41
C ALA B 114 38.93 -35.63 -15.60
N GLU B 115 39.48 -35.52 -16.80
CA GLU B 115 40.73 -36.21 -17.14
C GLU B 115 41.90 -35.63 -16.37
N GLU B 116 41.89 -34.31 -16.18
CA GLU B 116 42.97 -33.63 -15.49
C GLU B 116 42.95 -33.94 -13.99
N ALA B 117 41.76 -34.01 -13.40
CA ALA B 117 41.60 -34.47 -12.03
C ALA B 117 42.05 -35.94 -11.87
N ALA B 118 41.73 -36.78 -12.84
CA ALA B 118 42.19 -38.17 -12.80
C ALA B 118 43.72 -38.25 -12.92
N ASP B 119 44.30 -37.33 -13.69
CA ASP B 119 45.76 -37.26 -13.85
C ASP B 119 46.43 -36.93 -12.51
N PHE B 120 45.74 -36.17 -11.66
CA PHE B 120 46.26 -35.85 -10.34
C PHE B 120 46.33 -37.09 -9.44
N GLY B 121 45.44 -38.05 -9.67
CA GLY B 121 45.49 -39.34 -9.01
C GLY B 121 44.14 -39.88 -8.51
N TYR B 122 43.07 -39.10 -8.68
CA TYR B 122 41.75 -39.49 -8.17
C TYR B 122 41.22 -40.74 -8.88
N GLY B 123 40.59 -41.63 -8.13
CA GLY B 123 39.95 -42.82 -8.69
C GLY B 123 38.58 -42.58 -9.28
N LEU B 124 37.89 -41.55 -8.78
CA LEU B 124 36.53 -41.22 -9.20
C LEU B 124 36.42 -39.71 -9.25
N VAL B 125 35.95 -39.19 -10.37
CA VAL B 125 35.68 -37.77 -10.53
C VAL B 125 34.19 -37.61 -10.83
N ARG B 126 33.52 -36.74 -10.08
CA ARG B 126 32.08 -36.51 -10.23
C ARG B 126 31.86 -35.07 -10.67
N HIS B 127 31.00 -34.85 -11.64
CA HIS B 127 30.64 -33.48 -12.01
C HIS B 127 29.39 -33.08 -11.25
N TYR B 128 29.43 -31.93 -10.61
CA TYR B 128 28.24 -31.42 -9.92
C TYR B 128 27.91 -30.03 -10.39
N PHE B 129 26.62 -29.69 -10.23
CA PHE B 129 25.98 -28.54 -10.86
C PHE B 129 25.16 -27.76 -9.84
N PRO B 130 24.99 -26.46 -10.05
CA PRO B 130 24.02 -25.72 -9.25
C PRO B 130 22.60 -26.18 -9.62
N ARG B 131 21.72 -26.29 -8.64
CA ARG B 131 20.33 -26.74 -8.83
C ARG B 131 19.38 -25.75 -8.18
N ALA B 132 18.19 -25.60 -8.77
CA ALA B 132 17.12 -24.78 -8.19
C ALA B 132 16.79 -25.29 -6.79
N SER B 133 16.34 -24.39 -5.94
CA SER B 133 16.03 -24.72 -4.54
C SER B 133 14.96 -25.79 -4.41
N THR B 134 14.10 -25.95 -5.42
CA THR B 134 13.05 -26.97 -5.40
C THR B 134 13.26 -28.09 -6.42
N ASP B 135 14.46 -28.16 -6.98
CA ASP B 135 14.94 -29.39 -7.62
C ASP B 135 15.72 -30.18 -6.56
N ALA B 136 16.16 -31.36 -6.95
CA ALA B 136 17.07 -32.19 -6.16
C ALA B 136 16.43 -32.62 -4.84
N MET B 137 15.11 -32.78 -4.81
CA MET B 137 14.43 -33.16 -3.57
C MET B 137 14.60 -34.64 -3.18
N ILE B 138 14.90 -35.51 -4.13
CA ILE B 138 15.30 -36.88 -3.78
C ILE B 138 16.73 -36.87 -3.23
N THR B 139 17.62 -36.22 -3.95
CA THR B 139 19.00 -36.04 -3.50
C THR B 139 19.08 -35.58 -2.05
N TRP B 140 18.41 -34.48 -1.72
CA TRP B 140 18.52 -33.91 -0.38
C TRP B 140 17.72 -34.65 0.68
N MET B 141 16.43 -34.89 0.42
CA MET B 141 15.53 -35.44 1.43
C MET B 141 15.59 -36.96 1.55
N ILE B 142 16.08 -37.64 0.52
CA ILE B 142 16.19 -39.11 0.57
C ILE B 142 17.63 -39.60 0.71
N THR B 143 18.47 -39.26 -0.26
CA THR B 143 19.77 -39.87 -0.40
C THR B 143 20.75 -39.27 0.60
N ARG B 144 20.97 -37.96 0.54
CA ARG B 144 21.92 -37.31 1.44
C ARG B 144 21.44 -37.40 2.89
N THR B 145 20.13 -37.23 3.09
CA THR B 145 19.55 -37.39 4.42
C THR B 145 19.76 -38.81 4.99
N GLY B 146 19.52 -39.82 4.17
CA GLY B 146 19.72 -41.20 4.61
C GLY B 146 21.17 -41.47 4.95
N PHE B 147 22.09 -40.99 4.10
CA PHE B 147 23.52 -41.16 4.36
C PHE B 147 23.92 -40.51 5.69
N ALA B 148 23.36 -39.34 5.97
CA ALA B 148 23.70 -38.59 7.20
C ALA B 148 23.15 -39.27 8.44
N LEU B 149 21.93 -39.80 8.34
CA LEU B 149 21.28 -40.44 9.48
C LEU B 149 21.90 -41.80 9.79
N LEU B 150 22.39 -42.50 8.77
CA LEU B 150 22.84 -43.90 8.93
C LEU B 150 24.35 -43.99 9.12
N TRP B 151 25.10 -43.10 8.48
CA TRP B 151 26.56 -43.11 8.55
C TRP B 151 27.12 -41.71 8.78
N PRO B 152 26.76 -41.10 9.92
CA PRO B 152 27.07 -39.70 10.19
C PRO B 152 28.57 -39.35 10.24
N HIS B 153 29.43 -40.30 10.54
CA HIS B 153 30.86 -40.04 10.67
C HIS B 153 31.61 -40.21 9.34
N THR B 154 30.91 -40.64 8.30
CA THR B 154 31.54 -40.98 7.03
C THR B 154 31.40 -39.88 6.00
N GLU B 155 32.08 -40.06 4.89
CA GLU B 155 32.05 -39.11 3.78
C GLU B 155 30.76 -39.18 2.96
N LEU B 156 29.96 -40.23 3.14
CA LEU B 156 28.80 -40.47 2.30
C LEU B 156 27.89 -39.24 2.08
N SER B 157 27.47 -38.60 3.17
CA SER B 157 26.54 -37.46 3.07
C SER B 157 27.19 -36.18 2.57
N TRP B 158 28.51 -36.17 2.48
CA TRP B 158 29.27 -35.03 1.96
C TRP B 158 29.40 -34.98 0.44
N ILE B 159 29.09 -36.08 -0.24
CA ILE B 159 29.10 -36.13 -1.70
C ILE B 159 27.96 -35.23 -2.19
N GLU B 160 28.27 -34.30 -3.08
CA GLU B 160 27.30 -33.27 -3.45
C GLU B 160 26.08 -33.82 -4.14
N GLN B 161 26.30 -34.62 -5.18
CA GLN B 161 25.21 -35.11 -6.02
C GLN B 161 25.39 -36.61 -6.24
N PRO B 162 25.03 -37.39 -5.20
CA PRO B 162 25.22 -38.84 -5.20
C PRO B 162 24.38 -39.56 -6.25
N LEU B 163 23.34 -38.89 -6.76
CA LEU B 163 22.50 -39.45 -7.80
C LEU B 163 22.94 -39.02 -9.19
N GLY B 164 24.00 -38.21 -9.27
CA GLY B 164 24.45 -37.64 -10.53
C GLY B 164 25.09 -38.67 -11.45
N GLY B 165 24.74 -38.60 -12.74
CA GLY B 165 25.24 -39.55 -13.73
C GLY B 165 26.41 -39.07 -14.58
N GLU B 166 27.01 -37.93 -14.21
CA GLU B 166 28.18 -37.42 -14.92
C GLU B 166 29.39 -37.70 -14.03
N LEU B 167 30.27 -38.59 -14.50
CA LEU B 167 31.43 -38.99 -13.73
C LEU B 167 32.51 -39.65 -14.59
N LEU B 168 33.69 -39.82 -14.00
CA LEU B 168 34.78 -40.58 -14.58
C LEU B 168 35.30 -41.58 -13.55
N MET B 169 35.50 -42.82 -13.96
CA MET B 169 36.14 -43.84 -13.12
C MET B 169 37.40 -44.31 -13.81
N ARG B 170 38.46 -44.52 -13.06
CA ARG B 170 39.58 -45.25 -13.64
C ARG B 170 39.25 -46.75 -13.62
N ARG B 171 39.99 -47.51 -14.43
CA ARG B 171 39.67 -48.90 -14.73
C ARG B 171 39.43 -49.74 -13.49
N GLU B 172 40.29 -49.55 -12.49
CA GLU B 172 40.29 -50.40 -11.29
C GLU B 172 39.02 -50.18 -10.46
N VAL B 173 38.53 -48.95 -10.47
CA VAL B 173 37.30 -48.61 -9.76
C VAL B 173 36.11 -49.24 -10.50
N ALA B 174 36.09 -49.08 -11.82
CA ALA B 174 35.09 -49.72 -12.65
C ALA B 174 35.06 -51.24 -12.42
N ALA B 175 36.23 -51.88 -12.35
CA ALA B 175 36.31 -53.33 -12.18
C ALA B 175 35.71 -53.76 -10.84
N MET B 176 36.05 -53.02 -9.78
CA MET B 176 35.52 -53.28 -8.44
C MET B 176 33.98 -53.16 -8.42
N LEU B 177 33.44 -52.13 -9.06
CA LEU B 177 31.99 -51.93 -9.10
C LEU B 177 31.26 -53.02 -9.88
N TYR B 178 31.82 -53.39 -11.04
CA TYR B 178 31.20 -54.40 -11.88
C TYR B 178 31.18 -55.78 -11.21
N GLU B 179 32.19 -56.08 -10.39
CA GLU B 179 32.29 -57.38 -9.71
C GLU B 179 31.41 -57.44 -8.46
N ASP B 180 30.92 -56.29 -8.01
CA ASP B 180 30.14 -56.23 -6.78
C ASP B 180 28.65 -56.60 -7.02
N GLU B 181 28.19 -57.67 -6.39
CA GLU B 181 26.81 -58.14 -6.60
C GLU B 181 25.74 -57.13 -6.21
N ARG B 182 26.00 -56.30 -5.20
CA ARG B 182 25.02 -55.27 -4.81
C ARG B 182 24.83 -54.23 -5.90
N VAL B 183 25.91 -53.97 -6.63
CA VAL B 183 25.90 -52.99 -7.71
C VAL B 183 25.27 -53.61 -8.96
N ARG B 184 25.66 -54.85 -9.25
CA ARG B 184 25.21 -55.54 -10.45
C ARG B 184 23.69 -55.75 -10.47
N ARG B 185 23.11 -56.01 -9.30
CA ARG B 185 21.69 -56.27 -9.23
C ARG B 185 20.84 -55.00 -9.30
N ARG B 186 21.43 -53.85 -9.01
CA ARG B 186 20.72 -52.58 -9.03
C ARG B 186 20.49 -52.07 -10.44
N SER B 187 19.55 -52.69 -11.14
CA SER B 187 19.31 -52.44 -12.56
C SER B 187 18.49 -51.16 -12.83
N ASP B 188 17.98 -50.55 -11.76
CA ASP B 188 17.00 -49.49 -11.84
C ASP B 188 17.61 -48.10 -11.51
N TRP B 189 16.80 -47.17 -10.99
CA TRP B 189 17.30 -45.81 -10.68
C TRP B 189 18.30 -45.82 -9.51
N GLY B 190 18.35 -46.93 -8.76
CA GLY B 190 19.21 -47.00 -7.60
C GLY B 190 20.69 -47.17 -7.87
N ILE B 191 21.06 -47.35 -9.14
CA ILE B 191 22.46 -47.56 -9.50
C ILE B 191 23.41 -46.46 -9.01
N ASP B 192 23.01 -45.20 -9.15
CA ASP B 192 23.93 -44.09 -8.81
C ASP B 192 24.20 -44.07 -7.32
N THR B 193 23.18 -44.38 -6.53
CA THR B 193 23.30 -44.53 -5.09
C THR B 193 24.32 -45.62 -4.77
N LEU B 194 24.22 -46.75 -5.44
CA LEU B 194 25.15 -47.87 -5.23
C LEU B 194 26.59 -47.55 -5.65
N TYR B 195 26.79 -46.88 -6.79
CA TYR B 195 28.14 -46.45 -7.19
C TYR B 195 28.77 -45.52 -6.15
N THR B 196 27.97 -44.56 -5.68
CA THR B 196 28.42 -43.60 -4.68
C THR B 196 28.76 -44.31 -3.39
N PHE B 197 27.85 -45.17 -2.93
CA PHE B 197 28.04 -45.88 -1.67
C PHE B 197 29.26 -46.76 -1.69
N VAL B 198 29.40 -47.63 -2.69
CA VAL B 198 30.48 -48.61 -2.57
C VAL B 198 31.85 -48.02 -2.92
N THR B 199 31.90 -46.96 -3.74
CA THR B 199 33.19 -46.27 -3.92
C THR B 199 33.65 -45.65 -2.60
N VAL B 200 32.75 -45.02 -1.86
CA VAL B 200 33.10 -44.47 -0.55
C VAL B 200 33.49 -45.58 0.44
N GLN B 201 32.69 -46.64 0.50
CA GLN B 201 32.95 -47.74 1.44
C GLN B 201 34.31 -48.41 1.17
N GLN B 202 34.76 -48.41 -0.08
CA GLN B 202 36.03 -49.00 -0.48
C GLN B 202 37.22 -48.04 -0.42
N GLY B 203 36.98 -46.80 0.01
CA GLY B 203 38.04 -45.81 0.15
C GLY B 203 38.61 -45.27 -1.14
N VAL B 204 37.82 -45.19 -2.20
CA VAL B 204 38.26 -44.60 -3.45
C VAL B 204 38.41 -43.09 -3.27
N SER B 205 39.49 -42.51 -3.77
CA SER B 205 39.65 -41.05 -3.72
C SER B 205 38.70 -40.40 -4.73
N ILE B 206 38.01 -39.34 -4.30
CA ILE B 206 36.94 -38.72 -5.06
C ILE B 206 37.16 -37.23 -5.20
N TYR B 207 37.09 -36.74 -6.43
CA TYR B 207 37.14 -35.30 -6.73
C TYR B 207 35.81 -34.89 -7.36
N GLU B 208 35.25 -33.78 -6.90
CA GLU B 208 34.04 -33.24 -7.50
C GLU B 208 34.32 -31.95 -8.27
N CYS B 209 34.21 -32.02 -9.60
CA CYS B 209 34.38 -30.88 -10.49
C CYS B 209 33.06 -30.09 -10.57
N TYR B 210 33.16 -28.77 -10.51
CA TYR B 210 31.99 -27.91 -10.63
C TYR B 210 31.75 -27.48 -12.07
N ILE B 211 30.52 -27.71 -12.54
CA ILE B 211 30.07 -27.28 -13.86
C ILE B 211 28.87 -26.35 -13.64
N PRO B 212 28.97 -25.10 -14.06
CA PRO B 212 27.89 -24.14 -13.77
C PRO B 212 26.51 -24.43 -14.41
N GLU B 213 26.50 -25.10 -15.56
CA GLU B 213 25.27 -25.26 -16.33
C GLU B 213 25.33 -26.56 -17.13
N GLY B 214 24.18 -27.16 -17.39
CA GLY B 214 24.11 -28.27 -18.33
C GLY B 214 23.20 -29.43 -18.00
N LYS B 215 22.72 -29.55 -16.77
CA LYS B 215 21.69 -30.55 -16.48
C LYS B 215 20.39 -30.09 -17.14
N ALA B 216 19.79 -30.97 -17.93
CA ALA B 216 18.45 -30.74 -18.47
C ALA B 216 17.43 -30.68 -17.34
N HIS B 217 16.43 -29.83 -17.52
CA HIS B 217 15.34 -29.70 -16.56
C HIS B 217 14.21 -30.60 -17.02
N ARG B 218 13.64 -31.36 -16.11
CA ARG B 218 12.46 -32.15 -16.40
C ARG B 218 11.29 -31.22 -16.76
N LEU B 219 10.33 -31.77 -17.48
CA LEU B 219 9.13 -31.01 -17.85
C LEU B 219 8.42 -30.57 -16.58
N TYR B 220 7.75 -29.42 -16.66
CA TYR B 220 6.93 -28.92 -15.56
C TYR B 220 5.91 -29.99 -15.17
N GLY B 221 5.94 -30.40 -13.90
CA GLY B 221 4.93 -31.35 -13.41
C GLY B 221 4.89 -31.45 -11.90
N GLY B 222 3.91 -32.17 -11.40
CA GLY B 222 3.88 -32.55 -10.00
C GLY B 222 5.04 -33.44 -9.59
N LEU B 223 5.23 -33.58 -8.29
CA LEU B 223 6.22 -34.49 -7.74
C LEU B 223 5.99 -35.95 -8.14
N ASP B 224 4.75 -36.26 -8.50
CA ASP B 224 4.32 -37.54 -9.07
C ASP B 224 5.23 -38.04 -10.20
N ASP B 225 5.75 -37.12 -10.98
CA ASP B 225 6.65 -37.44 -12.09
C ASP B 225 7.96 -38.09 -11.64
N LEU B 226 8.33 -37.90 -10.39
CA LEU B 226 9.54 -38.48 -9.80
C LEU B 226 9.27 -39.70 -8.91
N ARG B 227 8.04 -40.19 -8.92
CA ARG B 227 7.62 -41.23 -7.98
C ARG B 227 8.43 -42.53 -8.12
N THR B 228 8.64 -42.98 -9.34
CA THR B 228 9.41 -44.20 -9.55
C THR B 228 10.86 -44.07 -9.09
N MET B 229 11.49 -42.96 -9.44
CA MET B 229 12.85 -42.68 -8.99
C MET B 229 12.89 -42.63 -7.48
N LEU B 230 11.88 -41.99 -6.87
CA LEU B 230 11.79 -41.89 -5.42
C LEU B 230 11.82 -43.24 -4.75
N VAL B 231 10.90 -44.12 -5.16
CA VAL B 231 10.76 -45.40 -4.46
C VAL B 231 11.96 -46.30 -4.67
N GLU B 232 12.62 -46.19 -5.83
CA GLU B 232 13.81 -46.98 -6.09
C GLU B 232 15.06 -46.44 -5.39
N CYS B 233 15.17 -45.12 -5.28
CA CYS B 233 16.30 -44.51 -4.56
C CYS B 233 16.19 -44.77 -3.06
N PHE B 234 14.98 -44.70 -2.52
CA PHE B 234 14.79 -45.03 -1.12
C PHE B 234 15.08 -46.51 -0.85
N ALA B 235 14.60 -47.39 -1.73
CA ALA B 235 14.84 -48.84 -1.57
C ALA B 235 16.35 -49.14 -1.59
N ALA B 236 17.11 -48.41 -2.40
CA ALA B 236 18.56 -48.60 -2.45
C ALA B 236 19.20 -48.26 -1.10
N ILE B 237 18.84 -47.11 -0.51
CA ILE B 237 19.33 -46.75 0.81
C ILE B 237 18.93 -47.82 1.82
N GLN B 238 17.66 -48.21 1.82
CA GLN B 238 17.19 -49.23 2.75
C GLN B 238 17.97 -50.53 2.63
N SER B 239 18.31 -50.92 1.41
CA SER B 239 19.05 -52.18 1.17
C SER B 239 20.46 -52.14 1.76
N LEU B 240 21.01 -50.93 1.89
CA LEU B 240 22.35 -50.74 2.44
C LEU B 240 22.43 -50.48 3.95
N GLN B 241 21.29 -50.41 4.63
CA GLN B 241 21.23 -49.79 5.96
C GLN B 241 22.03 -50.47 7.08
N HIS B 242 22.33 -51.76 6.91
CA HIS B 242 23.10 -52.52 7.88
C HIS B 242 24.58 -52.63 7.51
N GLU B 243 25.01 -51.95 6.45
CA GLU B 243 26.41 -51.96 6.05
C GLU B 243 27.25 -51.15 7.03
N VAL B 244 28.50 -51.55 7.16
CA VAL B 244 29.52 -50.86 7.93
C VAL B 244 30.40 -50.07 6.95
N VAL B 245 30.69 -48.82 7.30
CA VAL B 245 31.51 -47.93 6.48
C VAL B 245 32.55 -47.25 7.38
N GLY B 246 33.82 -47.30 6.99
CA GLY B 246 34.89 -46.63 7.72
C GLY B 246 34.94 -45.12 7.48
N GLN B 247 35.64 -44.38 8.34
CA GLN B 247 35.78 -42.93 8.15
C GLN B 247 36.75 -42.51 7.03
N PRO B 248 37.92 -43.17 6.94
CA PRO B 248 38.98 -42.75 5.99
C PRO B 248 38.48 -42.51 4.57
N ALA B 249 38.73 -41.31 4.09
CA ALA B 249 38.29 -40.87 2.77
C ALA B 249 39.24 -39.79 2.27
N ILE B 250 39.44 -39.75 0.96
CA ILE B 250 39.98 -38.56 0.34
C ILE B 250 38.89 -38.09 -0.59
N HIS B 251 38.34 -36.92 -0.27
CA HIS B 251 37.20 -36.40 -0.97
C HIS B 251 37.32 -34.88 -1.05
N ARG B 252 37.57 -34.37 -2.26
CA ARG B 252 37.74 -32.93 -2.49
C ARG B 252 36.66 -32.41 -3.42
N GLN B 253 36.32 -31.14 -3.26
CA GLN B 253 35.33 -30.45 -4.06
C GLN B 253 35.88 -29.14 -4.62
N GLU B 254 35.77 -28.95 -5.94
CA GLU B 254 36.07 -27.68 -6.58
C GLU B 254 35.04 -26.66 -6.07
N HIS B 255 35.52 -25.47 -5.70
CA HIS B 255 34.68 -24.44 -5.14
C HIS B 255 33.71 -23.92 -6.22
N PRO B 256 32.43 -23.80 -5.88
CA PRO B 256 31.45 -23.23 -6.82
C PRO B 256 31.75 -21.80 -7.26
N HIS B 257 31.30 -21.44 -8.45
CA HIS B 257 31.08 -20.04 -8.82
C HIS B 257 29.68 -19.62 -8.31
N ARG B 258 29.40 -18.32 -8.33
CA ARG B 258 28.05 -17.83 -7.99
C ARG B 258 26.99 -18.53 -8.90
N VAL B 259 25.83 -18.84 -8.34
CA VAL B 259 24.78 -19.55 -9.09
C VAL B 259 24.24 -18.68 -10.23
N PRO B 260 24.00 -19.26 -11.41
CA PRO B 260 23.41 -18.50 -12.52
C PRO B 260 21.96 -18.08 -12.22
N VAL B 261 21.62 -16.85 -12.60
CA VAL B 261 20.28 -16.28 -12.34
C VAL B 261 19.15 -17.25 -12.68
N HIS B 262 19.23 -17.91 -13.84
CA HIS B 262 18.15 -18.77 -14.29
C HIS B 262 17.94 -20.06 -13.46
N ILE B 263 18.96 -20.44 -12.71
CA ILE B 263 18.84 -21.54 -11.76
C ILE B 263 18.24 -21.03 -10.46
N ALA B 264 18.72 -19.89 -9.98
CA ALA B 264 18.21 -19.30 -8.75
C ALA B 264 16.71 -18.94 -8.84
N GLU B 265 16.26 -18.59 -10.04
CA GLU B 265 14.88 -18.17 -10.29
C GLU B 265 13.96 -19.34 -10.68
N ARG B 266 14.51 -20.55 -10.81
CA ARG B 266 13.74 -21.70 -11.28
C ARG B 266 12.86 -22.31 -10.16
N VAL B 267 11.67 -22.74 -10.55
CA VAL B 267 10.79 -23.51 -9.69
C VAL B 267 10.75 -24.91 -10.29
N GLY B 268 10.98 -25.92 -9.46
CA GLY B 268 11.25 -27.26 -9.94
C GLY B 268 10.03 -28.16 -10.06
N TYR B 269 8.88 -27.72 -9.56
CA TYR B 269 7.66 -28.52 -9.62
C TYR B 269 6.39 -27.69 -9.56
N ASP B 270 5.29 -28.31 -9.97
CA ASP B 270 3.97 -27.70 -9.99
C ASP B 270 3.33 -27.93 -8.62
N VAL B 271 3.21 -26.84 -7.85
CA VAL B 271 2.77 -26.90 -6.47
C VAL B 271 1.30 -27.29 -6.40
N GLU B 272 0.45 -26.71 -7.23
CA GLU B 272 -0.97 -27.04 -7.20
C GLU B 272 -1.20 -28.53 -7.47
N ALA B 273 -0.54 -29.05 -8.50
CA ALA B 273 -0.68 -30.46 -8.88
C ALA B 273 -0.22 -31.37 -7.76
N THR B 274 0.85 -30.97 -7.09
CA THR B 274 1.43 -31.73 -5.99
C THR B 274 0.49 -31.76 -4.77
N LEU B 275 -0.17 -30.64 -4.47
CA LEU B 275 -1.17 -30.57 -3.39
C LEU B 275 -2.37 -31.47 -3.66
N HIS B 276 -2.87 -31.45 -4.89
CA HIS B 276 -3.99 -32.28 -5.31
C HIS B 276 -3.66 -33.77 -5.18
N ARG B 277 -2.47 -34.13 -5.61
CA ARG B 277 -2.05 -35.53 -5.71
C ARG B 277 -1.89 -36.15 -4.32
N LEU B 278 -1.58 -35.29 -3.36
CA LEU B 278 -1.50 -35.66 -1.96
C LEU B 278 -2.83 -36.19 -1.38
N MET B 279 -3.95 -35.76 -1.98
CA MET B 279 -5.28 -36.13 -1.55
C MET B 279 -5.81 -37.35 -2.28
N GLN B 280 -5.03 -37.90 -3.21
CA GLN B 280 -5.48 -38.98 -4.07
C GLN B 280 -4.85 -40.31 -3.71
N HIS B 281 -5.49 -41.37 -4.19
CA HIS B 281 -5.00 -42.75 -4.15
C HIS B 281 -4.80 -43.29 -2.73
N TRP B 282 -5.66 -42.86 -1.82
CA TRP B 282 -5.70 -43.39 -0.45
C TRP B 282 -6.39 -44.74 -0.43
N THR B 283 -5.93 -45.60 0.47
CA THR B 283 -6.58 -46.86 0.75
C THR B 283 -6.72 -47.03 2.24
N PRO B 284 -7.68 -47.84 2.69
CA PRO B 284 -7.76 -48.13 4.11
C PRO B 284 -6.44 -48.66 4.71
N ARG B 285 -5.68 -49.41 3.94
CA ARG B 285 -4.40 -49.97 4.42
C ARG B 285 -3.35 -48.88 4.66
N GLN B 286 -3.27 -47.90 3.79
CA GLN B 286 -2.38 -46.75 4.00
C GLN B 286 -2.71 -46.05 5.31
N VAL B 287 -4.01 -45.86 5.57
CA VAL B 287 -4.47 -45.18 6.77
C VAL B 287 -4.03 -45.95 8.01
N GLU B 288 -4.12 -47.27 7.94
CA GLU B 288 -3.76 -48.14 9.04
C GLU B 288 -2.24 -48.22 9.27
N LEU B 289 -1.47 -48.31 8.19
CA LEU B 289 -0.01 -48.36 8.29
C LEU B 289 0.57 -47.12 8.97
N LEU B 290 -0.13 -45.99 8.90
CA LEU B 290 0.33 -44.78 9.57
C LEU B 290 0.38 -44.90 11.09
N GLU B 291 -0.26 -45.93 11.64
CA GLU B 291 -0.15 -46.24 13.05
C GLU B 291 1.32 -46.53 13.49
N LEU B 292 2.17 -46.87 12.54
CA LEU B 292 3.58 -47.15 12.81
C LEU B 292 4.43 -45.89 13.02
N PHE B 293 3.87 -44.74 12.70
CA PHE B 293 4.61 -43.48 12.70
C PHE B 293 4.27 -42.68 13.96
N THR B 294 5.02 -41.62 14.21
CA THR B 294 4.77 -40.75 15.36
C THR B 294 3.42 -40.11 15.21
N THR B 295 2.83 -39.67 16.32
CA THR B 295 1.47 -39.17 16.30
C THR B 295 1.26 -37.93 15.43
N PRO B 296 2.14 -36.93 15.50
CA PRO B 296 2.00 -35.77 14.59
C PRO B 296 2.02 -36.15 13.10
N VAL B 297 2.83 -37.13 12.71
CA VAL B 297 2.91 -37.56 11.31
C VAL B 297 1.70 -38.40 10.92
N ARG B 298 1.30 -39.32 11.79
CA ARG B 298 0.09 -40.10 11.58
C ARG B 298 -1.13 -39.21 11.37
N GLU B 299 -1.33 -38.27 12.27
CA GLU B 299 -2.48 -37.38 12.21
C GLU B 299 -2.37 -36.38 11.06
N GLY B 300 -1.16 -35.92 10.78
CA GLY B 300 -0.92 -34.97 9.70
C GLY B 300 -1.19 -35.57 8.34
N LEU B 301 -0.67 -36.77 8.08
CA LEU B 301 -0.88 -37.37 6.76
C LEU B 301 -2.32 -37.84 6.59
N ARG B 302 -2.95 -38.32 7.66
CA ARG B 302 -4.36 -38.71 7.56
C ARG B 302 -5.28 -37.53 7.22
N THR B 303 -4.91 -36.35 7.69
CA THR B 303 -5.61 -35.12 7.31
C THR B 303 -5.64 -34.91 5.79
N CYS B 304 -4.62 -35.41 5.08
CA CYS B 304 -4.53 -35.28 3.63
C CYS B 304 -5.61 -36.02 2.86
N GLN B 305 -6.38 -36.90 3.51
CA GLN B 305 -7.60 -37.44 2.89
C GLN B 305 -8.66 -36.35 2.61
N ARG B 306 -8.64 -35.28 3.38
CA ARG B 306 -9.66 -34.23 3.28
C ARG B 306 -9.11 -32.92 2.72
N ARG B 307 -7.88 -32.60 3.06
CA ARG B 307 -7.23 -31.40 2.53
C ARG B 307 -5.71 -31.48 2.69
N PRO B 308 -4.96 -30.73 1.89
CA PRO B 308 -3.50 -30.85 1.92
C PRO B 308 -2.94 -30.34 3.25
N ALA B 309 -2.18 -31.17 3.94
CA ALA B 309 -1.51 -30.76 5.17
C ALA B 309 -0.03 -31.07 5.04
N PHE B 310 0.81 -30.16 5.52
CA PHE B 310 2.25 -30.35 5.47
C PHE B 310 3.05 -29.55 6.53
N ASN B 311 2.42 -28.64 7.25
CA ASN B 311 3.12 -27.91 8.32
C ASN B 311 3.76 -28.83 9.34
N PHE B 312 3.15 -30.00 9.56
CA PHE B 312 3.66 -30.98 10.51
C PHE B 312 5.01 -31.61 10.14
N MET B 313 5.34 -31.65 8.84
CA MET B 313 6.51 -32.39 8.38
C MET B 313 7.74 -31.49 8.34
N ASP B 314 8.17 -31.11 9.53
CA ASP B 314 9.37 -30.32 9.68
C ASP B 314 10.58 -31.25 9.67
N GLU B 315 11.74 -30.65 9.84
CA GLU B 315 13.00 -31.36 9.73
C GLU B 315 13.08 -32.57 10.67
N MET B 316 12.69 -32.39 11.92
CA MET B 316 12.74 -33.46 12.92
C MET B 316 11.73 -34.57 12.69
N ALA B 317 10.51 -34.18 12.30
CA ALA B 317 9.48 -35.14 11.98
C ALA B 317 9.92 -36.00 10.79
N TRP B 318 10.61 -35.40 9.82
CA TRP B 318 11.07 -36.16 8.67
C TRP B 318 12.10 -37.21 9.06
N ALA B 319 13.02 -36.87 9.96
CA ALA B 319 14.01 -37.85 10.41
C ALA B 319 13.35 -39.03 11.14
N ALA B 320 12.38 -38.73 12.00
CA ALA B 320 11.66 -39.80 12.70
C ALA B 320 10.89 -40.67 11.69
N THR B 321 10.29 -40.03 10.69
CA THR B 321 9.57 -40.72 9.63
C THR B 321 10.52 -41.62 8.82
N TYR B 322 11.68 -41.07 8.49
CA TYR B 322 12.72 -41.79 7.75
C TYR B 322 13.07 -43.13 8.44
N HIS B 323 13.22 -43.12 9.75
CA HIS B 323 13.59 -44.33 10.49
C HIS B 323 12.46 -45.36 10.50
N VAL B 324 11.21 -44.91 10.58
CA VAL B 324 10.07 -45.81 10.51
C VAL B 324 10.03 -46.49 9.12
N LEU B 325 10.20 -45.70 8.06
CA LEU B 325 10.29 -46.24 6.69
C LEU B 325 11.43 -47.24 6.53
N LEU B 326 12.60 -46.95 7.07
CA LEU B 326 13.71 -47.88 6.96
C LEU B 326 13.37 -49.23 7.55
N GLU B 327 12.61 -49.23 8.64
CA GLU B 327 12.27 -50.49 9.31
C GLU B 327 11.14 -51.23 8.60
N HIS B 328 10.14 -50.50 8.10
CA HIS B 328 8.86 -51.12 7.71
C HIS B 328 8.52 -51.05 6.22
N PHE B 329 9.14 -50.16 5.48
CA PHE B 329 8.88 -50.00 4.05
C PHE B 329 9.15 -51.32 3.30
N GLN B 330 8.18 -51.73 2.49
CA GLN B 330 8.29 -52.93 1.68
C GLN B 330 8.42 -52.53 0.22
N PRO B 331 9.60 -52.66 -0.37
CA PRO B 331 9.77 -52.36 -1.80
C PRO B 331 8.80 -53.17 -2.67
N GLY B 332 8.18 -52.51 -3.64
CA GLY B 332 7.23 -53.14 -4.54
C GLY B 332 5.78 -53.17 -4.07
N ASP B 333 5.56 -52.92 -2.77
CA ASP B 333 4.23 -52.95 -2.17
C ASP B 333 3.56 -51.63 -2.49
N PRO B 334 2.48 -51.62 -3.27
CA PRO B 334 1.86 -50.34 -3.69
C PRO B 334 1.50 -49.37 -2.55
N ASP B 335 0.96 -49.87 -1.43
CA ASP B 335 0.62 -48.99 -0.31
C ASP B 335 1.84 -48.37 0.36
N TRP B 336 2.90 -49.15 0.54
CA TRP B 336 4.13 -48.62 1.12
C TRP B 336 4.80 -47.61 0.19
N GLU B 337 4.80 -47.89 -1.10
CA GLU B 337 5.36 -46.97 -2.09
C GLU B 337 4.56 -45.67 -2.12
N GLU B 338 3.24 -45.76 -1.97
CA GLU B 338 2.38 -44.59 -1.98
C GLU B 338 2.55 -43.78 -0.70
N LEU B 339 2.70 -44.46 0.42
CA LEU B 339 2.96 -43.79 1.70
C LEU B 339 4.29 -43.04 1.68
N LEU B 340 5.34 -43.68 1.17
CA LEU B 340 6.65 -43.03 1.00
C LEU B 340 6.46 -41.78 0.14
N PHE B 341 5.71 -41.94 -0.94
CA PHE B 341 5.50 -40.82 -1.85
C PHE B 341 4.75 -39.64 -1.19
N LYS B 342 3.68 -39.93 -0.46
CA LYS B 342 2.91 -38.87 0.20
C LYS B 342 3.72 -38.22 1.33
N LEU B 343 4.41 -39.02 2.11
CA LEU B 343 5.23 -38.50 3.21
C LEU B 343 6.32 -37.57 2.68
N TRP B 344 7.02 -38.02 1.63
CA TRP B 344 8.05 -37.22 0.99
C TRP B 344 7.47 -35.94 0.40
N THR B 345 6.32 -36.05 -0.25
CA THR B 345 5.58 -34.88 -0.70
C THR B 345 5.39 -33.83 0.40
N THR B 346 4.95 -34.26 1.59
CA THR B 346 4.68 -33.31 2.67
C THR B 346 5.96 -32.65 3.13
N ARG B 347 7.06 -33.39 3.15
CA ARG B 347 8.34 -32.82 3.52
C ARG B 347 8.78 -31.77 2.50
N VAL B 348 8.65 -32.08 1.21
CA VAL B 348 9.03 -31.16 0.15
C VAL B 348 8.19 -29.88 0.21
N LEU B 349 6.88 -30.02 0.41
CA LEU B 349 5.99 -28.88 0.54
C LEU B 349 6.36 -28.02 1.75
N ASN B 350 6.67 -28.68 2.86
CA ASN B 350 7.01 -27.97 4.10
C ASN B 350 8.30 -27.17 3.88
N TYR B 351 9.30 -27.86 3.34
CA TYR B 351 10.58 -27.25 2.98
C TYR B 351 10.37 -26.09 2.00
N THR B 352 9.47 -26.26 1.04
CA THR B 352 9.20 -25.23 0.05
C THR B 352 8.68 -23.94 0.66
N MET B 353 7.71 -24.05 1.56
CA MET B 353 7.08 -22.89 2.17
C MET B 353 7.87 -22.32 3.34
N THR B 354 8.68 -23.11 4.03
CA THR B 354 9.44 -22.59 5.18
C THR B 354 10.89 -22.27 4.86
N VAL B 355 11.39 -22.74 3.72
CA VAL B 355 12.80 -22.50 3.37
C VAL B 355 12.94 -21.89 1.98
N ALA B 356 12.47 -22.59 0.94
CA ALA B 356 12.68 -22.14 -0.45
C ALA B 356 12.05 -20.79 -0.74
N LEU B 357 10.90 -20.53 -0.12
CA LEU B 357 10.19 -19.25 -0.29
C LEU B 357 10.96 -18.08 0.33
N ARG B 358 11.91 -18.37 1.22
CA ARG B 358 12.81 -17.35 1.75
C ARG B 358 13.96 -17.00 0.81
N GLY B 359 14.14 -17.76 -0.26
CA GLY B 359 15.07 -17.38 -1.30
C GLY B 359 16.21 -18.36 -1.43
N TYR B 360 16.87 -18.29 -2.57
CA TYR B 360 17.88 -19.27 -2.94
C TYR B 360 19.03 -19.36 -1.92
N ASP B 361 19.57 -18.21 -1.53
CA ASP B 361 20.69 -18.16 -0.60
C ASP B 361 20.30 -18.77 0.76
N TYR B 362 19.12 -18.43 1.25
CA TYR B 362 18.63 -19.02 2.49
C TYR B 362 18.54 -20.53 2.39
N ALA B 363 17.97 -21.01 1.28
CA ALA B 363 17.78 -22.43 1.08
C ALA B 363 19.09 -23.18 1.04
N GLN B 364 20.08 -22.66 0.33
CA GLN B 364 21.36 -23.35 0.22
C GLN B 364 22.01 -23.53 1.61
N GLN B 365 22.09 -22.44 2.37
CA GLN B 365 22.66 -22.54 3.70
C GLN B 365 21.84 -23.49 4.60
N TYR B 366 20.51 -23.47 4.44
CA TYR B 366 19.63 -24.33 5.22
C TYR B 366 19.95 -25.80 4.97
N LEU B 367 20.04 -26.18 3.70
CA LEU B 367 20.21 -27.58 3.33
C LEU B 367 21.50 -28.18 3.91
N TYR B 368 22.60 -27.45 3.82
CA TYR B 368 23.86 -27.94 4.40
C TYR B 368 23.78 -28.04 5.93
N ARG B 369 23.11 -27.08 6.55
CA ARG B 369 22.96 -27.07 8.00
C ARG B 369 22.02 -28.18 8.45
N MET B 370 21.05 -28.52 7.61
CA MET B 370 20.13 -29.60 7.83
C MET B 370 20.88 -30.95 7.95
N LEU B 371 21.77 -31.22 7.00
CA LEU B 371 22.61 -32.42 7.04
C LEU B 371 23.52 -32.45 8.25
N GLY B 372 24.07 -31.29 8.60
CA GLY B 372 24.81 -31.13 9.83
C GLY B 372 24.04 -31.56 11.07
N ARG B 373 22.81 -31.08 11.22
CA ARG B 373 21.99 -31.42 12.39
C ARG B 373 21.61 -32.90 12.39
N TYR B 374 21.37 -33.47 11.21
CA TYR B 374 21.07 -34.90 11.11
C TYR B 374 22.27 -35.77 11.49
N ARG B 375 23.47 -35.40 11.05
CA ARG B 375 24.68 -36.13 11.42
C ARG B 375 24.88 -36.09 12.92
N TYR B 376 24.70 -34.90 13.49
CA TYR B 376 24.89 -34.69 14.91
C TYR B 376 23.89 -35.52 15.72
N GLN B 377 22.61 -35.44 15.36
CA GLN B 377 21.56 -36.22 16.02
C GLN B 377 21.88 -37.71 15.94
N ALA B 378 22.23 -38.18 14.76
CA ALA B 378 22.51 -39.60 14.54
C ALA B 378 23.74 -40.07 15.31
N ALA B 379 24.75 -39.22 15.40
CA ALA B 379 25.98 -39.56 16.11
C ALA B 379 25.77 -39.73 17.63
N LEU B 380 24.83 -38.94 18.17
CA LEU B 380 24.49 -38.98 19.59
C LEU B 380 23.61 -40.16 19.98
N GLU B 381 22.82 -40.68 19.03
CA GLU B 381 21.80 -41.69 19.34
C GLU B 381 22.34 -43.11 19.27
N SER C 2 -80.90 44.75 -10.06
CA SER C 2 -79.48 44.54 -10.45
C SER C 2 -79.27 43.30 -11.32
N LEU C 3 -78.15 43.27 -12.02
CA LEU C 3 -77.76 42.14 -12.85
C LEU C 3 -76.77 41.31 -12.06
N VAL C 4 -76.97 39.99 -12.01
CA VAL C 4 -76.00 39.07 -11.44
C VAL C 4 -75.44 38.20 -12.55
N VAL C 5 -74.12 38.14 -12.64
CA VAL C 5 -73.42 37.44 -13.70
C VAL C 5 -72.62 36.26 -13.14
N PHE C 6 -72.80 35.10 -13.75
CA PHE C 6 -72.01 33.90 -13.42
C PHE C 6 -71.22 33.47 -14.66
N PRO C 7 -69.94 33.83 -14.74
CA PRO C 7 -69.08 33.25 -15.78
C PRO C 7 -68.83 31.79 -15.42
N PHE C 8 -68.96 30.89 -16.40
CA PHE C 8 -68.84 29.46 -16.14
C PHE C 8 -68.02 28.71 -17.20
N LYS C 9 -67.57 27.51 -16.84
CA LYS C 9 -66.71 26.70 -17.69
C LYS C 9 -66.83 25.21 -17.37
N HIS C 10 -65.94 24.71 -16.50
CA HIS C 10 -65.81 23.25 -16.25
C HIS C 10 -66.76 22.78 -15.14
N GLU C 11 -67.24 23.73 -14.34
CA GLU C 11 -68.14 23.42 -13.23
C GLU C 11 -69.22 22.46 -13.65
N HIS C 12 -69.49 21.47 -12.81
CA HIS C 12 -70.68 20.66 -12.93
C HIS C 12 -71.90 21.60 -12.94
N PRO C 13 -72.83 21.35 -13.86
CA PRO C 13 -73.97 22.27 -14.06
C PRO C 13 -74.88 22.46 -12.85
N GLU C 14 -75.02 21.44 -11.99
CA GLU C 14 -75.91 21.53 -10.84
C GLU C 14 -75.49 22.61 -9.85
N VAL C 15 -74.19 22.84 -9.72
CA VAL C 15 -73.69 23.90 -8.86
C VAL C 15 -74.05 25.26 -9.45
N LEU C 16 -73.85 25.43 -10.76
CA LEU C 16 -74.20 26.68 -11.43
C LEU C 16 -75.70 26.96 -11.31
N LEU C 17 -76.51 25.94 -11.55
CA LEU C 17 -77.96 26.11 -11.55
C LEU C 17 -78.50 26.47 -10.15
N HIS C 18 -77.88 25.90 -9.12
CA HIS C 18 -78.23 26.21 -7.74
C HIS C 18 -77.95 27.68 -7.49
N ASN C 19 -76.76 28.13 -7.87
CA ASN C 19 -76.37 29.52 -7.72
C ASN C 19 -77.28 30.46 -8.51
N VAL C 20 -77.68 30.04 -9.71
CA VAL C 20 -78.56 30.86 -10.54
C VAL C 20 -79.91 31.03 -9.83
N ARG C 21 -80.40 29.96 -9.20
CA ARG C 21 -81.68 30.01 -8.50
C ARG C 21 -81.64 30.89 -7.23
N VAL C 22 -80.53 30.88 -6.50
CA VAL C 22 -80.36 31.76 -5.35
C VAL C 22 -80.43 33.23 -5.80
N ALA C 23 -79.63 33.58 -6.81
CA ALA C 23 -79.66 34.93 -7.37
C ALA C 23 -81.03 35.33 -7.88
N ALA C 24 -81.68 34.45 -8.64
CA ALA C 24 -82.96 34.75 -9.26
C ALA C 24 -84.07 34.99 -8.23
N ALA C 25 -83.98 34.32 -7.09
CA ALA C 25 -84.99 34.41 -6.03
C ALA C 25 -84.75 35.58 -5.08
N HIS C 26 -83.60 36.25 -5.17
CA HIS C 26 -83.30 37.40 -4.32
C HIS C 26 -84.11 38.63 -4.75
N PRO C 27 -84.77 39.31 -3.79
CA PRO C 27 -85.68 40.42 -4.13
C PRO C 27 -85.04 41.64 -4.80
N ARG C 28 -83.72 41.81 -4.68
CA ARG C 28 -83.06 42.96 -5.28
C ARG C 28 -82.42 42.64 -6.64
N VAL C 29 -82.49 41.38 -7.05
CA VAL C 29 -81.95 40.94 -8.35
C VAL C 29 -83.05 40.95 -9.39
N HIS C 30 -82.85 41.73 -10.45
CA HIS C 30 -83.84 41.84 -11.52
C HIS C 30 -83.48 41.01 -12.77
N GLU C 31 -82.24 40.56 -12.88
CA GLU C 31 -81.81 39.73 -14.01
C GLU C 31 -80.57 38.90 -13.67
N VAL C 32 -80.50 37.69 -14.22
CA VAL C 32 -79.32 36.85 -14.12
C VAL C 32 -78.79 36.53 -15.52
N LEU C 33 -77.46 36.56 -15.67
CA LEU C 33 -76.78 36.26 -16.92
C LEU C 33 -75.66 35.26 -16.68
N CYS C 34 -75.65 34.16 -17.42
CA CYS C 34 -74.54 33.22 -17.37
C CYS C 34 -73.75 33.35 -18.66
N ILE C 35 -72.42 33.41 -18.56
CA ILE C 35 -71.55 33.55 -19.74
C ILE C 35 -70.64 32.34 -19.82
N GLY C 36 -70.69 31.64 -20.95
CA GLY C 36 -69.79 30.53 -21.21
C GLY C 36 -69.06 30.67 -22.54
N TYR C 37 -67.99 29.90 -22.71
CA TYR C 37 -67.15 29.97 -23.91
C TYR C 37 -67.81 29.33 -25.14
N GLU C 38 -68.46 28.19 -24.92
CA GLU C 38 -69.03 27.41 -26.01
C GLU C 38 -70.32 26.73 -25.57
N ARG C 39 -71.08 26.25 -26.56
CA ARG C 39 -72.36 25.58 -26.35
C ARG C 39 -72.11 24.10 -26.08
N ASP C 40 -71.60 23.82 -24.87
CA ASP C 40 -71.36 22.45 -24.41
C ASP C 40 -72.57 22.00 -23.57
N GLN C 41 -72.44 20.86 -22.88
CA GLN C 41 -73.56 20.29 -22.11
C GLN C 41 -74.07 21.22 -21.00
N THR C 42 -73.14 21.90 -20.33
CA THR C 42 -73.45 22.79 -19.22
C THR C 42 -74.21 24.02 -19.69
N TYR C 43 -73.76 24.59 -20.81
CA TYR C 43 -74.43 25.73 -21.44
C TYR C 43 -75.87 25.36 -21.76
N GLU C 44 -76.05 24.18 -22.33
CA GLU C 44 -77.37 23.73 -22.76
C GLU C 44 -78.27 23.42 -21.57
N ALA C 45 -77.70 22.92 -20.48
CA ALA C 45 -78.45 22.64 -19.25
C ALA C 45 -79.05 23.92 -18.68
N VAL C 46 -78.28 25.01 -18.71
CA VAL C 46 -78.75 26.28 -18.16
C VAL C 46 -79.78 26.94 -19.06
N GLU C 47 -79.52 26.93 -20.37
CA GLU C 47 -80.47 27.47 -21.36
C GLU C 47 -81.80 26.72 -21.27
N ARG C 48 -81.73 25.44 -20.91
CA ARG C 48 -82.89 24.57 -20.78
C ARG C 48 -83.68 24.83 -19.49
N ALA C 49 -82.96 25.10 -18.41
CA ALA C 49 -83.56 25.36 -17.11
C ALA C 49 -84.05 26.79 -16.97
N ALA C 50 -83.55 27.70 -17.81
CA ALA C 50 -83.75 29.14 -17.62
C ALA C 50 -85.20 29.59 -17.66
N PRO C 51 -85.99 29.13 -18.62
CA PRO C 51 -87.42 29.49 -18.68
C PRO C 51 -88.22 29.17 -17.42
N GLU C 52 -87.89 28.08 -16.74
CA GLU C 52 -88.65 27.65 -15.55
C GLU C 52 -88.21 28.42 -14.30
N ILE C 53 -86.92 28.69 -14.18
CA ILE C 53 -86.40 29.54 -13.11
C ILE C 53 -86.96 30.95 -13.26
N SER C 54 -87.05 31.42 -14.51
CA SER C 54 -87.60 32.75 -14.80
C SER C 54 -89.08 32.83 -14.47
N ARG C 55 -89.81 31.75 -14.73
CA ARG C 55 -91.24 31.70 -14.51
C ARG C 55 -91.56 31.64 -13.01
N ALA C 56 -90.73 30.91 -12.26
CA ALA C 56 -90.93 30.68 -10.84
C ALA C 56 -90.53 31.87 -9.96
N THR C 57 -89.51 32.63 -10.37
CA THR C 57 -89.00 33.75 -9.56
C THR C 57 -89.45 35.12 -10.05
N GLY C 58 -89.99 35.19 -11.26
CA GLY C 58 -90.22 36.47 -11.92
C GLY C 58 -88.96 37.17 -12.40
N THR C 59 -87.81 36.48 -12.36
CA THR C 59 -86.52 37.05 -12.70
C THR C 59 -85.97 36.42 -14.00
N PRO C 60 -85.84 37.21 -15.07
CA PRO C 60 -85.28 36.68 -16.32
C PRO C 60 -83.85 36.15 -16.19
N VAL C 61 -83.61 34.98 -16.77
CA VAL C 61 -82.33 34.30 -16.75
C VAL C 61 -81.92 34.07 -18.20
N SER C 62 -80.73 34.56 -18.56
CA SER C 62 -80.18 34.42 -19.91
C SER C 62 -78.83 33.73 -19.87
N VAL C 63 -78.51 33.06 -20.96
CA VAL C 63 -77.19 32.51 -21.18
C VAL C 63 -76.67 33.07 -22.49
N ARG C 64 -75.40 33.50 -22.47
CA ARG C 64 -74.76 34.08 -23.64
C ARG C 64 -73.37 33.50 -23.79
N LEU C 65 -72.88 33.52 -25.02
CA LEU C 65 -71.52 33.15 -25.33
C LEU C 65 -70.57 34.30 -25.08
N GLN C 66 -69.36 33.93 -24.68
CA GLN C 66 -68.26 34.85 -24.51
C GLN C 66 -67.87 35.41 -25.89
N GLU C 67 -67.71 36.73 -25.98
CA GLU C 67 -67.28 37.37 -27.21
C GLU C 67 -65.78 37.68 -27.14
N ARG C 68 -65.14 37.64 -28.30
CA ARG C 68 -63.73 38.00 -28.43
C ARG C 68 -63.60 39.53 -28.52
N LEU C 69 -63.42 40.14 -27.34
CA LEU C 69 -63.32 41.58 -27.18
C LEU C 69 -61.87 42.05 -27.00
N GLY C 70 -61.01 41.15 -26.52
CA GLY C 70 -59.62 41.47 -26.24
C GLY C 70 -58.63 40.83 -27.20
N THR C 71 -57.35 40.86 -26.84
CA THR C 71 -56.26 40.48 -27.76
C THR C 71 -55.25 39.51 -27.15
N LEU C 72 -55.48 39.06 -25.92
CA LEU C 72 -54.62 38.09 -25.26
C LEU C 72 -55.28 36.70 -25.40
N ARG C 73 -54.87 35.71 -24.64
CA ARG C 73 -55.59 34.42 -24.62
C ARG C 73 -57.07 34.65 -24.29
N PRO C 74 -57.98 34.02 -25.03
CA PRO C 74 -59.42 34.17 -24.78
C PRO C 74 -59.84 33.44 -23.52
N GLY C 75 -59.90 34.16 -22.41
CA GLY C 75 -60.16 33.56 -21.12
C GLY C 75 -61.16 34.38 -20.34
N LYS C 76 -60.93 34.51 -19.03
CA LYS C 76 -61.93 35.09 -18.14
C LYS C 76 -62.25 36.54 -18.49
N GLY C 77 -61.25 37.31 -18.91
CA GLY C 77 -61.45 38.70 -19.30
C GLY C 77 -62.48 38.91 -20.40
N ASP C 78 -62.42 38.10 -21.45
CA ASP C 78 -63.42 38.17 -22.51
C ASP C 78 -64.81 37.89 -21.93
N GLY C 79 -64.90 36.91 -21.03
CA GLY C 79 -66.15 36.60 -20.38
C GLY C 79 -66.73 37.77 -19.60
N MET C 80 -65.93 38.35 -18.70
CA MET C 80 -66.38 39.45 -17.85
C MET C 80 -66.68 40.71 -18.67
N ASN C 81 -65.86 41.02 -19.66
CA ASN C 81 -66.08 42.20 -20.50
C ASN C 81 -67.32 42.05 -21.41
N THR C 82 -67.65 40.82 -21.79
CA THR C 82 -68.87 40.52 -22.52
C THR C 82 -70.09 40.80 -21.65
N ALA C 83 -70.00 40.43 -20.38
CA ALA C 83 -71.06 40.72 -19.43
C ALA C 83 -71.21 42.22 -19.21
N LEU C 84 -70.10 42.94 -19.16
CA LEU C 84 -70.13 44.41 -19.03
C LEU C 84 -70.87 45.00 -20.22
N ARG C 85 -70.57 44.51 -21.41
CA ARG C 85 -71.24 44.98 -22.61
C ARG C 85 -72.75 44.74 -22.55
N TYR C 86 -73.14 43.55 -22.11
CA TYR C 86 -74.54 43.19 -21.99
C TYR C 86 -75.23 44.13 -20.99
N PHE C 87 -74.60 44.30 -19.83
CA PHE C 87 -75.08 45.21 -18.79
C PHE C 87 -75.34 46.63 -19.32
N LEU C 88 -74.39 47.17 -20.08
CA LEU C 88 -74.41 48.56 -20.53
C LEU C 88 -75.26 48.82 -21.78
N GLU C 89 -75.37 47.83 -22.65
CA GLU C 89 -76.04 47.98 -23.94
C GLU C 89 -77.44 47.36 -24.00
N GLU C 90 -77.72 46.38 -23.15
CA GLU C 90 -79.00 45.63 -23.18
C GLU C 90 -79.83 45.74 -21.89
N THR C 91 -79.31 46.42 -20.88
CA THR C 91 -80.09 46.68 -19.67
C THR C 91 -79.95 48.12 -19.21
N GLN C 92 -80.79 48.47 -18.25
CA GLN C 92 -80.74 49.77 -17.60
C GLN C 92 -80.54 49.65 -16.10
N TRP C 93 -80.09 48.49 -15.63
CA TRP C 93 -79.92 48.28 -14.20
C TRP C 93 -78.76 49.14 -13.67
N GLU C 94 -78.86 49.55 -12.41
CA GLU C 94 -77.89 50.46 -11.81
C GLU C 94 -76.65 49.73 -11.29
N ARG C 95 -76.74 48.42 -11.09
CA ARG C 95 -75.64 47.63 -10.53
C ARG C 95 -75.48 46.28 -11.21
N ILE C 96 -74.24 45.78 -11.19
CA ILE C 96 -73.92 44.47 -11.71
C ILE C 96 -73.08 43.73 -10.68
N HIS C 97 -73.43 42.49 -10.37
CA HIS C 97 -72.58 41.60 -9.58
C HIS C 97 -71.91 40.57 -10.49
N PHE C 98 -70.72 40.15 -10.13
CA PHE C 98 -70.08 38.96 -10.65
C PHE C 98 -69.84 37.99 -9.50
N TYR C 99 -70.12 36.71 -9.72
CA TYR C 99 -69.66 35.63 -8.84
C TYR C 99 -69.19 34.49 -9.71
N ASP C 100 -68.08 33.84 -9.40
CA ASP C 100 -67.79 32.68 -10.23
C ASP C 100 -68.70 31.51 -9.90
N ALA C 101 -68.98 30.73 -10.94
CA ALA C 101 -70.08 29.80 -10.94
C ALA C 101 -69.89 28.60 -10.03
N ASP C 102 -68.64 28.28 -9.69
CA ASP C 102 -68.29 27.09 -8.90
C ASP C 102 -68.29 27.26 -7.38
N ILE C 103 -68.72 28.42 -6.89
CA ILE C 103 -68.79 28.67 -5.45
C ILE C 103 -69.87 27.78 -4.82
N THR C 104 -69.51 27.01 -3.81
CA THR C 104 -70.44 26.05 -3.17
C THR C 104 -71.09 26.60 -1.90
N SER C 105 -70.70 27.79 -1.46
CA SER C 105 -71.22 28.40 -0.23
C SER C 105 -72.12 29.62 -0.49
N PHE C 106 -72.48 29.86 -1.77
CA PHE C 106 -73.26 31.02 -2.19
C PHE C 106 -74.63 31.09 -1.54
N GLY C 107 -74.97 32.27 -1.04
CA GLY C 107 -76.27 32.51 -0.43
C GLY C 107 -76.75 33.93 -0.65
N PRO C 108 -78.01 34.19 -0.34
CA PRO C 108 -78.61 35.51 -0.57
C PRO C 108 -77.91 36.65 0.18
N ASP C 109 -77.29 36.33 1.31
CA ASP C 109 -76.59 37.35 2.10
C ASP C 109 -75.39 37.97 1.40
N TRP C 110 -74.74 37.21 0.52
CA TRP C 110 -73.65 37.73 -0.32
C TRP C 110 -74.16 38.90 -1.16
N ILE C 111 -75.30 38.69 -1.79
CA ILE C 111 -75.95 39.72 -2.59
C ILE C 111 -76.37 40.91 -1.73
N THR C 112 -77.00 40.62 -0.60
CA THR C 112 -77.52 41.66 0.29
C THR C 112 -76.40 42.56 0.80
N LYS C 113 -75.29 41.96 1.23
CA LYS C 113 -74.17 42.70 1.79
C LYS C 113 -73.63 43.72 0.77
N ALA C 114 -73.47 43.29 -0.48
CA ALA C 114 -72.96 44.16 -1.52
C ALA C 114 -73.96 45.24 -1.91
N GLU C 115 -75.24 44.88 -2.00
CA GLU C 115 -76.29 45.83 -2.36
C GLU C 115 -76.43 46.94 -1.29
N GLU C 116 -76.34 46.56 -0.02
CA GLU C 116 -76.51 47.52 1.08
C GLU C 116 -75.32 48.48 1.19
N ALA C 117 -74.12 47.97 0.92
CA ALA C 117 -72.93 48.81 0.86
C ALA C 117 -73.05 49.78 -0.29
N ALA C 118 -73.54 49.29 -1.42
CA ALA C 118 -73.74 50.14 -2.59
C ALA C 118 -74.79 51.23 -2.34
N ASP C 119 -75.74 50.98 -1.44
CA ASP C 119 -76.75 52.01 -1.07
C ASP C 119 -76.11 53.24 -0.44
N PHE C 120 -74.93 53.09 0.15
CA PHE C 120 -74.22 54.22 0.76
C PHE C 120 -73.22 54.90 -0.20
N GLY C 121 -73.24 54.53 -1.46
CA GLY C 121 -72.51 55.25 -2.48
C GLY C 121 -71.18 54.67 -2.93
N TYR C 122 -70.77 53.52 -2.37
CA TYR C 122 -69.54 52.87 -2.83
C TYR C 122 -69.70 52.44 -4.29
N GLY C 123 -68.71 52.81 -5.12
CA GLY C 123 -68.70 52.45 -6.53
C GLY C 123 -68.38 51.01 -6.82
N LEU C 124 -67.62 50.38 -5.93
CA LEU C 124 -67.16 49.00 -6.10
C LEU C 124 -67.27 48.30 -4.76
N VAL C 125 -67.89 47.13 -4.73
CA VAL C 125 -67.90 46.31 -3.53
C VAL C 125 -67.20 45.01 -3.88
N ARG C 126 -66.17 44.67 -3.13
CA ARG C 126 -65.40 43.44 -3.34
C ARG C 126 -65.66 42.48 -2.18
N HIS C 127 -66.05 41.25 -2.48
CA HIS C 127 -66.17 40.21 -1.47
C HIS C 127 -64.81 39.53 -1.27
N TYR C 128 -64.39 39.42 -0.02
CA TYR C 128 -63.15 38.72 0.29
C TYR C 128 -63.36 37.65 1.36
N PHE C 129 -62.47 36.67 1.34
CA PHE C 129 -62.67 35.40 1.99
C PHE C 129 -61.43 34.98 2.78
N PRO C 130 -61.62 34.16 3.80
CA PRO C 130 -60.49 33.52 4.47
C PRO C 130 -59.84 32.54 3.51
N ARG C 131 -58.51 32.50 3.47
CA ARG C 131 -57.76 31.60 2.59
C ARG C 131 -56.72 30.83 3.40
N ALA C 132 -56.49 29.58 3.01
CA ALA C 132 -55.41 28.78 3.58
C ALA C 132 -54.04 29.43 3.35
N SER C 133 -53.07 29.10 4.20
CA SER C 133 -51.77 29.77 4.16
C SER C 133 -50.98 29.42 2.90
N THR C 134 -51.28 28.28 2.28
CA THR C 134 -50.62 27.86 1.05
C THR C 134 -51.52 27.97 -0.19
N ASP C 135 -52.68 28.61 -0.03
CA ASP C 135 -53.44 29.16 -1.16
C ASP C 135 -53.04 30.61 -1.39
N ALA C 136 -53.55 31.18 -2.47
CA ALA C 136 -53.43 32.60 -2.77
C ALA C 136 -51.97 33.01 -2.98
N MET C 137 -51.15 32.10 -3.48
CA MET C 137 -49.74 32.38 -3.73
C MET C 137 -49.46 33.29 -4.94
N ILE C 138 -50.38 33.33 -5.90
CA ILE C 138 -50.29 34.37 -6.94
C ILE C 138 -50.68 35.73 -6.35
N THR C 139 -51.80 35.76 -5.66
CA THR C 139 -52.26 36.98 -5.00
C THR C 139 -51.14 37.62 -4.18
N TRP C 140 -50.51 36.82 -3.33
CA TRP C 140 -49.49 37.37 -2.42
C TRP C 140 -48.16 37.65 -3.09
N MET C 141 -47.58 36.66 -3.76
CA MET C 141 -46.21 36.75 -4.28
C MET C 141 -46.08 37.47 -5.62
N ILE C 142 -47.20 37.60 -6.34
CA ILE C 142 -47.22 38.29 -7.62
C ILE C 142 -47.95 39.63 -7.57
N THR C 143 -49.25 39.60 -7.29
CA THR C 143 -50.11 40.78 -7.45
C THR C 143 -49.90 41.84 -6.34
N ARG C 144 -50.11 41.43 -5.10
CA ARG C 144 -49.93 42.35 -3.98
C ARG C 144 -48.47 42.77 -3.82
N THR C 145 -47.56 41.83 -3.99
CA THR C 145 -46.13 42.14 -4.01
C THR C 145 -45.83 43.20 -5.08
N GLY C 146 -46.34 42.99 -6.28
CA GLY C 146 -46.08 43.92 -7.35
C GLY C 146 -46.61 45.30 -7.05
N PHE C 147 -47.83 45.37 -6.54
CA PHE C 147 -48.46 46.64 -6.20
C PHE C 147 -47.66 47.35 -5.09
N ALA C 148 -47.12 46.58 -4.15
CA ALA C 148 -46.34 47.11 -3.05
C ALA C 148 -44.99 47.68 -3.51
N LEU C 149 -44.32 46.95 -4.41
CA LEU C 149 -42.98 47.33 -4.86
C LEU C 149 -43.00 48.55 -5.79
N LEU C 150 -44.07 48.68 -6.56
CA LEU C 150 -44.16 49.70 -7.61
C LEU C 150 -44.93 50.93 -7.17
N TRP C 151 -45.97 50.74 -6.35
CA TRP C 151 -46.83 51.83 -5.91
C TRP C 151 -47.08 51.82 -4.38
N PRO C 152 -46.02 51.93 -3.60
CA PRO C 152 -46.08 51.77 -2.14
C PRO C 152 -46.97 52.78 -1.39
N HIS C 153 -47.15 54.00 -1.94
CA HIS C 153 -47.94 55.04 -1.30
C HIS C 153 -49.42 55.03 -1.70
N THR C 154 -49.83 54.09 -2.54
CA THR C 154 -51.19 54.04 -3.04
C THR C 154 -51.99 52.96 -2.33
N GLU C 155 -53.28 52.93 -2.61
CA GLU C 155 -54.19 51.93 -2.07
C GLU C 155 -54.01 50.54 -2.67
N LEU C 156 -53.29 50.43 -3.80
CA LEU C 156 -53.28 49.20 -4.58
C LEU C 156 -52.98 47.94 -3.77
N SER C 157 -51.87 47.92 -3.03
CA SER C 157 -51.46 46.74 -2.32
C SER C 157 -52.30 46.50 -1.07
N TRP C 158 -53.17 47.45 -0.72
CA TRP C 158 -54.05 47.32 0.44
C TRP C 158 -55.40 46.69 0.09
N ILE C 159 -55.65 46.47 -1.19
CA ILE C 159 -56.81 45.69 -1.61
C ILE C 159 -56.54 44.22 -1.26
N GLU C 160 -57.45 43.60 -0.52
CA GLU C 160 -57.17 42.27 0.05
C GLU C 160 -57.05 41.15 -0.99
N GLN C 161 -58.02 41.09 -1.90
CA GLN C 161 -58.06 40.03 -2.89
C GLN C 161 -58.26 40.61 -4.28
N PRO C 162 -57.17 41.16 -4.81
CA PRO C 162 -57.23 41.88 -6.10
C PRO C 162 -57.55 40.98 -7.28
N LEU C 163 -57.36 39.67 -7.13
CA LEU C 163 -57.71 38.70 -8.16
C LEU C 163 -59.13 38.14 -7.98
N GLY C 164 -59.84 38.57 -6.95
CA GLY C 164 -61.17 38.06 -6.66
C GLY C 164 -62.21 38.44 -7.70
N GLY C 165 -63.03 37.47 -8.08
CA GLY C 165 -64.03 37.63 -9.11
C GLY C 165 -65.43 37.79 -8.54
N GLU C 166 -65.53 38.04 -7.24
CA GLU C 166 -66.81 38.25 -6.59
C GLU C 166 -66.85 39.71 -6.20
N LEU C 167 -67.73 40.45 -6.86
CA LEU C 167 -67.82 41.89 -6.64
C LEU C 167 -69.10 42.49 -7.23
N LEU C 168 -69.36 43.73 -6.86
CA LEU C 168 -70.48 44.50 -7.38
C LEU C 168 -69.92 45.83 -7.87
N MET C 169 -70.36 46.27 -9.04
CA MET C 169 -70.01 47.60 -9.56
C MET C 169 -71.26 48.39 -9.79
N ARG C 170 -71.26 49.68 -9.49
CA ARG C 170 -72.31 50.53 -10.03
C ARG C 170 -72.06 50.84 -11.51
N ARG C 171 -73.13 51.24 -12.18
CA ARG C 171 -73.16 51.34 -13.63
C ARG C 171 -72.02 52.23 -14.16
N GLU C 172 -71.82 53.36 -13.51
CA GLU C 172 -70.81 54.34 -13.93
C GLU C 172 -69.40 53.77 -13.86
N VAL C 173 -69.14 52.89 -12.89
CA VAL C 173 -67.86 52.21 -12.77
C VAL C 173 -67.68 51.18 -13.90
N ALA C 174 -68.73 50.41 -14.18
CA ALA C 174 -68.72 49.44 -15.25
C ALA C 174 -68.53 50.12 -16.59
N ALA C 175 -69.17 51.28 -16.79
CA ALA C 175 -69.02 52.03 -18.02
C ALA C 175 -67.56 52.46 -18.20
N MET C 176 -66.96 52.98 -17.14
CA MET C 176 -65.58 53.44 -17.19
C MET C 176 -64.62 52.30 -17.52
N LEU C 177 -64.78 51.15 -16.87
CA LEU C 177 -63.96 49.98 -17.16
C LEU C 177 -64.14 49.42 -18.58
N TYR C 178 -65.38 49.34 -19.04
CA TYR C 178 -65.64 48.86 -20.39
C TYR C 178 -65.02 49.77 -21.48
N GLU C 179 -65.00 51.07 -21.21
CA GLU C 179 -64.47 52.07 -22.15
C GLU C 179 -62.94 52.10 -22.16
N ASP C 180 -62.31 51.50 -21.16
CA ASP C 180 -60.87 51.59 -21.01
C ASP C 180 -60.17 50.52 -21.83
N GLU C 181 -59.33 50.92 -22.79
CA GLU C 181 -58.71 49.97 -23.72
C GLU C 181 -57.78 48.99 -23.02
N ARG C 182 -57.15 49.39 -21.91
CA ARG C 182 -56.28 48.47 -21.17
C ARG C 182 -57.08 47.31 -20.56
N VAL C 183 -58.28 47.63 -20.11
CA VAL C 183 -59.16 46.65 -19.50
C VAL C 183 -59.76 45.76 -20.59
N ARG C 184 -60.25 46.37 -21.67
CA ARG C 184 -60.90 45.65 -22.77
C ARG C 184 -59.96 44.64 -23.42
N ARG C 185 -58.68 44.97 -23.54
CA ARG C 185 -57.76 44.06 -24.18
C ARG C 185 -57.36 42.86 -23.31
N ARG C 186 -57.62 42.94 -22.00
CA ARG C 186 -57.15 41.95 -21.05
C ARG C 186 -58.12 40.79 -20.97
N SER C 187 -58.06 39.95 -22.00
CA SER C 187 -59.05 38.91 -22.21
C SER C 187 -58.79 37.65 -21.39
N ASP C 188 -57.61 37.57 -20.77
CA ASP C 188 -57.14 36.35 -20.12
C ASP C 188 -57.34 36.43 -18.58
N TRP C 189 -56.51 35.73 -17.80
CA TRP C 189 -56.61 35.77 -16.34
C TRP C 189 -56.25 37.13 -15.75
N GLY C 190 -55.62 37.99 -16.53
CA GLY C 190 -55.24 39.32 -16.06
C GLY C 190 -56.38 40.31 -15.81
N ILE C 191 -57.61 39.95 -16.17
CA ILE C 191 -58.75 40.89 -16.06
C ILE C 191 -58.97 41.41 -14.64
N ASP C 192 -58.91 40.53 -13.65
CA ASP C 192 -59.21 40.98 -12.27
C ASP C 192 -58.19 42.00 -11.76
N THR C 193 -56.93 41.81 -12.12
CA THR C 193 -55.86 42.78 -11.85
C THR C 193 -56.16 44.13 -12.47
N LEU C 194 -56.65 44.12 -13.72
CA LEU C 194 -56.95 45.38 -14.42
C LEU C 194 -58.15 46.09 -13.82
N TYR C 195 -59.19 45.34 -13.44
CA TYR C 195 -60.35 45.96 -12.78
C TYR C 195 -59.91 46.60 -11.48
N THR C 196 -59.07 45.88 -10.73
CA THR C 196 -58.59 46.39 -9.45
C THR C 196 -57.76 47.67 -9.68
N PHE C 197 -56.83 47.61 -10.61
CA PHE C 197 -55.86 48.68 -10.79
C PHE C 197 -56.55 49.93 -11.28
N VAL C 198 -57.46 49.78 -12.25
CA VAL C 198 -58.07 50.92 -12.89
C VAL C 198 -59.08 51.61 -11.99
N THR C 199 -59.83 50.83 -11.21
CA THR C 199 -60.74 51.45 -10.21
C THR C 199 -59.97 52.25 -9.17
N VAL C 200 -58.86 51.70 -8.68
CA VAL C 200 -58.01 52.44 -7.75
C VAL C 200 -57.39 53.70 -8.39
N GLN C 201 -56.85 53.57 -9.59
CA GLN C 201 -56.23 54.71 -10.29
C GLN C 201 -57.23 55.85 -10.53
N GLN C 202 -58.50 55.49 -10.74
CA GLN C 202 -59.55 56.46 -11.04
C GLN C 202 -60.25 56.94 -9.75
N GLY C 203 -59.81 56.43 -8.60
CA GLY C 203 -60.27 56.93 -7.32
C GLY C 203 -61.69 56.52 -6.95
N VAL C 204 -62.12 55.39 -7.48
CA VAL C 204 -63.43 54.81 -7.15
C VAL C 204 -63.46 54.42 -5.67
N SER C 205 -64.54 54.76 -4.98
CA SER C 205 -64.73 54.38 -3.58
C SER C 205 -64.99 52.87 -3.46
N ILE C 206 -64.21 52.21 -2.61
CA ILE C 206 -64.23 50.75 -2.52
C ILE C 206 -64.63 50.31 -1.13
N TYR C 207 -65.58 49.39 -1.07
CA TYR C 207 -65.94 48.69 0.17
C TYR C 207 -65.59 47.22 -0.02
N GLU C 208 -64.87 46.65 0.94
CA GLU C 208 -64.53 45.23 0.93
C GLU C 208 -65.37 44.56 2.00
N CYS C 209 -66.23 43.63 1.61
CA CYS C 209 -67.01 42.94 2.61
C CYS C 209 -66.55 41.51 2.80
N TYR C 210 -66.55 41.08 4.06
CA TYR C 210 -65.97 39.79 4.42
C TYR C 210 -67.04 38.72 4.41
N ILE C 211 -66.77 37.62 3.71
CA ILE C 211 -67.66 36.47 3.66
C ILE C 211 -66.97 35.35 4.44
N PRO C 212 -67.54 34.98 5.59
CA PRO C 212 -66.85 34.08 6.53
C PRO C 212 -66.52 32.66 6.07
N GLU C 213 -66.83 32.27 4.82
CA GLU C 213 -66.41 30.96 4.28
C GLU C 213 -66.00 31.06 2.80
N GLY C 214 -66.84 30.58 1.86
CA GLY C 214 -66.88 31.09 0.50
C GLY C 214 -66.24 30.40 -0.70
N LYS C 215 -64.94 30.62 -0.87
CA LYS C 215 -64.31 30.30 -2.12
C LYS C 215 -64.26 28.79 -2.40
N ALA C 216 -64.11 28.48 -3.69
CA ALA C 216 -63.91 27.10 -4.15
C ALA C 216 -62.43 26.71 -4.00
N HIS C 217 -62.21 25.52 -3.43
CA HIS C 217 -60.88 24.91 -3.39
C HIS C 217 -60.67 24.21 -4.73
N ARG C 218 -59.61 24.56 -5.45
CA ARG C 218 -59.26 23.85 -6.68
C ARG C 218 -58.90 22.41 -6.35
N LEU C 219 -58.90 21.54 -7.36
CA LEU C 219 -58.52 20.14 -7.17
C LEU C 219 -57.06 20.09 -6.66
N TYR C 220 -56.78 19.09 -5.84
CA TYR C 220 -55.45 18.93 -5.27
C TYR C 220 -54.45 18.68 -6.41
N GLY C 221 -53.42 19.52 -6.50
CA GLY C 221 -52.37 19.36 -7.50
C GLY C 221 -51.11 20.17 -7.23
N GLY C 222 -50.08 19.97 -8.06
CA GLY C 222 -48.90 20.81 -8.02
C GLY C 222 -49.21 22.25 -8.37
N LEU C 223 -48.26 23.14 -8.14
CA LEU C 223 -48.38 24.54 -8.54
C LEU C 223 -48.56 24.74 -10.05
N ASP C 224 -48.12 23.74 -10.81
CA ASP C 224 -48.40 23.51 -12.24
C ASP C 224 -49.81 23.90 -12.71
N ASP C 225 -50.80 23.54 -11.90
CA ASP C 225 -52.20 23.78 -12.25
C ASP C 225 -52.50 25.29 -12.34
N LEU C 226 -51.66 26.10 -11.73
CA LEU C 226 -51.80 27.55 -11.69
C LEU C 226 -50.83 28.27 -12.65
N ARG C 227 -50.07 27.53 -13.44
CA ARG C 227 -49.02 28.12 -14.27
C ARG C 227 -49.52 29.20 -15.23
N THR C 228 -50.60 28.92 -15.95
CA THR C 228 -51.13 29.89 -16.92
C THR C 228 -51.62 31.17 -16.20
N MET C 229 -52.33 30.97 -15.10
CA MET C 229 -52.79 32.10 -14.31
C MET C 229 -51.61 32.95 -13.80
N LEU C 230 -50.55 32.29 -13.36
CA LEU C 230 -49.34 32.96 -12.92
C LEU C 230 -48.73 33.87 -13.97
N VAL C 231 -48.49 33.31 -15.16
CA VAL C 231 -47.81 34.08 -16.21
C VAL C 231 -48.69 35.24 -16.66
N GLU C 232 -49.99 35.06 -16.64
CA GLU C 232 -50.92 36.11 -17.10
C GLU C 232 -51.11 37.19 -16.05
N CYS C 233 -51.11 36.79 -14.78
CA CYS C 233 -51.21 37.76 -13.70
C CYS C 233 -49.94 38.60 -13.59
N PHE C 234 -48.79 37.96 -13.76
CA PHE C 234 -47.55 38.72 -13.76
C PHE C 234 -47.50 39.69 -14.95
N ALA C 235 -47.87 39.20 -16.13
CA ALA C 235 -47.87 40.02 -17.33
C ALA C 235 -48.72 41.26 -17.15
N ALA C 236 -49.84 41.11 -16.46
CA ALA C 236 -50.74 42.22 -16.22
C ALA C 236 -50.04 43.29 -15.37
N ILE C 237 -49.37 42.89 -14.29
CA ILE C 237 -48.60 43.84 -13.48
C ILE C 237 -47.53 44.52 -14.32
N GLN C 238 -46.77 43.72 -15.06
CA GLN C 238 -45.70 44.23 -15.91
C GLN C 238 -46.22 45.26 -16.93
N SER C 239 -47.42 45.03 -17.44
CA SER C 239 -48.00 45.89 -18.46
C SER C 239 -48.36 47.26 -17.88
N LEU C 240 -48.52 47.30 -16.56
CA LEU C 240 -48.94 48.51 -15.87
C LEU C 240 -47.81 49.29 -15.21
N GLN C 241 -46.59 48.76 -15.26
CA GLN C 241 -45.52 49.21 -14.38
C GLN C 241 -45.11 50.69 -14.51
N HIS C 242 -45.39 51.31 -15.65
CA HIS C 242 -45.03 52.72 -15.88
C HIS C 242 -46.19 53.67 -15.60
N GLU C 243 -47.32 53.14 -15.15
CA GLU C 243 -48.47 53.95 -14.83
C GLU C 243 -48.24 54.80 -13.57
N VAL C 244 -48.87 55.97 -13.55
CA VAL C 244 -48.86 56.88 -12.42
C VAL C 244 -50.19 56.68 -11.66
N VAL C 245 -50.09 56.48 -10.35
CA VAL C 245 -51.23 56.28 -9.48
C VAL C 245 -51.12 57.27 -8.32
N GLY C 246 -52.21 57.99 -8.06
CA GLY C 246 -52.24 59.03 -7.06
C GLY C 246 -52.50 58.53 -5.66
N GLN C 247 -52.80 59.47 -4.76
CA GLN C 247 -53.03 59.15 -3.36
C GLN C 247 -54.34 58.37 -3.14
N PRO C 248 -54.43 57.66 -2.02
CA PRO C 248 -55.63 56.88 -1.68
C PRO C 248 -56.93 57.69 -1.70
N ALA C 249 -57.98 57.06 -2.21
CA ALA C 249 -59.34 57.58 -2.13
C ALA C 249 -60.07 56.80 -1.02
N ILE C 250 -61.39 56.68 -1.10
CA ILE C 250 -62.15 56.04 -0.02
C ILE C 250 -62.02 54.52 -0.12
N HIS C 251 -61.58 53.92 0.97
CA HIS C 251 -61.45 52.47 1.05
C HIS C 251 -61.90 52.05 2.45
N ARG C 252 -63.01 51.33 2.51
CA ARG C 252 -63.57 50.81 3.77
C ARG C 252 -63.48 49.30 3.68
N GLN C 253 -63.03 48.67 4.73
CA GLN C 253 -62.78 47.23 4.73
C GLN C 253 -63.33 46.59 6.00
N GLU C 254 -64.37 45.76 5.85
CA GLU C 254 -64.89 44.99 6.96
C GLU C 254 -63.77 44.22 7.66
N HIS C 255 -63.73 44.29 8.98
CA HIS C 255 -62.74 43.54 9.76
C HIS C 255 -62.98 42.03 9.62
N PRO C 256 -61.95 41.26 9.30
CA PRO C 256 -62.10 39.82 9.11
C PRO C 256 -62.53 39.11 10.38
N HIS C 257 -63.46 38.18 10.25
CA HIS C 257 -63.89 37.34 11.35
C HIS C 257 -62.80 36.29 11.60
N ARG C 258 -63.02 35.44 12.59
CA ARG C 258 -62.11 34.34 12.86
C ARG C 258 -62.07 33.34 11.68
N VAL C 259 -60.87 32.89 11.33
CA VAL C 259 -60.70 31.94 10.21
C VAL C 259 -61.37 30.59 10.60
N PRO C 260 -62.15 29.98 9.71
CA PRO C 260 -62.71 28.65 10.01
C PRO C 260 -61.56 27.64 10.14
N VAL C 261 -61.72 26.67 11.02
CA VAL C 261 -60.62 25.75 11.34
C VAL C 261 -60.18 24.98 10.09
N HIS C 262 -61.14 24.50 9.29
CA HIS C 262 -60.80 23.72 8.09
C HIS C 262 -60.03 24.52 7.06
N ILE C 263 -60.18 25.85 7.06
CA ILE C 263 -59.37 26.69 6.20
C ILE C 263 -57.95 26.84 6.77
N ALA C 264 -57.84 27.11 8.06
CA ALA C 264 -56.54 27.24 8.74
C ALA C 264 -55.72 25.97 8.65
N GLU C 265 -56.39 24.82 8.57
CA GLU C 265 -55.72 23.52 8.56
C GLU C 265 -55.61 22.91 7.14
N ARG C 266 -55.98 23.67 6.12
CA ARG C 266 -55.90 23.19 4.74
C ARG C 266 -54.49 23.36 4.16
N VAL C 267 -54.07 22.41 3.34
CA VAL C 267 -52.86 22.51 2.52
C VAL C 267 -53.25 22.71 1.06
N GLY C 268 -52.75 23.76 0.45
CA GLY C 268 -53.26 24.24 -0.84
C GLY C 268 -52.64 23.63 -2.09
N TYR C 269 -51.54 22.88 -1.96
CA TYR C 269 -50.89 22.24 -3.10
C TYR C 269 -50.11 20.98 -2.69
N ASP C 270 -49.80 20.15 -3.70
CA ASP C 270 -49.06 18.91 -3.54
C ASP C 270 -47.56 19.23 -3.61
N VAL C 271 -46.89 19.13 -2.48
CA VAL C 271 -45.49 19.54 -2.36
C VAL C 271 -44.59 18.63 -3.16
N GLU C 272 -44.81 17.32 -3.09
CA GLU C 272 -43.98 16.37 -3.83
C GLU C 272 -44.04 16.64 -5.34
N ALA C 273 -45.24 16.82 -5.87
CA ALA C 273 -45.42 17.07 -7.31
C ALA C 273 -44.75 18.36 -7.71
N THR C 274 -44.82 19.35 -6.83
CA THR C 274 -44.25 20.67 -7.08
C THR C 274 -42.71 20.63 -7.16
N LEU C 275 -42.12 19.82 -6.28
CA LEU C 275 -40.67 19.61 -6.25
C LEU C 275 -40.19 18.90 -7.50
N HIS C 276 -40.92 17.88 -7.92
CA HIS C 276 -40.59 17.14 -9.14
C HIS C 276 -40.65 18.05 -10.37
N ARG C 277 -41.72 18.84 -10.45
CA ARG C 277 -41.98 19.66 -11.61
C ARG C 277 -40.92 20.78 -11.77
N LEU C 278 -40.33 21.18 -10.65
CA LEU C 278 -39.21 22.10 -10.61
C LEU C 278 -37.95 21.58 -11.34
N MET C 279 -37.80 20.26 -11.44
CA MET C 279 -36.70 19.63 -12.14
C MET C 279 -36.98 19.31 -13.62
N GLN C 280 -38.17 19.67 -14.10
CA GLN C 280 -38.60 19.30 -15.44
C GLN C 280 -38.62 20.50 -16.38
N HIS C 281 -38.67 20.20 -17.68
CA HIS C 281 -38.82 21.19 -18.75
C HIS C 281 -37.72 22.25 -18.78
N TRP C 282 -36.50 21.84 -18.43
CA TRP C 282 -35.35 22.72 -18.53
C TRP C 282 -34.89 22.76 -19.98
N THR C 283 -34.17 23.82 -20.28
CA THR C 283 -33.79 24.19 -21.64
C THR C 283 -32.50 25.01 -21.52
N PRO C 284 -31.55 24.81 -22.43
CA PRO C 284 -30.33 25.65 -22.42
C PRO C 284 -30.63 27.16 -22.35
N ARG C 285 -31.65 27.64 -23.06
CA ARG C 285 -32.02 29.06 -22.98
C ARG C 285 -32.46 29.51 -21.57
N GLN C 286 -33.17 28.66 -20.84
CA GLN C 286 -33.55 28.98 -19.47
C GLN C 286 -32.30 29.16 -18.63
N VAL C 287 -31.31 28.28 -18.84
CA VAL C 287 -30.07 28.34 -18.08
C VAL C 287 -29.35 29.66 -18.35
N GLU C 288 -29.35 30.08 -19.62
CA GLU C 288 -28.66 31.29 -20.07
C GLU C 288 -29.38 32.56 -19.57
N LEU C 289 -30.71 32.54 -19.56
CA LEU C 289 -31.52 33.68 -19.10
C LEU C 289 -31.28 34.01 -17.63
N LEU C 290 -30.88 33.01 -16.84
CA LEU C 290 -30.56 33.23 -15.43
C LEU C 290 -29.35 34.14 -15.18
N GLU C 291 -28.51 34.35 -16.19
CA GLU C 291 -27.44 35.34 -16.10
C GLU C 291 -27.94 36.75 -15.79
N LEU C 292 -29.21 37.03 -16.11
CA LEU C 292 -29.82 38.31 -15.79
C LEU C 292 -30.14 38.50 -14.30
N PHE C 293 -30.11 37.41 -13.53
CA PHE C 293 -30.54 37.44 -12.12
C PHE C 293 -29.35 37.54 -11.17
N THR C 294 -29.62 37.79 -9.89
CA THR C 294 -28.55 37.88 -8.89
C THR C 294 -27.88 36.52 -8.73
N THR C 295 -26.64 36.54 -8.29
CA THR C 295 -25.85 35.32 -8.18
C THR C 295 -26.54 34.21 -7.37
N PRO C 296 -27.07 34.52 -6.19
CA PRO C 296 -27.74 33.48 -5.39
C PRO C 296 -28.96 32.87 -6.11
N VAL C 297 -29.71 33.68 -6.85
CA VAL C 297 -30.87 33.18 -7.59
C VAL C 297 -30.48 32.40 -8.84
N ARG C 298 -29.48 32.90 -9.55
CA ARG C 298 -28.93 32.20 -10.71
C ARG C 298 -28.43 30.80 -10.32
N GLU C 299 -27.61 30.74 -9.28
CA GLU C 299 -27.02 29.47 -8.83
C GLU C 299 -28.06 28.57 -8.16
N GLY C 300 -29.02 29.16 -7.45
CA GLY C 300 -30.06 28.38 -6.79
C GLY C 300 -30.97 27.70 -7.79
N LEU C 301 -31.47 28.46 -8.76
CA LEU C 301 -32.38 27.85 -9.75
C LEU C 301 -31.64 26.86 -10.65
N ARG C 302 -30.39 27.15 -11.00
CA ARG C 302 -29.60 26.21 -11.80
C ARG C 302 -29.44 24.87 -11.11
N THR C 303 -29.36 24.89 -9.79
CA THR C 303 -29.28 23.66 -9.00
C THR C 303 -30.50 22.76 -9.23
N CYS C 304 -31.65 23.38 -9.51
CA CYS C 304 -32.90 22.67 -9.75
C CYS C 304 -32.89 21.76 -10.97
N GLN C 305 -31.83 21.81 -11.78
CA GLN C 305 -31.65 20.85 -12.85
C GLN C 305 -31.32 19.47 -12.32
N ARG C 306 -30.72 19.40 -11.13
CA ARG C 306 -30.26 18.14 -10.54
C ARG C 306 -31.05 17.77 -9.27
N ARG C 307 -31.52 18.76 -8.53
CA ARG C 307 -32.33 18.51 -7.34
C ARG C 307 -33.04 19.79 -6.88
N PRO C 308 -34.14 19.65 -6.13
CA PRO C 308 -34.94 20.80 -5.74
C PRO C 308 -34.16 21.71 -4.79
N ALA C 309 -34.13 22.99 -5.10
CA ALA C 309 -33.50 23.98 -4.24
C ALA C 309 -34.42 25.18 -4.13
N PHE C 310 -34.54 25.73 -2.93
CA PHE C 310 -35.41 26.86 -2.67
C PHE C 310 -35.06 27.70 -1.44
N ASN C 311 -34.16 27.24 -0.58
CA ASN C 311 -33.73 28.02 0.58
C ASN C 311 -33.21 29.42 0.18
N PHE C 312 -32.64 29.53 -1.01
CA PHE C 312 -32.13 30.81 -1.52
C PHE C 312 -33.22 31.86 -1.78
N MET C 313 -34.46 31.42 -2.02
CA MET C 313 -35.51 32.32 -2.48
C MET C 313 -36.29 32.93 -1.33
N ASP C 314 -35.59 33.72 -0.53
CA ASP C 314 -36.19 34.39 0.58
C ASP C 314 -36.85 35.68 0.09
N GLU C 315 -37.41 36.44 1.02
CA GLU C 315 -38.18 37.64 0.73
C GLU C 315 -37.37 38.67 -0.07
N MET C 316 -36.13 38.90 0.33
CA MET C 316 -35.25 39.87 -0.34
C MET C 316 -34.86 39.40 -1.75
N ALA C 317 -34.54 38.12 -1.88
CA ALA C 317 -34.19 37.56 -3.19
C ALA C 317 -35.36 37.61 -4.15
N TRP C 318 -36.56 37.41 -3.63
CA TRP C 318 -37.74 37.46 -4.45
C TRP C 318 -37.99 38.88 -4.98
N ALA C 319 -37.79 39.88 -4.15
CA ALA C 319 -37.99 41.24 -4.60
C ALA C 319 -37.00 41.60 -5.70
N ALA C 320 -35.74 41.17 -5.55
CA ALA C 320 -34.72 41.41 -6.57
C ALA C 320 -35.08 40.71 -7.87
N THR C 321 -35.56 39.47 -7.74
CA THR C 321 -36.01 38.66 -8.85
C THR C 321 -37.20 39.31 -9.57
N TYR C 322 -38.13 39.83 -8.80
CA TYR C 322 -39.31 40.52 -9.32
C TYR C 322 -38.91 41.69 -10.24
N HIS C 323 -37.94 42.52 -9.80
CA HIS C 323 -37.50 43.67 -10.61
C HIS C 323 -36.83 43.25 -11.92
N VAL C 324 -36.05 42.17 -11.89
CA VAL C 324 -35.42 41.65 -13.10
C VAL C 324 -36.50 41.15 -14.08
N LEU C 325 -37.50 40.43 -13.57
CA LEU C 325 -38.63 39.96 -14.37
C LEU C 325 -39.42 41.13 -14.97
N LEU C 326 -39.63 42.20 -14.21
CA LEU C 326 -40.37 43.34 -14.71
C LEU C 326 -39.68 43.91 -15.95
N GLU C 327 -38.35 43.92 -15.93
CA GLU C 327 -37.59 44.47 -17.04
C GLU C 327 -37.53 43.51 -18.23
N HIS C 328 -37.31 42.22 -17.98
CA HIS C 328 -36.87 41.31 -19.03
C HIS C 328 -37.86 40.21 -19.44
N PHE C 329 -38.79 39.85 -18.57
CA PHE C 329 -39.80 38.84 -18.89
C PHE C 329 -40.59 39.21 -20.16
N GLN C 330 -40.77 38.22 -21.03
CA GLN C 330 -41.51 38.38 -22.28
C GLN C 330 -42.71 37.43 -22.27
N PRO C 331 -43.91 37.96 -22.07
CA PRO C 331 -45.12 37.12 -22.14
C PRO C 331 -45.18 36.45 -23.51
N GLY C 332 -45.57 35.18 -23.53
CA GLY C 332 -45.63 34.41 -24.76
C GLY C 332 -44.34 33.68 -25.11
N ASP C 333 -43.19 34.08 -24.55
CA ASP C 333 -41.95 33.34 -24.82
C ASP C 333 -41.94 32.11 -23.91
N PRO C 334 -41.90 30.90 -24.49
CA PRO C 334 -41.98 29.68 -23.67
C PRO C 334 -40.92 29.58 -22.58
N ASP C 335 -39.67 29.97 -22.88
CA ASP C 335 -38.59 29.92 -21.90
C ASP C 335 -38.76 30.92 -20.76
N TRP C 336 -39.21 32.14 -21.07
CA TRP C 336 -39.50 33.13 -20.04
C TRP C 336 -40.64 32.70 -19.14
N GLU C 337 -41.68 32.14 -19.73
CA GLU C 337 -42.83 31.70 -18.97
C GLU C 337 -42.43 30.56 -18.02
N GLU C 338 -41.63 29.63 -18.51
CA GLU C 338 -41.14 28.53 -17.67
C GLU C 338 -40.21 29.02 -16.56
N LEU C 339 -39.34 29.98 -16.86
CA LEU C 339 -38.45 30.52 -15.83
C LEU C 339 -39.22 31.23 -14.74
N LEU C 340 -40.21 32.04 -15.14
CA LEU C 340 -41.11 32.66 -14.16
C LEU C 340 -41.77 31.61 -13.30
N PHE C 341 -42.28 30.56 -13.91
CA PHE C 341 -42.94 29.51 -13.17
C PHE C 341 -41.99 28.84 -12.15
N LYS C 342 -40.77 28.52 -12.56
CA LYS C 342 -39.79 27.91 -11.68
C LYS C 342 -39.37 28.86 -10.55
N LEU C 343 -39.19 30.14 -10.87
CA LEU C 343 -38.73 31.09 -9.87
C LEU C 343 -39.82 31.25 -8.79
N TRP C 344 -41.06 31.43 -9.24
CA TRP C 344 -42.20 31.53 -8.35
C TRP C 344 -42.37 30.26 -7.51
N THR C 345 -42.16 29.10 -8.12
CA THR C 345 -42.22 27.83 -7.39
C THR C 345 -41.24 27.83 -6.21
N THR C 346 -40.01 28.29 -6.44
CA THR C 346 -39.02 28.28 -5.37
C THR C 346 -39.43 29.25 -4.27
N ARG C 347 -40.03 30.38 -4.63
CA ARG C 347 -40.47 31.32 -3.63
C ARG C 347 -41.59 30.73 -2.78
N VAL C 348 -42.55 30.07 -3.42
CA VAL C 348 -43.65 29.42 -2.70
C VAL C 348 -43.14 28.30 -1.79
N LEU C 349 -42.21 27.50 -2.28
CA LEU C 349 -41.63 26.44 -1.47
C LEU C 349 -40.90 26.99 -0.25
N ASN C 350 -40.14 28.07 -0.46
CA ASN C 350 -39.39 28.71 0.63
C ASN C 350 -40.34 29.24 1.69
N TYR C 351 -41.32 30.01 1.25
CA TYR C 351 -42.38 30.51 2.13
C TYR C 351 -43.07 29.36 2.88
N THR C 352 -43.36 28.27 2.19
CA THR C 352 -44.05 27.15 2.80
C THR C 352 -43.25 26.59 3.98
N MET C 353 -41.94 26.37 3.77
CA MET C 353 -41.12 25.70 4.80
C MET C 353 -40.65 26.66 5.88
N THR C 354 -40.48 27.94 5.57
CA THR C 354 -39.97 28.90 6.54
C THR C 354 -41.07 29.71 7.23
N VAL C 355 -42.26 29.74 6.65
CA VAL C 355 -43.37 30.54 7.17
C VAL C 355 -44.62 29.68 7.45
N ALA C 356 -45.23 29.08 6.43
CA ALA C 356 -46.48 28.32 6.59
C ALA C 356 -46.40 27.19 7.63
N LEU C 357 -45.23 26.53 7.66
CA LEU C 357 -44.98 25.44 8.58
C LEU C 357 -44.93 25.90 10.05
N ARG C 358 -44.77 27.20 10.27
CA ARG C 358 -44.83 27.74 11.62
C ARG C 358 -46.27 27.99 12.10
N GLY C 359 -47.27 27.77 11.26
CA GLY C 359 -48.67 27.86 11.67
C GLY C 359 -49.36 29.01 10.98
N TYR C 360 -50.70 28.94 10.99
CA TYR C 360 -51.53 29.86 10.25
C TYR C 360 -51.37 31.30 10.74
N ASP C 361 -51.32 31.51 12.04
CA ASP C 361 -51.23 32.88 12.58
C ASP C 361 -49.86 33.52 12.24
N TYR C 362 -48.79 32.73 12.33
CA TYR C 362 -47.47 33.22 11.92
C TYR C 362 -47.46 33.60 10.44
N ALA C 363 -48.13 32.80 9.61
CA ALA C 363 -48.14 33.07 8.17
C ALA C 363 -48.90 34.33 7.86
N GLN C 364 -50.02 34.56 8.53
CA GLN C 364 -50.80 35.76 8.31
C GLN C 364 -49.98 37.01 8.66
N GLN C 365 -49.37 37.05 9.84
CA GLN C 365 -48.57 38.22 10.22
C GLN C 365 -47.42 38.42 9.24
N TYR C 366 -46.79 37.33 8.85
CA TYR C 366 -45.68 37.36 7.92
C TYR C 366 -46.09 38.01 6.61
N LEU C 367 -47.23 37.62 6.05
CA LEU C 367 -47.61 38.05 4.72
C LEU C 367 -47.93 39.55 4.70
N TYR C 368 -48.69 40.01 5.70
CA TYR C 368 -49.04 41.42 5.80
C TYR C 368 -47.83 42.29 6.08
N ARG C 369 -46.92 41.80 6.93
CA ARG C 369 -45.72 42.56 7.24
C ARG C 369 -44.70 42.51 6.09
N MET C 370 -44.70 41.42 5.32
CA MET C 370 -43.91 41.31 4.08
C MET C 370 -44.28 42.46 3.14
N LEU C 371 -45.56 42.69 2.93
CA LEU C 371 -45.98 43.80 2.10
C LEU C 371 -45.54 45.15 2.69
N GLY C 372 -45.63 45.28 4.01
CA GLY C 372 -45.18 46.49 4.69
C GLY C 372 -43.70 46.77 4.49
N ARG C 373 -42.89 45.71 4.59
CA ARG C 373 -41.45 45.78 4.33
C ARG C 373 -41.14 46.15 2.87
N TYR C 374 -41.87 45.56 1.93
CA TYR C 374 -41.69 45.87 0.52
C TYR C 374 -42.03 47.34 0.21
N ARG C 375 -43.14 47.83 0.76
CA ARG C 375 -43.53 49.22 0.56
C ARG C 375 -42.52 50.20 1.11
N TYR C 376 -42.09 49.93 2.33
CA TYR C 376 -41.13 50.77 3.04
C TYR C 376 -39.82 50.86 2.24
N GLN C 377 -39.30 49.70 1.84
CA GLN C 377 -38.06 49.62 1.07
C GLN C 377 -38.20 50.34 -0.26
N ALA C 378 -39.34 50.15 -0.92
CA ALA C 378 -39.60 50.79 -2.21
C ALA C 378 -39.67 52.30 -2.11
N ALA C 379 -40.25 52.80 -1.04
CA ALA C 379 -40.39 54.24 -0.83
C ALA C 379 -39.05 54.90 -0.46
N LEU C 380 -38.16 54.11 0.14
CA LEU C 380 -36.82 54.57 0.54
C LEU C 380 -35.87 54.67 -0.63
N GLU C 381 -36.11 53.88 -1.68
CA GLU C 381 -35.22 53.80 -2.84
C GLU C 381 -35.48 54.99 -3.78
N ASN C 382 -36.64 55.31 -4.11
N SER D 2 -30.32 13.36 47.97
CA SER D 2 -30.34 12.76 46.61
C SER D 2 -29.08 13.08 45.83
N LEU D 3 -28.79 12.25 44.82
CA LEU D 3 -27.70 12.48 43.87
C LEU D 3 -28.29 13.03 42.58
N VAL D 4 -27.71 14.10 42.05
CA VAL D 4 -28.11 14.67 40.77
C VAL D 4 -26.94 14.49 39.82
N VAL D 5 -27.22 13.91 38.66
CA VAL D 5 -26.21 13.54 37.69
C VAL D 5 -26.40 14.32 36.39
N PHE D 6 -25.31 14.93 35.92
CA PHE D 6 -25.26 15.55 34.62
C PHE D 6 -24.25 14.80 33.74
N PRO D 7 -24.72 13.94 32.85
CA PRO D 7 -23.84 13.38 31.83
C PRO D 7 -23.52 14.47 30.82
N PHE D 8 -22.26 14.56 30.41
CA PHE D 8 -21.85 15.56 29.44
C PHE D 8 -20.80 15.00 28.48
N LYS D 9 -20.75 15.62 27.31
CA LYS D 9 -19.76 15.32 26.28
C LYS D 9 -19.08 16.64 25.93
N HIS D 10 -19.60 17.40 24.96
CA HIS D 10 -18.97 18.65 24.54
C HIS D 10 -19.85 19.90 24.71
N GLU D 11 -20.88 19.81 25.53
CA GLU D 11 -21.80 20.93 25.76
C GLU D 11 -21.02 22.08 26.38
N HIS D 12 -21.53 23.30 26.22
CA HIS D 12 -20.81 24.49 26.69
C HIS D 12 -20.71 24.42 28.22
N PRO D 13 -19.51 24.58 28.76
CA PRO D 13 -19.31 24.43 30.21
C PRO D 13 -20.03 25.46 31.08
N GLU D 14 -20.23 26.68 30.58
CA GLU D 14 -20.88 27.73 31.38
C GLU D 14 -22.34 27.40 31.70
N VAL D 15 -23.07 26.86 30.74
CA VAL D 15 -24.46 26.45 30.98
C VAL D 15 -24.50 25.23 31.91
N LEU D 16 -23.57 24.30 31.72
CA LEU D 16 -23.48 23.12 32.57
C LEU D 16 -23.20 23.52 34.02
N LEU D 17 -22.22 24.39 34.22
CA LEU D 17 -21.81 24.80 35.56
C LEU D 17 -22.88 25.60 36.28
N HIS D 18 -23.67 26.36 35.53
CA HIS D 18 -24.84 27.04 36.07
C HIS D 18 -25.85 26.01 36.60
N ASN D 19 -26.10 24.98 35.80
CA ASN D 19 -27.04 23.92 36.21
C ASN D 19 -26.54 23.11 37.41
N VAL D 20 -25.26 22.77 37.43
CA VAL D 20 -24.63 22.11 38.58
C VAL D 20 -24.80 22.94 39.84
N ARG D 21 -24.64 24.25 39.72
CA ARG D 21 -24.77 25.17 40.85
C ARG D 21 -26.22 25.21 41.36
N VAL D 22 -27.18 25.19 40.44
CA VAL D 22 -28.59 25.11 40.80
C VAL D 22 -28.88 23.82 41.59
N ALA D 23 -28.37 22.68 41.10
CA ALA D 23 -28.60 21.41 41.77
C ALA D 23 -27.94 21.37 43.14
N ALA D 24 -26.71 21.87 43.21
CA ALA D 24 -25.93 21.84 44.43
C ALA D 24 -26.55 22.69 45.55
N ALA D 25 -27.22 23.78 45.17
CA ALA D 25 -27.80 24.71 46.14
C ALA D 25 -29.18 24.27 46.63
N HIS D 26 -29.76 23.24 45.98
CA HIS D 26 -31.08 22.75 46.35
C HIS D 26 -31.01 21.98 47.68
N PRO D 27 -31.91 22.29 48.62
CA PRO D 27 -31.87 21.66 49.96
C PRO D 27 -32.02 20.12 49.97
N ARG D 28 -32.63 19.54 48.94
CA ARG D 28 -32.83 18.09 48.91
C ARG D 28 -31.73 17.30 48.19
N VAL D 29 -30.77 18.03 47.61
CA VAL D 29 -29.66 17.43 46.88
C VAL D 29 -28.43 17.38 47.79
N HIS D 30 -27.91 16.17 48.00
CA HIS D 30 -26.75 15.95 48.88
C HIS D 30 -25.44 15.68 48.13
N GLU D 31 -25.53 15.52 46.80
CA GLU D 31 -24.34 15.35 45.96
C GLU D 31 -24.68 15.57 44.48
N VAL D 32 -23.75 16.20 43.75
CA VAL D 32 -23.85 16.32 42.30
C VAL D 32 -22.69 15.57 41.67
N LEU D 33 -23.01 14.77 40.65
CA LEU D 33 -22.02 14.03 39.88
C LEU D 33 -22.11 14.44 38.41
N CYS D 34 -20.99 14.87 37.84
CA CYS D 34 -20.91 15.09 36.41
C CYS D 34 -20.11 13.94 35.82
N ILE D 35 -20.69 13.20 34.88
CA ILE D 35 -20.01 12.11 34.21
C ILE D 35 -19.67 12.55 32.79
N GLY D 36 -18.37 12.67 32.51
CA GLY D 36 -17.91 13.13 31.21
C GLY D 36 -17.54 12.02 30.23
N TYR D 37 -17.67 12.33 28.95
CA TYR D 37 -17.33 11.44 27.85
C TYR D 37 -15.83 11.17 27.82
N GLU D 38 -15.05 12.23 27.91
CA GLU D 38 -13.59 12.16 27.85
C GLU D 38 -12.99 13.43 28.44
N ARG D 39 -11.67 13.42 28.65
CA ARG D 39 -10.96 14.59 29.14
C ARG D 39 -10.77 15.68 28.06
N ASP D 40 -11.86 16.31 27.65
CA ASP D 40 -11.83 17.40 26.69
C ASP D 40 -11.83 18.75 27.43
N GLN D 41 -12.12 19.83 26.71
CA GLN D 41 -12.15 21.18 27.28
C GLN D 41 -13.33 21.37 28.25
N THR D 42 -14.47 20.77 27.95
CA THR D 42 -15.61 20.80 28.86
C THR D 42 -15.24 20.13 30.19
N TYR D 43 -14.66 18.93 30.12
CA TYR D 43 -14.26 18.19 31.31
C TYR D 43 -13.34 18.98 32.21
N GLU D 44 -12.32 19.62 31.63
CA GLU D 44 -11.31 20.31 32.43
C GLU D 44 -11.92 21.54 33.11
N ALA D 45 -12.81 22.24 32.41
CA ALA D 45 -13.52 23.38 32.98
C ALA D 45 -14.40 22.97 34.17
N VAL D 46 -15.01 21.79 34.09
CA VAL D 46 -15.90 21.29 35.14
C VAL D 46 -15.10 20.83 36.36
N GLU D 47 -14.02 20.08 36.11
CA GLU D 47 -13.13 19.60 37.16
C GLU D 47 -12.54 20.78 37.96
N ARG D 48 -12.22 21.84 37.24
CA ARG D 48 -11.63 23.07 37.77
C ARG D 48 -12.63 23.88 38.60
N ALA D 49 -13.88 23.94 38.16
CA ALA D 49 -14.92 24.75 38.81
C ALA D 49 -15.58 24.06 40.01
N ALA D 50 -15.52 22.73 40.03
CA ALA D 50 -16.28 21.94 41.00
C ALA D 50 -15.94 22.22 42.46
N PRO D 51 -14.66 22.28 42.82
CA PRO D 51 -14.27 22.61 44.21
C PRO D 51 -14.93 23.88 44.78
N GLU D 52 -14.99 24.95 43.98
CA GLU D 52 -15.61 26.21 44.41
C GLU D 52 -17.12 26.05 44.59
N ILE D 53 -17.76 25.26 43.73
CA ILE D 53 -19.20 25.03 43.85
C ILE D 53 -19.52 24.27 45.13
N SER D 54 -18.69 23.28 45.46
CA SER D 54 -18.87 22.46 46.65
C SER D 54 -18.71 23.27 47.94
N ARG D 55 -17.79 24.22 47.90
CA ARG D 55 -17.48 25.06 49.05
C ARG D 55 -18.60 26.08 49.29
N ALA D 56 -19.13 26.65 48.21
CA ALA D 56 -20.16 27.69 48.29
C ALA D 56 -21.54 27.17 48.71
N THR D 57 -21.84 25.91 48.36
CA THR D 57 -23.14 25.31 48.61
C THR D 57 -23.14 24.32 49.76
N GLY D 58 -21.97 23.79 50.12
CA GLY D 58 -21.88 22.73 51.11
C GLY D 58 -22.28 21.36 50.57
N THR D 59 -22.50 21.28 49.26
CA THR D 59 -22.86 20.04 48.59
C THR D 59 -21.69 19.59 47.73
N PRO D 60 -21.17 18.39 47.95
CA PRO D 60 -20.02 17.91 47.17
C PRO D 60 -20.37 17.73 45.70
N VAL D 61 -19.51 18.23 44.83
CA VAL D 61 -19.62 18.08 43.39
C VAL D 61 -18.42 17.26 42.93
N SER D 62 -18.68 16.13 42.27
CA SER D 62 -17.62 15.25 41.79
C SER D 62 -17.70 15.16 40.29
N VAL D 63 -16.55 14.97 39.66
CA VAL D 63 -16.45 14.80 38.23
C VAL D 63 -15.72 13.50 37.94
N ARG D 64 -16.27 12.69 37.06
CA ARG D 64 -15.68 11.40 36.68
C ARG D 64 -15.84 11.13 35.20
N LEU D 65 -14.98 10.27 34.69
CA LEU D 65 -15.02 9.83 33.29
C LEU D 65 -15.98 8.67 33.20
N GLN D 66 -16.76 8.61 32.12
CA GLN D 66 -17.60 7.44 31.89
C GLN D 66 -16.75 6.19 31.72
N GLU D 67 -17.24 5.07 32.23
CA GLU D 67 -16.54 3.80 32.14
C GLU D 67 -17.09 3.03 30.95
N ARG D 68 -16.34 2.04 30.47
CA ARG D 68 -16.76 1.18 29.37
C ARG D 68 -17.46 -0.02 29.99
N LEU D 69 -18.79 0.04 30.02
CA LEU D 69 -19.60 -1.00 30.66
C LEU D 69 -20.39 -1.85 29.67
N GLY D 70 -20.69 -1.30 28.49
CA GLY D 70 -21.50 -1.97 27.49
C GLY D 70 -20.69 -2.45 26.31
N THR D 71 -21.37 -2.86 25.25
CA THR D 71 -20.75 -3.54 24.11
C THR D 71 -21.08 -2.93 22.75
N LEU D 72 -21.76 -1.79 22.75
CA LEU D 72 -22.11 -1.10 21.51
C LEU D 72 -21.19 0.12 21.36
N ARG D 73 -21.59 1.13 20.59
CA ARG D 73 -20.82 2.37 20.52
C ARG D 73 -20.73 3.00 21.93
N PRO D 74 -19.53 3.39 22.35
CA PRO D 74 -19.38 4.05 23.66
C PRO D 74 -20.01 5.44 23.63
N GLY D 75 -21.17 5.55 24.27
CA GLY D 75 -21.93 6.79 24.24
C GLY D 75 -22.76 7.00 25.50
N LYS D 76 -23.99 7.45 25.32
CA LYS D 76 -24.82 7.94 26.41
C LYS D 76 -25.05 6.87 27.48
N GLY D 77 -25.27 5.64 27.02
CA GLY D 77 -25.52 4.51 27.91
C GLY D 77 -24.39 4.20 28.86
N ASP D 78 -23.16 4.24 28.37
CA ASP D 78 -22.01 4.08 29.24
C ASP D 78 -21.96 5.18 30.30
N GLY D 79 -22.30 6.40 29.92
CA GLY D 79 -22.33 7.51 30.85
C GLY D 79 -23.36 7.34 31.95
N MET D 80 -24.60 7.03 31.55
CA MET D 80 -25.68 6.84 32.51
C MET D 80 -25.49 5.61 33.43
N ASN D 81 -25.03 4.51 32.86
CA ASN D 81 -24.77 3.29 33.66
C ASN D 81 -23.58 3.45 34.61
N THR D 82 -22.61 4.29 34.23
CA THR D 82 -21.51 4.64 35.13
C THR D 82 -22.02 5.39 36.35
N ALA D 83 -22.95 6.30 36.12
CA ALA D 83 -23.57 7.05 37.20
C ALA D 83 -24.37 6.11 38.11
N LEU D 84 -25.04 5.14 37.50
CA LEU D 84 -25.78 4.13 38.25
C LEU D 84 -24.80 3.36 39.15
N ARG D 85 -23.64 3.02 38.63
CA ARG D 85 -22.67 2.23 39.41
C ARG D 85 -22.16 3.04 40.59
N TYR D 86 -21.81 4.31 40.35
CA TYR D 86 -21.33 5.19 41.41
C TYR D 86 -22.39 5.36 42.48
N PHE D 87 -23.63 5.59 42.05
CA PHE D 87 -24.77 5.75 42.94
C PHE D 87 -24.93 4.53 43.87
N LEU D 88 -24.86 3.33 43.28
CA LEU D 88 -25.18 2.09 43.99
C LEU D 88 -24.01 1.57 44.82
N GLU D 89 -22.78 1.74 44.33
CA GLU D 89 -21.61 1.15 44.97
C GLU D 89 -20.81 2.14 45.83
N GLU D 90 -20.98 3.44 45.62
CA GLU D 90 -20.18 4.45 46.32
C GLU D 90 -20.95 5.53 47.08
N THR D 91 -22.29 5.45 47.10
CA THR D 91 -23.10 6.32 47.93
C THR D 91 -24.22 5.53 48.58
N GLN D 92 -24.91 6.19 49.51
CA GLN D 92 -26.08 5.61 50.15
C GLN D 92 -27.34 6.46 49.89
N TRP D 93 -27.28 7.34 48.90
CA TRP D 93 -28.41 8.22 48.60
C TRP D 93 -29.60 7.38 48.13
N GLU D 94 -30.82 7.85 48.41
CA GLU D 94 -32.02 7.06 48.16
C GLU D 94 -32.62 7.29 46.78
N ARG D 95 -32.24 8.40 46.14
CA ARG D 95 -32.77 8.77 44.84
C ARG D 95 -31.67 9.32 43.95
N ILE D 96 -31.79 9.08 42.65
CA ILE D 96 -30.87 9.64 41.67
C ILE D 96 -31.66 10.38 40.59
N HIS D 97 -31.24 11.61 40.29
CA HIS D 97 -31.80 12.36 39.17
C HIS D 97 -30.78 12.34 38.04
N PHE D 98 -31.27 12.34 36.81
CA PHE D 98 -30.48 12.68 35.64
C PHE D 98 -31.07 13.91 34.96
N TYR D 99 -30.20 14.82 34.53
CA TYR D 99 -30.58 15.94 33.67
C TYR D 99 -29.50 16.13 32.60
N ASP D 100 -29.91 16.42 31.38
CA ASP D 100 -28.97 16.74 30.31
C ASP D 100 -28.19 18.02 30.63
N ALA D 101 -26.93 18.06 30.18
CA ALA D 101 -26.01 19.12 30.52
C ALA D 101 -26.39 20.45 29.88
N ASP D 102 -27.10 20.42 28.77
CA ASP D 102 -27.40 21.65 28.01
C ASP D 102 -28.82 22.22 28.18
N ILE D 103 -29.57 21.73 29.18
CA ILE D 103 -30.89 22.33 29.47
C ILE D 103 -30.75 23.83 29.74
N THR D 104 -31.69 24.61 29.21
CA THR D 104 -31.58 26.07 29.11
C THR D 104 -32.41 26.83 30.14
N SER D 105 -33.35 26.15 30.78
CA SER D 105 -34.28 26.81 31.70
C SER D 105 -34.35 26.09 33.05
N PHE D 106 -33.24 25.47 33.44
CA PHE D 106 -33.17 24.71 34.68
C PHE D 106 -33.40 25.61 35.86
N GLY D 107 -34.16 25.11 36.82
CA GLY D 107 -34.36 25.77 38.09
C GLY D 107 -34.62 24.76 39.18
N PRO D 108 -34.64 25.21 40.44
CA PRO D 108 -34.86 24.31 41.57
C PRO D 108 -36.22 23.60 41.51
N ASP D 109 -37.19 24.24 40.87
CA ASP D 109 -38.53 23.69 40.67
C ASP D 109 -38.54 22.33 39.94
N TRP D 110 -37.59 22.10 39.03
CA TRP D 110 -37.50 20.81 38.34
C TRP D 110 -37.16 19.70 39.34
N ILE D 111 -36.22 19.99 40.24
CA ILE D 111 -35.79 19.05 41.26
C ILE D 111 -36.91 18.82 42.27
N THR D 112 -37.52 19.90 42.75
CA THR D 112 -38.61 19.84 43.72
C THR D 112 -39.78 18.97 43.22
N LYS D 113 -40.16 19.16 41.96
CA LYS D 113 -41.30 18.44 41.37
C LYS D 113 -41.02 16.93 41.33
N ALA D 114 -39.81 16.55 40.93
CA ALA D 114 -39.44 15.14 40.87
C ALA D 114 -39.40 14.53 42.25
N GLU D 115 -38.85 15.26 43.23
CA GLU D 115 -38.72 14.77 44.61
C GLU D 115 -40.09 14.60 45.28
N GLU D 116 -41.00 15.52 45.01
CA GLU D 116 -42.32 15.50 45.62
C GLU D 116 -43.20 14.38 45.01
N ALA D 117 -43.04 14.13 43.71
CA ALA D 117 -43.68 12.97 43.08
C ALA D 117 -43.12 11.67 43.67
N ALA D 118 -41.80 11.60 43.87
CA ALA D 118 -41.21 10.43 44.50
C ALA D 118 -41.70 10.26 45.95
N ASP D 119 -41.93 11.37 46.65
CA ASP D 119 -42.45 11.34 48.02
C ASP D 119 -43.84 10.70 48.07
N PHE D 120 -44.64 10.91 47.02
CA PHE D 120 -45.98 10.31 46.92
C PHE D 120 -45.90 8.78 46.79
N GLY D 121 -44.78 8.29 46.26
CA GLY D 121 -44.50 6.86 46.22
C GLY D 121 -44.01 6.32 44.89
N TYR D 122 -43.92 7.15 43.85
CA TYR D 122 -43.51 6.70 42.52
C TYR D 122 -42.07 6.20 42.47
N GLY D 123 -41.85 5.12 41.73
CA GLY D 123 -40.53 4.56 41.55
C GLY D 123 -39.68 5.28 40.52
N LEU D 124 -40.34 5.86 39.53
CA LEU D 124 -39.68 6.57 38.43
C LEU D 124 -40.49 7.82 38.13
N VAL D 125 -39.83 8.95 38.07
CA VAL D 125 -40.43 10.22 37.67
C VAL D 125 -39.70 10.67 36.41
N ARG D 126 -40.45 10.99 35.36
CA ARG D 126 -39.90 11.45 34.09
C ARG D 126 -40.39 12.89 33.86
N HIS D 127 -39.49 13.77 33.44
CA HIS D 127 -39.90 15.13 33.07
C HIS D 127 -40.16 15.14 31.58
N TYR D 128 -41.32 15.62 31.17
CA TYR D 128 -41.60 15.78 29.75
C TYR D 128 -41.94 17.22 29.40
N PHE D 129 -41.74 17.55 28.12
CA PHE D 129 -41.72 18.91 27.60
C PHE D 129 -42.56 19.01 26.34
N PRO D 130 -43.13 20.18 26.07
CA PRO D 130 -43.74 20.39 24.75
C PRO D 130 -42.65 20.46 23.68
N ARG D 131 -42.87 19.84 22.52
CA ARG D 131 -41.91 19.84 21.42
C ARG D 131 -42.57 20.38 20.15
N ALA D 132 -41.76 20.98 19.28
CA ALA D 132 -42.21 21.42 17.97
C ALA D 132 -42.76 20.21 17.18
N SER D 133 -43.73 20.46 16.32
CA SER D 133 -44.37 19.41 15.53
C SER D 133 -43.40 18.63 14.63
N THR D 134 -42.26 19.21 14.29
CA THR D 134 -41.26 18.52 13.47
C THR D 134 -39.98 18.18 14.24
N ASP D 135 -40.03 18.29 15.57
CA ASP D 135 -39.04 17.67 16.43
C ASP D 135 -39.63 16.33 16.87
N ALA D 136 -38.84 15.57 17.61
CA ALA D 136 -39.26 14.33 18.24
C ALA D 136 -39.67 13.27 17.23
N MET D 137 -39.07 13.30 16.04
CA MET D 137 -39.44 12.35 15.01
C MET D 137 -38.92 10.93 15.22
N ILE D 138 -37.85 10.78 15.97
CA ILE D 138 -37.45 9.44 16.39
C ILE D 138 -38.42 8.95 17.47
N THR D 139 -38.69 9.80 18.46
CA THR D 139 -39.65 9.48 19.53
C THR D 139 -40.96 8.95 18.97
N TRP D 140 -41.55 9.70 18.02
CA TRP D 140 -42.88 9.35 17.54
C TRP D 140 -42.87 8.23 16.50
N MET D 141 -42.03 8.35 15.48
CA MET D 141 -42.06 7.40 14.36
C MET D 141 -41.28 6.10 14.60
N ILE D 142 -40.38 6.08 15.57
CA ILE D 142 -39.59 4.89 15.85
C ILE D 142 -39.95 4.26 17.17
N THR D 143 -39.81 5.01 18.26
CA THR D 143 -39.91 4.44 19.60
C THR D 143 -41.34 4.20 20.04
N ARG D 144 -42.15 5.25 20.08
CA ARG D 144 -43.56 5.11 20.47
C ARG D 144 -44.32 4.25 19.44
N THR D 145 -44.01 4.41 18.17
CA THR D 145 -44.61 3.57 17.12
C THR D 145 -44.26 2.08 17.33
N GLY D 146 -42.99 1.79 17.57
CA GLY D 146 -42.58 0.41 17.80
C GLY D 146 -43.23 -0.19 19.03
N PHE D 147 -43.30 0.59 20.11
CA PHE D 147 -43.94 0.13 21.34
C PHE D 147 -45.42 -0.17 21.10
N ALA D 148 -46.08 0.66 20.29
CA ALA D 148 -47.51 0.46 19.98
C ALA D 148 -47.75 -0.77 19.10
N LEU D 149 -46.89 -0.97 18.10
CA LEU D 149 -47.07 -2.09 17.16
C LEU D 149 -46.71 -3.42 17.79
N LEU D 150 -45.77 -3.43 18.74
CA LEU D 150 -45.26 -4.67 19.31
C LEU D 150 -45.94 -5.05 20.64
N TRP D 151 -46.33 -4.05 21.44
CA TRP D 151 -46.96 -4.29 22.75
C TRP D 151 -48.20 -3.40 22.94
N PRO D 152 -49.20 -3.56 22.07
CA PRO D 152 -50.36 -2.67 22.02
C PRO D 152 -51.20 -2.58 23.30
N HIS D 153 -51.18 -3.62 24.13
CA HIS D 153 -52.01 -3.64 25.33
C HIS D 153 -51.28 -3.09 26.55
N THR D 154 -50.00 -2.73 26.41
CA THR D 154 -49.17 -2.31 27.55
C THR D 154 -49.06 -0.81 27.63
N GLU D 155 -48.48 -0.36 28.73
CA GLU D 155 -48.20 1.05 28.98
C GLU D 155 -47.07 1.64 28.16
N LEU D 156 -46.26 0.81 27.49
CA LEU D 156 -45.05 1.28 26.83
C LEU D 156 -45.26 2.51 25.91
N SER D 157 -46.18 2.40 24.96
CA SER D 157 -46.43 3.46 23.99
C SER D 157 -47.09 4.71 24.58
N TRP D 158 -47.52 4.64 25.83
CA TRP D 158 -48.17 5.74 26.53
C TRP D 158 -47.20 6.68 27.25
N ILE D 159 -45.95 6.24 27.44
CA ILE D 159 -44.94 7.11 28.06
C ILE D 159 -44.64 8.23 27.06
N GLU D 160 -44.75 9.47 27.52
CA GLU D 160 -44.41 10.60 26.70
C GLU D 160 -43.12 10.91 25.94
N GLN D 161 -42.00 10.84 26.55
CA GLN D 161 -40.79 10.98 25.70
C GLN D 161 -40.00 9.83 26.36
N PRO D 162 -40.12 8.63 25.79
CA PRO D 162 -39.34 7.47 26.23
C PRO D 162 -37.82 7.61 25.98
N LEU D 163 -37.43 8.61 25.19
CA LEU D 163 -36.03 8.91 24.93
C LEU D 163 -35.49 10.04 25.80
N GLY D 164 -36.31 10.59 26.69
CA GLY D 164 -35.91 11.73 27.49
C GLY D 164 -34.90 11.35 28.58
N GLY D 165 -33.89 12.18 28.78
CA GLY D 165 -32.85 11.96 29.77
C GLY D 165 -33.02 12.69 31.09
N GLU D 166 -34.19 13.30 31.30
CA GLU D 166 -34.49 14.00 32.54
C GLU D 166 -35.44 13.11 33.34
N LEU D 167 -34.95 12.57 34.44
CA LEU D 167 -35.73 11.67 35.26
C LEU D 167 -35.16 11.50 36.66
N LEU D 168 -35.97 10.87 37.53
CA LEU D 168 -35.56 10.47 38.87
C LEU D 168 -35.91 8.99 39.08
N MET D 169 -34.99 8.26 39.69
CA MET D 169 -35.20 6.85 40.05
C MET D 169 -34.97 6.70 41.54
N ARG D 170 -35.84 5.98 42.22
CA ARG D 170 -35.47 5.57 43.56
C ARG D 170 -34.43 4.46 43.47
N ARG D 171 -33.74 4.24 44.59
CA ARG D 171 -32.55 3.40 44.62
C ARG D 171 -32.80 2.00 44.04
N GLU D 172 -33.93 1.41 44.38
CA GLU D 172 -34.23 0.02 44.03
C GLU D 172 -34.50 -0.13 42.53
N VAL D 173 -35.04 0.92 41.91
CA VAL D 173 -35.24 0.94 40.46
C VAL D 173 -33.88 1.02 39.77
N ALA D 174 -33.01 1.89 40.27
CA ALA D 174 -31.66 2.01 39.75
C ALA D 174 -30.88 0.69 39.90
N ALA D 175 -31.04 0.02 41.04
CA ALA D 175 -30.35 -1.26 41.29
C ALA D 175 -30.81 -2.33 40.29
N MET D 176 -32.11 -2.39 40.04
CA MET D 176 -32.67 -3.34 39.07
C MET D 176 -32.15 -3.08 37.65
N LEU D 177 -32.10 -1.82 37.24
CA LEU D 177 -31.62 -1.45 35.91
C LEU D 177 -30.13 -1.77 35.74
N TYR D 178 -29.35 -1.49 36.78
CA TYR D 178 -27.91 -1.72 36.71
C TYR D 178 -27.55 -3.21 36.64
N GLU D 179 -28.33 -4.08 37.29
CA GLU D 179 -28.06 -5.53 37.25
C GLU D 179 -28.60 -6.20 35.99
N ASP D 180 -29.36 -5.48 35.18
CA ASP D 180 -29.93 -6.04 33.97
C ASP D 180 -28.95 -5.99 32.78
N GLU D 181 -28.57 -7.14 32.24
CA GLU D 181 -27.57 -7.19 31.16
C GLU D 181 -28.01 -6.50 29.87
N ARG D 182 -29.32 -6.49 29.58
CA ARG D 182 -29.81 -5.79 28.39
C ARG D 182 -29.60 -4.29 28.51
N VAL D 183 -29.67 -3.79 29.73
CA VAL D 183 -29.50 -2.37 30.01
C VAL D 183 -28.00 -2.03 30.00
N ARG D 184 -27.21 -2.88 30.65
CA ARG D 184 -25.78 -2.65 30.83
C ARG D 184 -25.02 -2.63 29.51
N ARG D 185 -25.45 -3.48 28.58
CA ARG D 185 -24.80 -3.56 27.30
C ARG D 185 -25.18 -2.41 26.36
N ARG D 186 -26.29 -1.73 26.64
CA ARG D 186 -26.75 -0.62 25.82
C ARG D 186 -25.97 0.67 26.06
N SER D 187 -24.74 0.69 25.55
CA SER D 187 -23.79 1.76 25.84
C SER D 187 -24.00 3.01 25.00
N ASP D 188 -24.88 2.94 24.01
CA ASP D 188 -25.06 3.97 23.00
C ASP D 188 -26.33 4.82 23.24
N TRP D 189 -26.93 5.42 22.21
CA TRP D 189 -28.17 6.18 22.35
C TRP D 189 -29.37 5.34 22.79
N GLY D 190 -29.26 4.02 22.66
CA GLY D 190 -30.38 3.14 22.97
C GLY D 190 -30.69 3.01 24.45
N ILE D 191 -29.84 3.57 25.32
CA ILE D 191 -30.04 3.44 26.76
C ILE D 191 -31.41 3.90 27.28
N ASP D 192 -31.90 5.05 26.78
CA ASP D 192 -33.16 5.61 27.29
C ASP D 192 -34.33 4.70 26.96
N THR D 193 -34.30 4.15 25.76
CA THR D 193 -35.26 3.14 25.34
C THR D 193 -35.25 1.96 26.30
N LEU D 194 -34.06 1.50 26.65
CA LEU D 194 -33.92 0.36 27.56
C LEU D 194 -34.41 0.67 28.98
N TYR D 195 -34.10 1.84 29.53
CA TYR D 195 -34.61 2.22 30.84
C TYR D 195 -36.14 2.28 30.84
N THR D 196 -36.72 2.85 29.79
CA THR D 196 -38.17 2.96 29.66
C THR D 196 -38.80 1.57 29.60
N PHE D 197 -38.26 0.72 28.74
CA PHE D 197 -38.82 -0.62 28.53
C PHE D 197 -38.76 -1.46 29.77
N VAL D 198 -37.60 -1.51 30.39
CA VAL D 198 -37.39 -2.42 31.51
C VAL D 198 -38.18 -1.97 32.73
N THR D 199 -38.24 -0.65 33.01
CA THR D 199 -39.04 -0.18 34.13
C THR D 199 -40.51 -0.53 33.94
N VAL D 200 -41.03 -0.38 32.73
CA VAL D 200 -42.41 -0.76 32.46
C VAL D 200 -42.59 -2.28 32.60
N GLN D 201 -41.70 -3.06 31.99
CA GLN D 201 -41.79 -4.53 32.06
C GLN D 201 -41.79 -5.06 33.51
N GLN D 202 -41.08 -4.37 34.40
CA GLN D 202 -40.98 -4.79 35.80
C GLN D 202 -42.07 -4.17 36.71
N GLY D 203 -43.01 -3.44 36.11
CA GLY D 203 -44.13 -2.89 36.87
C GLY D 203 -43.78 -1.73 37.80
N VAL D 204 -42.75 -0.96 37.47
CA VAL D 204 -42.39 0.22 38.25
C VAL D 204 -43.49 1.29 38.08
N SER D 205 -43.90 1.93 39.17
CA SER D 205 -44.88 3.00 39.08
C SER D 205 -44.19 4.26 38.53
N ILE D 206 -44.81 4.92 37.56
CA ILE D 206 -44.19 6.01 36.83
C ILE D 206 -45.07 7.26 36.86
N TYR D 207 -44.44 8.41 37.16
CA TYR D 207 -45.11 9.71 37.12
C TYR D 207 -44.38 10.59 36.11
N GLU D 208 -45.13 11.29 35.26
CA GLU D 208 -44.53 12.20 34.30
C GLU D 208 -44.84 13.65 34.66
N CYS D 209 -43.81 14.39 35.08
CA CYS D 209 -43.91 15.83 35.37
C CYS D 209 -43.78 16.67 34.11
N TYR D 210 -44.70 17.61 33.94
CA TYR D 210 -44.65 18.55 32.82
C TYR D 210 -43.78 19.77 33.11
N ILE D 211 -42.85 20.06 32.21
CA ILE D 211 -42.02 21.25 32.27
C ILE D 211 -42.24 22.02 30.96
N PRO D 212 -42.74 23.25 31.03
CA PRO D 212 -43.05 23.99 29.79
C PRO D 212 -41.85 24.26 28.84
N GLU D 213 -40.66 24.43 29.38
CA GLU D 213 -39.53 24.93 28.59
C GLU D 213 -38.21 24.40 29.13
N GLY D 214 -37.21 24.27 28.26
CA GLY D 214 -35.86 23.98 28.73
C GLY D 214 -35.06 22.93 28.00
N LYS D 215 -35.69 22.14 27.14
CA LYS D 215 -34.96 21.27 26.24
C LYS D 215 -34.18 22.11 25.22
N ALA D 216 -32.89 21.84 25.10
CA ALA D 216 -32.07 22.49 24.10
C ALA D 216 -32.53 22.03 22.71
N HIS D 217 -32.45 22.95 21.76
CA HIS D 217 -32.79 22.68 20.38
C HIS D 217 -31.49 22.39 19.65
N ARG D 218 -31.47 21.31 18.87
CA ARG D 218 -30.30 21.03 18.07
C ARG D 218 -30.13 22.13 17.03
N LEU D 219 -28.91 22.28 16.53
CA LEU D 219 -28.61 23.24 15.47
C LEU D 219 -29.46 22.92 14.24
N TYR D 220 -29.84 23.96 13.52
CA TYR D 220 -30.57 23.80 12.27
C TYR D 220 -29.82 22.85 11.32
N GLY D 221 -30.48 21.76 10.90
CA GLY D 221 -29.86 20.83 9.98
C GLY D 221 -30.82 19.85 9.36
N GLY D 222 -30.33 19.09 8.39
CA GLY D 222 -31.07 17.96 7.85
C GLY D 222 -31.30 16.86 8.86
N LEU D 223 -32.19 15.94 8.52
CA LEU D 223 -32.47 14.78 9.36
C LEU D 223 -31.23 13.90 9.57
N ASP D 224 -30.28 14.01 8.65
CA ASP D 224 -28.97 13.36 8.68
C ASP D 224 -28.22 13.53 10.01
N ASP D 225 -28.41 14.67 10.65
CA ASP D 225 -27.81 14.95 11.96
C ASP D 225 -28.28 13.99 13.06
N LEU D 226 -29.42 13.35 12.84
CA LEU D 226 -29.99 12.40 13.80
C LEU D 226 -29.80 10.94 13.37
N ARG D 227 -28.98 10.69 12.37
CA ARG D 227 -28.88 9.35 11.77
C ARG D 227 -28.33 8.32 12.76
N THR D 228 -27.31 8.67 13.53
CA THR D 228 -26.75 7.72 14.50
C THR D 228 -27.76 7.39 15.58
N MET D 229 -28.40 8.42 16.14
CA MET D 229 -29.43 8.22 17.12
C MET D 229 -30.55 7.34 16.56
N LEU D 230 -30.94 7.58 15.31
CA LEU D 230 -32.00 6.82 14.66
C LEU D 230 -31.65 5.34 14.60
N VAL D 231 -30.48 5.00 14.08
CA VAL D 231 -30.17 3.58 13.86
C VAL D 231 -29.97 2.85 15.17
N GLU D 232 -29.50 3.56 16.20
CA GLU D 232 -29.31 2.95 17.52
C GLU D 232 -30.63 2.81 18.28
N CYS D 233 -31.52 3.80 18.15
CA CYS D 233 -32.84 3.70 18.79
C CYS D 233 -33.69 2.62 18.14
N PHE D 234 -33.61 2.47 16.82
CA PHE D 234 -34.31 1.38 16.17
C PHE D 234 -33.73 0.02 16.53
N ALA D 235 -32.42 -0.09 16.60
CA ALA D 235 -31.79 -1.36 16.96
C ALA D 235 -32.21 -1.79 18.37
N ALA D 236 -32.38 -0.81 19.26
CA ALA D 236 -32.83 -1.08 20.63
C ALA D 236 -34.23 -1.70 20.64
N ILE D 237 -35.17 -1.10 19.93
CA ILE D 237 -36.51 -1.68 19.79
C ILE D 237 -36.44 -3.10 19.18
N GLN D 238 -35.66 -3.26 18.12
CA GLN D 238 -35.53 -4.56 17.45
C GLN D 238 -34.98 -5.64 18.39
N SER D 239 -34.03 -5.27 19.26
CA SER D 239 -33.42 -6.21 20.20
C SER D 239 -34.44 -6.71 21.25
N LEU D 240 -35.46 -5.89 21.49
CA LEU D 240 -36.51 -6.19 22.46
C LEU D 240 -37.74 -6.89 21.91
N GLN D 241 -37.81 -7.09 20.60
CA GLN D 241 -39.07 -7.39 19.92
C GLN D 241 -39.76 -8.68 20.33
N HIS D 242 -39.00 -9.67 20.82
CA HIS D 242 -39.56 -10.95 21.24
C HIS D 242 -39.85 -11.03 22.75
N GLU D 243 -39.64 -9.92 23.47
CA GLU D 243 -39.95 -9.87 24.90
C GLU D 243 -41.46 -9.93 25.13
N VAL D 244 -41.82 -10.49 26.28
CA VAL D 244 -43.19 -10.51 26.78
C VAL D 244 -43.32 -9.41 27.85
N VAL D 245 -44.42 -8.68 27.81
CA VAL D 245 -44.68 -7.58 28.71
C VAL D 245 -46.14 -7.66 29.15
N GLY D 246 -46.39 -7.71 30.45
CA GLY D 246 -47.74 -7.73 30.99
C GLY D 246 -48.42 -6.37 30.97
N GLN D 247 -49.74 -6.35 31.25
CA GLN D 247 -50.50 -5.10 31.22
C GLN D 247 -50.39 -4.22 32.49
N PRO D 248 -50.44 -4.81 33.69
CA PRO D 248 -50.42 -4.02 34.94
C PRO D 248 -49.36 -2.92 34.95
N ALA D 249 -49.79 -1.74 35.36
CA ALA D 249 -48.95 -0.54 35.31
C ALA D 249 -49.60 0.52 36.17
N ILE D 250 -48.80 1.32 36.86
CA ILE D 250 -49.28 2.59 37.37
C ILE D 250 -48.49 3.66 36.67
N HIS D 251 -49.16 4.47 35.88
CA HIS D 251 -48.52 5.45 35.05
C HIS D 251 -49.43 6.66 34.97
N ARG D 252 -49.00 7.76 35.60
CA ARG D 252 -49.74 9.00 35.63
C ARG D 252 -48.95 10.10 34.94
N GLN D 253 -49.68 11.10 34.44
CA GLN D 253 -49.13 12.24 33.74
C GLN D 253 -49.73 13.54 34.29
N GLU D 254 -48.87 14.49 34.65
CA GLU D 254 -49.28 15.84 34.99
C GLU D 254 -49.80 16.47 33.69
N HIS D 255 -50.95 17.12 33.79
CA HIS D 255 -51.60 17.71 32.65
C HIS D 255 -50.78 18.89 32.11
N PRO D 256 -50.57 18.95 30.81
CA PRO D 256 -49.86 20.08 30.19
C PRO D 256 -50.54 21.44 30.38
N HIS D 257 -49.75 22.51 30.30
CA HIS D 257 -50.27 23.86 30.04
C HIS D 257 -50.31 24.07 28.51
N ARG D 258 -50.84 25.19 28.02
CA ARG D 258 -50.77 25.48 26.57
C ARG D 258 -49.29 25.50 26.10
N VAL D 259 -49.03 24.93 24.93
CA VAL D 259 -47.69 25.01 24.32
C VAL D 259 -47.22 26.49 24.26
N PRO D 260 -45.97 26.78 24.62
CA PRO D 260 -45.42 28.13 24.42
C PRO D 260 -45.30 28.48 22.93
N VAL D 261 -45.56 29.74 22.58
CA VAL D 261 -45.65 30.14 21.18
C VAL D 261 -44.37 29.80 20.40
N HIS D 262 -43.21 29.99 21.00
CA HIS D 262 -41.95 29.71 20.33
C HIS D 262 -41.71 28.21 20.02
N ILE D 263 -42.35 27.33 20.77
CA ILE D 263 -42.35 25.91 20.44
C ILE D 263 -43.34 25.63 19.32
N ALA D 264 -44.53 26.22 19.38
CA ALA D 264 -45.55 26.02 18.34
C ALA D 264 -45.09 26.49 16.96
N GLU D 265 -44.28 27.57 16.92
CA GLU D 265 -43.79 28.18 15.69
C GLU D 265 -42.43 27.63 15.21
N ARG D 266 -41.85 26.69 15.93
CA ARG D 266 -40.53 26.17 15.61
C ARG D 266 -40.58 25.12 14.48
N VAL D 267 -39.58 25.15 13.61
CA VAL D 267 -39.39 24.12 12.59
C VAL D 267 -38.13 23.36 12.99
N GLY D 268 -38.22 22.05 13.06
CA GLY D 268 -37.20 21.23 13.70
C GLY D 268 -36.09 20.74 12.79
N TYR D 269 -36.25 20.89 11.48
CA TYR D 269 -35.24 20.44 10.52
C TYR D 269 -35.26 21.23 9.20
N ASP D 270 -34.19 21.10 8.44
CA ASP D 270 -33.99 21.78 7.16
C ASP D 270 -34.58 20.86 6.08
N VAL D 271 -35.72 21.29 5.52
CA VAL D 271 -36.45 20.46 4.56
C VAL D 271 -35.67 20.28 3.25
N GLU D 272 -35.11 21.35 2.71
CA GLU D 272 -34.36 21.25 1.45
C GLU D 272 -33.21 20.24 1.58
N ALA D 273 -32.43 20.35 2.66
CA ALA D 273 -31.28 19.48 2.89
C ALA D 273 -31.69 18.04 3.02
N THR D 274 -32.82 17.82 3.67
CA THR D 274 -33.36 16.50 3.90
C THR D 274 -33.81 15.85 2.58
N LEU D 275 -34.41 16.65 1.70
CA LEU D 275 -34.82 16.21 0.36
C LEU D 275 -33.63 15.79 -0.49
N HIS D 276 -32.57 16.61 -0.48
CA HIS D 276 -31.34 16.36 -1.22
C HIS D 276 -30.71 15.03 -0.77
N ARG D 277 -30.67 14.87 0.54
CA ARG D 277 -29.95 13.78 1.18
C ARG D 277 -30.61 12.44 0.88
N LEU D 278 -31.92 12.49 0.67
CA LEU D 278 -32.70 11.35 0.23
C LEU D 278 -32.25 10.79 -1.13
N MET D 279 -31.68 11.65 -1.96
CA MET D 279 -31.21 11.26 -3.27
C MET D 279 -29.77 10.76 -3.28
N GLN D 280 -29.12 10.76 -2.12
CA GLN D 280 -27.70 10.48 -2.03
C GLN D 280 -27.41 9.13 -1.39
N HIS D 281 -26.18 8.67 -1.60
CA HIS D 281 -25.61 7.47 -0.97
C HIS D 281 -26.35 6.19 -1.28
N TRP D 282 -26.89 6.12 -2.48
CA TRP D 282 -27.52 4.92 -2.97
C TRP D 282 -26.47 3.90 -3.41
N THR D 283 -26.90 2.66 -3.46
CA THR D 283 -26.03 1.51 -3.58
C THR D 283 -26.89 0.44 -4.28
N PRO D 284 -26.36 -0.29 -5.26
CA PRO D 284 -27.17 -1.35 -5.87
C PRO D 284 -27.80 -2.31 -4.85
N ARG D 285 -27.10 -2.58 -3.76
CA ARG D 285 -27.61 -3.47 -2.71
C ARG D 285 -28.84 -2.89 -2.00
N GLN D 286 -28.83 -1.59 -1.73
CA GLN D 286 -29.99 -0.92 -1.14
C GLN D 286 -31.19 -1.09 -2.07
N VAL D 287 -30.97 -0.89 -3.37
CA VAL D 287 -32.03 -1.03 -4.36
C VAL D 287 -32.61 -2.45 -4.36
N GLU D 288 -31.74 -3.44 -4.22
CA GLU D 288 -32.15 -4.85 -4.20
C GLU D 288 -32.89 -5.23 -2.92
N LEU D 289 -32.38 -4.76 -1.78
CA LEU D 289 -33.00 -5.01 -0.49
C LEU D 289 -34.46 -4.53 -0.41
N LEU D 290 -34.81 -3.53 -1.20
CA LEU D 290 -36.16 -3.02 -1.26
C LEU D 290 -37.18 -4.03 -1.79
N GLU D 291 -36.72 -5.12 -2.41
CA GLU D 291 -37.59 -6.23 -2.79
C GLU D 291 -38.31 -6.83 -1.58
N LEU D 292 -37.76 -6.65 -0.38
CA LEU D 292 -38.36 -7.20 0.85
C LEU D 292 -39.59 -6.42 1.33
N PHE D 293 -39.79 -5.23 0.79
CA PHE D 293 -40.84 -4.32 1.22
C PHE D 293 -42.07 -4.38 0.32
N THR D 294 -43.15 -3.77 0.76
CA THR D 294 -44.38 -3.73 -0.04
C THR D 294 -44.08 -2.97 -1.31
N THR D 295 -44.84 -3.28 -2.36
CA THR D 295 -44.62 -2.70 -3.66
C THR D 295 -44.65 -1.17 -3.69
N PRO D 296 -45.64 -0.52 -3.06
CA PRO D 296 -45.66 0.95 -3.04
C PRO D 296 -44.40 1.55 -2.36
N VAL D 297 -43.87 0.88 -1.34
CA VAL D 297 -42.68 1.38 -0.64
C VAL D 297 -41.42 1.11 -1.46
N ARG D 298 -41.34 -0.06 -2.03
CA ARG D 298 -40.24 -0.43 -2.92
C ARG D 298 -40.11 0.55 -4.08
N GLU D 299 -41.22 0.80 -4.75
CA GLU D 299 -41.24 1.69 -5.91
C GLU D 299 -41.07 3.16 -5.49
N GLY D 300 -41.69 3.53 -4.38
CA GLY D 300 -41.56 4.87 -3.85
C GLY D 300 -40.13 5.24 -3.49
N LEU D 301 -39.44 4.41 -2.72
CA LEU D 301 -38.06 4.73 -2.33
C LEU D 301 -37.11 4.66 -3.51
N ARG D 302 -37.32 3.71 -4.41
CA ARG D 302 -36.47 3.60 -5.61
C ARG D 302 -36.55 4.86 -6.46
N THR D 303 -37.72 5.49 -6.46
CA THR D 303 -37.88 6.77 -7.14
C THR D 303 -36.92 7.84 -6.62
N CYS D 304 -36.56 7.77 -5.34
CA CYS D 304 -35.65 8.73 -4.71
C CYS D 304 -34.24 8.72 -5.29
N GLN D 305 -33.89 7.74 -6.13
CA GLN D 305 -32.63 7.80 -6.87
C GLN D 305 -32.63 8.96 -7.88
N ARG D 306 -33.82 9.33 -8.36
CA ARG D 306 -33.95 10.35 -9.39
C ARG D 306 -34.59 11.64 -8.88
N ARG D 307 -35.51 11.54 -7.94
CA ARG D 307 -36.12 12.72 -7.34
C ARG D 307 -36.81 12.38 -6.01
N PRO D 308 -36.97 13.38 -5.15
CA PRO D 308 -37.50 13.10 -3.82
C PRO D 308 -38.95 12.63 -3.92
N ALA D 309 -39.25 11.48 -3.33
CA ALA D 309 -40.62 10.97 -3.27
C ALA D 309 -40.92 10.62 -1.83
N PHE D 310 -42.13 10.94 -1.39
CA PHE D 310 -42.56 10.67 -0.02
C PHE D 310 -44.07 10.55 0.18
N ASN D 311 -44.88 10.95 -0.81
CA ASN D 311 -46.34 10.84 -0.70
C ASN D 311 -46.75 9.40 -0.40
N PHE D 312 -45.98 8.43 -0.88
CA PHE D 312 -46.27 7.00 -0.66
C PHE D 312 -46.18 6.55 0.80
N MET D 313 -45.40 7.26 1.61
CA MET D 313 -45.11 6.81 2.97
C MET D 313 -46.11 7.36 3.98
N ASP D 314 -47.35 6.90 3.85
CA ASP D 314 -48.40 7.29 4.76
C ASP D 314 -48.32 6.41 6.01
N GLU D 315 -49.27 6.64 6.91
CA GLU D 315 -49.29 5.97 8.21
C GLU D 315 -49.26 4.45 8.10
N MET D 316 -50.09 3.90 7.22
CA MET D 316 -50.18 2.46 7.05
C MET D 316 -48.96 1.87 6.36
N ALA D 317 -48.44 2.56 5.37
CA ALA D 317 -47.22 2.13 4.70
C ALA D 317 -46.07 2.06 5.70
N TRP D 318 -46.01 3.01 6.63
CA TRP D 318 -44.93 3.06 7.61
C TRP D 318 -44.99 1.87 8.57
N ALA D 319 -46.19 1.51 9.01
CA ALA D 319 -46.36 0.33 9.87
C ALA D 319 -45.91 -0.96 9.18
N ALA D 320 -46.29 -1.13 7.92
CA ALA D 320 -45.86 -2.29 7.15
C ALA D 320 -44.32 -2.29 6.97
N THR D 321 -43.76 -1.11 6.68
CA THR D 321 -42.32 -0.94 6.57
C THR D 321 -41.61 -1.28 7.89
N TYR D 322 -42.18 -0.83 9.00
CA TYR D 322 -41.62 -1.05 10.33
C TYR D 322 -41.43 -2.54 10.56
N HIS D 323 -42.42 -3.36 10.21
CA HIS D 323 -42.36 -4.79 10.45
C HIS D 323 -41.32 -5.48 9.55
N VAL D 324 -41.17 -5.00 8.32
CA VAL D 324 -40.14 -5.55 7.44
C VAL D 324 -38.76 -5.27 8.06
N LEU D 325 -38.54 -4.04 8.51
CA LEU D 325 -37.29 -3.65 9.17
C LEU D 325 -37.02 -4.50 10.41
N LEU D 326 -38.03 -4.76 11.22
CA LEU D 326 -37.86 -5.56 12.43
C LEU D 326 -37.33 -6.95 12.12
N GLU D 327 -37.81 -7.55 11.02
CA GLU D 327 -37.40 -8.90 10.63
C GLU D 327 -36.02 -8.91 9.99
N HIS D 328 -35.70 -7.92 9.15
CA HIS D 328 -34.56 -8.00 8.23
C HIS D 328 -33.41 -7.02 8.49
N PHE D 329 -33.67 -5.92 9.21
CA PHE D 329 -32.65 -4.93 9.50
C PHE D 329 -31.47 -5.54 10.23
N GLN D 330 -30.26 -5.28 9.72
CA GLN D 330 -29.02 -5.75 10.34
C GLN D 330 -28.29 -4.57 10.96
N PRO D 331 -28.29 -4.46 12.28
CA PRO D 331 -27.56 -3.39 12.95
C PRO D 331 -26.08 -3.35 12.52
N GLY D 332 -25.57 -2.17 12.21
CA GLY D 332 -24.18 -2.01 11.82
C GLY D 332 -23.89 -2.18 10.34
N ASP D 333 -24.84 -2.75 9.59
CA ASP D 333 -24.72 -2.99 8.16
C ASP D 333 -25.02 -1.65 7.48
N PRO D 334 -24.03 -1.04 6.82
CA PRO D 334 -24.24 0.30 6.23
C PRO D 334 -25.43 0.44 5.28
N ASP D 335 -25.71 -0.56 4.45
CA ASP D 335 -26.87 -0.48 3.56
C ASP D 335 -28.22 -0.51 4.29
N TRP D 336 -28.31 -1.37 5.31
CA TRP D 336 -29.53 -1.45 6.14
C TRP D 336 -29.75 -0.20 6.96
N GLU D 337 -28.68 0.34 7.53
CA GLU D 337 -28.76 1.60 8.26
C GLU D 337 -29.17 2.74 7.34
N GLU D 338 -28.66 2.72 6.10
CA GLU D 338 -28.99 3.76 5.13
C GLU D 338 -30.43 3.64 4.67
N LEU D 339 -30.90 2.40 4.49
CA LEU D 339 -32.29 2.16 4.09
C LEU D 339 -33.24 2.61 5.20
N LEU D 340 -32.91 2.29 6.44
CA LEU D 340 -33.72 2.75 7.57
C LEU D 340 -33.78 4.28 7.59
N PHE D 341 -32.65 4.92 7.34
CA PHE D 341 -32.59 6.37 7.37
C PHE D 341 -33.43 7.00 6.23
N LYS D 342 -33.36 6.42 5.03
CA LYS D 342 -34.15 6.92 3.90
C LYS D 342 -35.66 6.70 4.10
N LEU D 343 -36.03 5.53 4.58
CA LEU D 343 -37.43 5.19 4.79
C LEU D 343 -38.04 6.09 5.86
N TRP D 344 -37.33 6.26 6.96
CA TRP D 344 -37.72 7.17 8.03
C TRP D 344 -37.81 8.60 7.52
N THR D 345 -36.83 9.04 6.74
CA THR D 345 -36.88 10.34 6.10
C THR D 345 -38.20 10.57 5.33
N THR D 346 -38.61 9.59 4.51
CA THR D 346 -39.84 9.74 3.73
C THR D 346 -41.05 9.80 4.63
N ARG D 347 -41.06 9.04 5.72
CA ARG D 347 -42.16 9.11 6.66
C ARG D 347 -42.23 10.50 7.30
N VAL D 348 -41.09 11.05 7.69
CA VAL D 348 -41.07 12.37 8.30
C VAL D 348 -41.52 13.45 7.33
N LEU D 349 -41.06 13.36 6.08
CA LEU D 349 -41.45 14.33 5.05
C LEU D 349 -42.95 14.27 4.79
N ASN D 350 -43.50 13.06 4.74
CA ASN D 350 -44.92 12.85 4.48
C ASN D 350 -45.74 13.44 5.61
N TYR D 351 -45.35 13.11 6.84
CA TYR D 351 -45.98 13.65 8.04
C TYR D 351 -45.87 15.18 8.04
N THR D 352 -44.75 15.72 7.61
CA THR D 352 -44.55 17.17 7.60
C THR D 352 -45.53 17.89 6.68
N MET D 353 -45.74 17.34 5.47
CA MET D 353 -46.61 17.98 4.49
C MET D 353 -48.11 17.66 4.67
N THR D 354 -48.44 16.50 5.25
CA THR D 354 -49.84 16.12 5.42
C THR D 354 -50.38 16.39 6.84
N VAL D 355 -49.51 16.68 7.79
CA VAL D 355 -49.94 16.90 9.18
C VAL D 355 -49.37 18.18 9.76
N ALA D 356 -48.04 18.30 9.83
CA ALA D 356 -47.41 19.45 10.49
C ALA D 356 -47.76 20.79 9.82
N LEU D 357 -47.91 20.78 8.50
CA LEU D 357 -48.27 21.96 7.73
C LEU D 357 -49.70 22.43 8.04
N ARG D 358 -50.53 21.55 8.60
CA ARG D 358 -51.87 21.93 9.05
C ARG D 358 -51.87 22.66 10.40
N GLY D 359 -50.76 22.65 11.09
CA GLY D 359 -50.62 23.44 12.30
C GLY D 359 -50.38 22.59 13.51
N TYR D 360 -49.93 23.23 14.57
CA TYR D 360 -49.48 22.56 15.78
C TYR D 360 -50.60 21.75 16.44
N ASP D 361 -51.76 22.37 16.60
CA ASP D 361 -52.90 21.70 17.25
C ASP D 361 -53.33 20.46 16.46
N TYR D 362 -53.40 20.58 15.14
CA TYR D 362 -53.73 19.43 14.30
C TYR D 362 -52.72 18.31 14.44
N ALA D 363 -51.44 18.66 14.45
CA ALA D 363 -50.38 17.67 14.55
C ALA D 363 -50.42 16.94 15.88
N GLN D 364 -50.66 17.66 16.97
CA GLN D 364 -50.68 17.03 18.30
C GLN D 364 -51.80 16.00 18.39
N GLN D 365 -53.00 16.38 17.98
CA GLN D 365 -54.11 15.43 17.96
C GLN D 365 -53.83 14.26 17.02
N TYR D 366 -53.19 14.53 15.87
CA TYR D 366 -52.87 13.48 14.90
C TYR D 366 -51.97 12.42 15.50
N LEU D 367 -50.90 12.86 16.16
CA LEU D 367 -49.88 11.96 16.67
C LEU D 367 -50.42 10.95 17.69
N TYR D 368 -51.24 11.42 18.63
CA TYR D 368 -51.85 10.52 19.60
C TYR D 368 -52.85 9.56 18.96
N ARG D 369 -53.62 10.05 18.00
CA ARG D 369 -54.57 9.21 17.27
C ARG D 369 -53.84 8.17 16.42
N MET D 370 -52.67 8.55 15.89
CA MET D 370 -51.81 7.66 15.13
C MET D 370 -51.41 6.45 15.98
N LEU D 371 -50.95 6.70 17.21
CA LEU D 371 -50.59 5.60 18.10
C LEU D 371 -51.79 4.73 18.46
N GLY D 372 -52.95 5.35 18.61
CA GLY D 372 -54.18 4.63 18.85
C GLY D 372 -54.52 3.68 17.71
N ARG D 373 -54.39 4.13 16.46
CA ARG D 373 -54.68 3.28 15.30
C ARG D 373 -53.65 2.13 15.20
N TYR D 374 -52.39 2.41 15.51
CA TYR D 374 -51.35 1.40 15.48
C TYR D 374 -51.60 0.32 16.55
N ARG D 375 -52.00 0.73 17.75
CA ARG D 375 -52.33 -0.21 18.82
C ARG D 375 -53.46 -1.12 18.41
N TYR D 376 -54.51 -0.52 17.84
CA TYR D 376 -55.70 -1.25 17.43
C TYR D 376 -55.35 -2.25 16.31
N GLN D 377 -54.62 -1.79 15.30
CA GLN D 377 -54.22 -2.67 14.19
C GLN D 377 -53.41 -3.86 14.72
N ALA D 378 -52.47 -3.58 15.61
CA ALA D 378 -51.58 -4.61 16.16
C ALA D 378 -52.35 -5.58 17.05
N ALA D 379 -53.32 -5.09 17.80
CA ALA D 379 -54.13 -5.93 18.67
C ALA D 379 -55.01 -6.91 17.90
N LEU D 380 -55.46 -6.49 16.72
CA LEU D 380 -56.31 -7.33 15.86
C LEU D 380 -55.55 -8.40 15.09
N GLU D 381 -54.23 -8.23 14.94
CA GLU D 381 -53.41 -9.18 14.14
C GLU D 381 -53.30 -10.53 14.82
N SER E 2 38.48 -29.34 31.45
CA SER E 2 39.50 -28.90 30.46
C SER E 2 40.15 -27.58 30.87
N LEU E 3 41.32 -27.30 30.32
CA LEU E 3 42.02 -26.05 30.54
C LEU E 3 41.72 -25.13 29.35
N VAL E 4 41.37 -23.88 29.64
CA VAL E 4 41.21 -22.87 28.61
C VAL E 4 42.29 -21.81 28.82
N VAL E 5 42.99 -21.50 27.74
CA VAL E 5 44.12 -20.60 27.76
C VAL E 5 43.85 -19.36 26.91
N PHE E 6 44.07 -18.19 27.49
CA PHE E 6 43.99 -16.93 26.78
C PHE E 6 45.39 -16.30 26.81
N PRO E 7 46.12 -16.39 25.71
CA PRO E 7 47.34 -15.60 25.55
C PRO E 7 46.93 -14.15 25.32
N PHE E 8 47.53 -13.22 26.05
CA PHE E 8 47.12 -11.83 25.99
C PHE E 8 48.28 -10.84 25.94
N LYS E 9 47.94 -9.64 25.49
CA LYS E 9 48.82 -8.49 25.46
C LYS E 9 48.14 -7.33 26.22
N HIS E 10 48.72 -6.14 26.18
CA HIS E 10 48.22 -5.01 26.99
C HIS E 10 46.78 -4.60 26.62
N GLU E 11 46.42 -4.76 25.35
CA GLU E 11 45.05 -4.54 24.84
C GLU E 11 43.90 -4.87 25.81
N HIS E 12 42.93 -3.95 25.90
CA HIS E 12 41.57 -4.23 26.34
C HIS E 12 41.43 -5.26 27.48
N PRO E 13 41.78 -4.88 28.71
CA PRO E 13 41.63 -5.79 29.85
C PRO E 13 40.19 -6.27 30.08
N GLU E 14 39.22 -5.38 29.86
CA GLU E 14 37.80 -5.67 29.99
C GLU E 14 37.35 -6.81 29.07
N VAL E 15 37.93 -6.88 27.88
CA VAL E 15 37.61 -7.94 26.94
C VAL E 15 38.18 -9.27 27.42
N LEU E 16 39.41 -9.27 27.90
CA LEU E 16 40.03 -10.48 28.44
C LEU E 16 39.22 -11.02 29.61
N LEU E 17 38.85 -10.15 30.54
CA LEU E 17 38.16 -10.56 31.75
C LEU E 17 36.75 -11.12 31.44
N HIS E 18 36.10 -10.56 30.43
CA HIS E 18 34.80 -11.07 29.99
C HIS E 18 34.96 -12.49 29.45
N ASN E 19 35.96 -12.68 28.61
CA ASN E 19 36.23 -13.99 28.02
C ASN E 19 36.63 -15.01 29.08
N VAL E 20 37.37 -14.57 30.10
CA VAL E 20 37.75 -15.42 31.22
C VAL E 20 36.51 -15.85 32.01
N ARG E 21 35.54 -14.95 32.18
CA ARG E 21 34.31 -15.27 32.91
C ARG E 21 33.44 -16.28 32.13
N VAL E 22 33.40 -16.13 30.81
CA VAL E 22 32.67 -17.06 29.96
C VAL E 22 33.27 -18.47 30.08
N ALA E 23 34.57 -18.59 29.92
CA ALA E 23 35.23 -19.89 30.05
C ALA E 23 35.07 -20.48 31.45
N ALA E 24 35.26 -19.66 32.48
CA ALA E 24 35.19 -20.14 33.86
C ALA E 24 33.79 -20.64 34.23
N ALA E 25 32.77 -20.06 33.62
CA ALA E 25 31.38 -20.41 33.93
C ALA E 25 30.87 -21.63 33.14
N HIS E 26 31.62 -22.04 32.12
CA HIS E 26 31.23 -23.18 31.28
C HIS E 26 31.40 -24.49 32.07
N PRO E 27 30.38 -25.35 32.07
CA PRO E 27 30.42 -26.58 32.88
C PRO E 27 31.53 -27.59 32.52
N ARG E 28 32.10 -27.52 31.32
CA ARG E 28 33.14 -28.48 30.93
C ARG E 28 34.56 -27.94 31.17
N VAL E 29 34.65 -26.69 31.59
CA VAL E 29 35.94 -26.04 31.86
C VAL E 29 36.29 -26.18 33.34
N HIS E 30 37.44 -26.79 33.62
CA HIS E 30 37.90 -27.00 35.00
C HIS E 30 38.99 -26.02 35.44
N GLU E 31 39.55 -25.26 34.50
CA GLU E 31 40.62 -24.30 34.81
C GLU E 31 40.82 -23.32 33.66
N VAL E 32 41.06 -22.07 34.00
CA VAL E 32 41.44 -21.02 33.05
C VAL E 32 42.86 -20.49 33.36
N LEU E 33 43.64 -20.30 32.31
CA LEU E 33 45.02 -19.79 32.40
C LEU E 33 45.21 -18.66 31.43
N CYS E 34 45.68 -17.51 31.91
CA CYS E 34 46.03 -16.39 31.04
C CYS E 34 47.55 -16.24 31.05
N ILE E 35 48.14 -16.09 29.87
CA ILE E 35 49.60 -15.93 29.73
C ILE E 35 49.90 -14.59 29.11
N GLY E 36 50.69 -13.76 29.80
CA GLY E 36 51.17 -12.50 29.26
C GLY E 36 52.69 -12.40 29.31
N TYR E 37 53.23 -11.45 28.55
CA TYR E 37 54.68 -11.27 28.45
C TYR E 37 55.28 -10.64 29.70
N GLU E 38 54.59 -9.66 30.25
CA GLU E 38 55.07 -8.89 31.39
C GLU E 38 53.95 -8.52 32.36
N ARG E 39 54.34 -8.15 33.57
CA ARG E 39 53.42 -7.73 34.62
C ARG E 39 53.09 -6.25 34.42
N ASP E 40 52.25 -5.98 33.42
CA ASP E 40 51.74 -4.64 33.13
C ASP E 40 50.33 -4.52 33.75
N GLN E 41 49.65 -3.40 33.49
CA GLN E 41 48.33 -3.15 34.11
C GLN E 41 47.27 -4.20 33.81
N THR E 42 47.29 -4.78 32.61
CA THR E 42 46.33 -5.81 32.21
C THR E 42 46.56 -7.12 32.98
N TYR E 43 47.81 -7.57 33.00
CA TYR E 43 48.23 -8.70 33.84
C TYR E 43 47.74 -8.54 35.28
N GLU E 44 47.93 -7.35 35.83
CA GLU E 44 47.55 -7.08 37.22
C GLU E 44 46.04 -7.05 37.43
N ALA E 45 45.31 -6.57 36.42
CA ALA E 45 43.85 -6.56 36.47
C ALA E 45 43.28 -7.99 36.54
N VAL E 46 43.89 -8.93 35.81
CA VAL E 46 43.43 -10.32 35.80
C VAL E 46 43.78 -11.02 37.10
N GLU E 47 45.02 -10.83 37.56
CA GLU E 47 45.49 -11.38 38.83
C GLU E 47 44.59 -10.93 39.97
N ARG E 48 44.13 -9.68 39.90
CA ARG E 48 43.28 -9.07 40.93
C ARG E 48 41.84 -9.59 40.89
N ALA E 49 41.32 -9.78 39.67
CA ALA E 49 39.96 -10.24 39.45
C ALA E 49 39.81 -11.76 39.59
N ALA E 50 40.93 -12.49 39.53
CA ALA E 50 40.90 -13.95 39.41
C ALA E 50 40.34 -14.69 40.62
N PRO E 51 40.68 -14.28 41.84
CA PRO E 51 40.10 -14.89 43.05
C PRO E 51 38.57 -14.80 43.14
N GLU E 52 37.98 -13.70 42.67
CA GLU E 52 36.52 -13.52 42.73
C GLU E 52 35.80 -14.34 41.65
N ILE E 53 36.42 -14.46 40.48
CA ILE E 53 35.91 -15.31 39.41
C ILE E 53 36.00 -16.79 39.83
N SER E 54 37.09 -17.14 40.52
CA SER E 54 37.31 -18.51 40.98
C SER E 54 36.28 -18.93 42.01
N ARG E 55 35.91 -17.99 42.86
CA ARG E 55 34.99 -18.23 43.96
C ARG E 55 33.55 -18.36 43.45
N ALA E 56 33.18 -17.50 42.51
CA ALA E 56 31.82 -17.45 41.95
C ALA E 56 31.50 -18.65 41.05
N THR E 57 32.47 -19.08 40.24
CA THR E 57 32.27 -20.14 39.25
C THR E 57 32.72 -21.53 39.73
N GLY E 58 33.53 -21.56 40.78
CA GLY E 58 34.18 -22.79 41.18
C GLY E 58 35.31 -23.24 40.27
N THR E 59 35.73 -22.36 39.36
CA THR E 59 36.79 -22.67 38.39
C THR E 59 38.06 -21.87 38.69
N PRO E 60 39.17 -22.52 39.00
CA PRO E 60 40.45 -21.81 39.21
C PRO E 60 40.89 -21.00 38.00
N VAL E 61 41.26 -19.74 38.23
CA VAL E 61 41.79 -18.85 37.21
C VAL E 61 43.20 -18.45 37.64
N SER E 62 44.17 -18.67 36.74
CA SER E 62 45.56 -18.33 36.98
C SER E 62 46.08 -17.44 35.89
N VAL E 63 47.10 -16.66 36.26
CA VAL E 63 47.83 -15.82 35.34
C VAL E 63 49.31 -16.15 35.53
N ARG E 64 49.99 -16.38 34.40
CA ARG E 64 51.41 -16.71 34.40
C ARG E 64 52.15 -15.90 33.34
N LEU E 65 53.44 -15.72 33.58
CA LEU E 65 54.32 -15.04 32.64
C LEU E 65 54.75 -16.00 31.55
N GLN E 66 54.90 -15.44 30.35
CA GLN E 66 55.45 -16.14 29.22
C GLN E 66 56.92 -16.50 29.54
N GLU E 67 57.27 -17.77 29.34
CA GLU E 67 58.65 -18.22 29.53
C GLU E 67 59.41 -18.26 28.20
N ARG E 68 60.71 -18.00 28.27
CA ARG E 68 61.59 -18.08 27.12
C ARG E 68 61.99 -19.54 26.84
N LEU E 69 61.20 -20.19 26.01
CA LEU E 69 61.35 -21.61 25.70
C LEU E 69 61.98 -21.87 24.32
N GLY E 70 61.85 -20.91 23.39
CA GLY E 70 62.36 -21.03 22.03
C GLY E 70 63.55 -20.12 21.72
N THR E 71 63.90 -19.98 20.44
CA THR E 71 65.15 -19.30 20.04
C THR E 71 64.96 -18.19 19.01
N LEU E 72 63.72 -17.89 18.65
CA LEU E 72 63.45 -16.84 17.68
C LEU E 72 62.97 -15.61 18.45
N ARG E 73 62.32 -14.65 17.80
CA ARG E 73 61.75 -13.51 18.53
C ARG E 73 60.79 -14.05 19.59
N PRO E 74 60.87 -13.52 20.81
CA PRO E 74 59.95 -13.95 21.89
C PRO E 74 58.54 -13.39 21.69
N GLY E 75 57.70 -14.16 21.04
CA GLY E 75 56.34 -13.74 20.76
C GLY E 75 55.35 -14.83 21.09
N LYS E 76 54.40 -15.05 20.20
CA LYS E 76 53.25 -15.90 20.53
C LYS E 76 53.62 -17.35 20.83
N GLY E 77 54.59 -17.89 20.10
CA GLY E 77 55.07 -19.25 20.33
C GLY E 77 55.51 -19.53 21.76
N ASP E 78 56.29 -18.63 22.32
CA ASP E 78 56.74 -18.78 23.72
C ASP E 78 55.52 -18.80 24.65
N GLY E 79 54.54 -17.95 24.38
CA GLY E 79 53.31 -17.93 25.15
C GLY E 79 52.55 -19.23 25.08
N MET E 80 52.34 -19.72 23.87
CA MET E 80 51.56 -20.95 23.68
C MET E 80 52.31 -22.16 24.24
N ASN E 81 53.63 -22.23 24.02
CA ASN E 81 54.41 -23.35 24.51
C ASN E 81 54.52 -23.34 26.03
N THR E 82 54.50 -22.14 26.63
CA THR E 82 54.45 -22.01 28.09
C THR E 82 53.15 -22.59 28.65
N ALA E 83 52.04 -22.32 27.95
CA ALA E 83 50.74 -22.87 28.34
C ALA E 83 50.72 -24.40 28.20
N LEU E 84 51.35 -24.91 27.15
CA LEU E 84 51.48 -26.36 26.96
C LEU E 84 52.26 -26.96 28.12
N ARG E 85 53.35 -26.32 28.53
CA ARG E 85 54.10 -26.79 29.68
C ARG E 85 53.25 -26.83 30.94
N TYR E 86 52.47 -25.77 31.16
CA TYR E 86 51.59 -25.72 32.33
C TYR E 86 50.57 -26.85 32.29
N PHE E 87 49.89 -26.98 31.17
CA PHE E 87 48.93 -28.06 30.92
C PHE E 87 49.50 -29.44 31.26
N LEU E 88 50.72 -29.69 30.81
CA LEU E 88 51.34 -31.02 30.91
C LEU E 88 52.02 -31.31 32.25
N GLU E 89 52.59 -30.30 32.89
CA GLU E 89 53.37 -30.47 34.10
C GLU E 89 52.62 -30.09 35.38
N GLU E 90 51.57 -29.27 35.27
CA GLU E 90 50.85 -28.76 36.44
C GLU E 90 49.36 -29.11 36.49
N THR E 91 48.85 -29.82 35.49
CA THR E 91 47.48 -30.32 35.51
C THR E 91 47.39 -31.75 35.00
N GLN E 92 46.22 -32.34 35.17
CA GLN E 92 45.91 -33.65 34.61
C GLN E 92 44.69 -33.61 33.71
N TRP E 93 44.36 -32.43 33.20
CA TRP E 93 43.18 -32.30 32.34
C TRP E 93 43.45 -33.01 31.01
N GLU E 94 42.39 -33.55 30.42
CA GLU E 94 42.50 -34.33 29.19
C GLU E 94 42.56 -33.45 27.94
N ARG E 95 42.09 -32.21 28.05
CA ARG E 95 42.02 -31.31 26.90
C ARG E 95 42.46 -29.89 27.24
N ILE E 96 42.97 -29.19 26.25
CA ILE E 96 43.34 -27.78 26.40
C ILE E 96 42.75 -27.00 25.22
N HIS E 97 42.14 -25.86 25.51
CA HIS E 97 41.70 -24.91 24.48
C HIS E 97 42.66 -23.73 24.45
N PHE E 98 42.86 -23.14 23.27
CA PHE E 98 43.45 -21.82 23.14
C PHE E 98 42.41 -20.92 22.47
N TYR E 99 42.25 -19.70 22.96
CA TYR E 99 41.52 -18.64 22.26
C TYR E 99 42.29 -17.36 22.45
N ASP E 100 42.51 -16.56 21.42
CA ASP E 100 43.19 -15.32 21.76
C ASP E 100 42.27 -14.36 22.49
N ALA E 101 42.89 -13.51 23.29
CA ALA E 101 42.19 -12.81 24.36
C ALA E 101 41.30 -11.69 23.85
N ASP E 102 41.60 -11.19 22.65
CA ASP E 102 40.93 -10.00 22.11
C ASP E 102 39.64 -10.29 21.33
N ILE E 103 39.23 -11.55 21.26
CA ILE E 103 38.01 -11.91 20.54
C ILE E 103 36.77 -11.31 21.23
N THR E 104 35.95 -10.60 20.45
CA THR E 104 34.80 -9.89 21.00
C THR E 104 33.47 -10.63 20.82
N SER E 105 33.46 -11.76 20.11
CA SER E 105 32.24 -12.57 20.00
C SER E 105 32.30 -13.93 20.70
N PHE E 106 33.24 -14.09 21.63
CA PHE E 106 33.41 -15.34 22.38
C PHE E 106 32.15 -15.69 23.14
N GLY E 107 31.78 -16.96 23.09
CA GLY E 107 30.62 -17.45 23.80
C GLY E 107 30.78 -18.90 24.18
N PRO E 108 29.91 -19.39 25.05
CA PRO E 108 30.02 -20.76 25.56
C PRO E 108 29.94 -21.82 24.47
N ASP E 109 29.26 -21.53 23.37
CA ASP E 109 29.10 -22.53 22.30
C ASP E 109 30.39 -22.83 21.55
N TRP E 110 31.33 -21.88 21.57
CA TRP E 110 32.66 -22.14 21.02
C TRP E 110 33.29 -23.31 21.78
N ILE E 111 33.21 -23.26 23.11
CA ILE E 111 33.79 -24.30 23.95
C ILE E 111 33.05 -25.63 23.72
N THR E 112 31.72 -25.56 23.69
CA THR E 112 30.87 -26.74 23.54
C THR E 112 31.15 -27.47 22.25
N LYS E 113 31.22 -26.72 21.15
CA LYS E 113 31.42 -27.32 19.84
C LYS E 113 32.72 -28.11 19.78
N ALA E 114 33.78 -27.52 20.34
CA ALA E 114 35.08 -28.17 20.35
C ALA E 114 35.08 -29.40 21.25
N GLU E 115 34.49 -29.27 22.43
CA GLU E 115 34.41 -30.36 23.41
C GLU E 115 33.64 -31.58 22.89
N GLU E 116 32.55 -31.32 22.17
CA GLU E 116 31.71 -32.40 21.62
C GLU E 116 32.38 -33.10 20.44
N ALA E 117 33.11 -32.35 19.62
CA ALA E 117 33.91 -32.95 18.56
C ALA E 117 34.99 -33.83 19.16
N ALA E 118 35.66 -33.33 20.20
CA ALA E 118 36.69 -34.12 20.88
C ALA E 118 36.10 -35.37 21.54
N ASP E 119 34.82 -35.33 21.93
CA ASP E 119 34.15 -36.52 22.46
C ASP E 119 34.12 -37.70 21.48
N PHE E 120 34.14 -37.41 20.18
CA PHE E 120 34.19 -38.45 19.16
C PHE E 120 35.60 -38.89 18.77
N GLY E 121 36.60 -38.39 19.48
CA GLY E 121 37.96 -38.88 19.33
C GLY E 121 38.89 -38.06 18.45
N TYR E 122 38.44 -36.90 17.96
CA TYR E 122 39.34 -36.02 17.22
C TYR E 122 40.45 -35.49 18.14
N GLY E 123 41.69 -35.60 17.68
CA GLY E 123 42.84 -35.15 18.45
C GLY E 123 43.04 -33.64 18.48
N LEU E 124 42.60 -32.97 17.41
CA LEU E 124 42.71 -31.52 17.24
C LEU E 124 41.38 -30.99 16.70
N VAL E 125 40.83 -29.95 17.34
CA VAL E 125 39.66 -29.25 16.82
C VAL E 125 40.10 -27.84 16.57
N ARG E 126 39.89 -27.36 15.34
CA ARG E 126 40.25 -26.01 14.94
C ARG E 126 38.99 -25.22 14.64
N HIS E 127 38.82 -24.06 15.27
CA HIS E 127 37.74 -23.15 14.97
C HIS E 127 38.14 -22.29 13.78
N TYR E 128 37.25 -22.20 12.78
CA TYR E 128 37.50 -21.31 11.66
C TYR E 128 36.30 -20.40 11.39
N PHE E 129 36.58 -19.27 10.75
CA PHE E 129 35.67 -18.13 10.71
C PHE E 129 35.56 -17.57 9.32
N PRO E 130 34.46 -16.90 9.03
CA PRO E 130 34.35 -16.13 7.79
C PRO E 130 35.33 -14.96 7.83
N ARG E 131 36.04 -14.68 6.73
CA ARG E 131 37.00 -13.58 6.68
C ARG E 131 36.70 -12.71 5.46
N ALA E 132 36.93 -11.41 5.59
CA ALA E 132 36.83 -10.49 4.46
C ALA E 132 37.81 -10.88 3.34
N SER E 133 37.50 -10.47 2.13
CA SER E 133 38.27 -10.88 0.97
C SER E 133 39.67 -10.28 0.98
N THR E 134 39.85 -9.15 1.67
CA THR E 134 41.17 -8.53 1.79
C THR E 134 41.79 -8.72 3.18
N ASP E 135 41.23 -9.61 3.99
CA ASP E 135 41.92 -10.13 5.17
C ASP E 135 42.55 -11.46 4.79
N ALA E 136 43.33 -12.01 5.71
CA ALA E 136 43.86 -13.35 5.61
C ALA E 136 44.83 -13.47 4.44
N MET E 137 45.53 -12.39 4.15
CA MET E 137 46.49 -12.36 3.05
C MET E 137 47.81 -13.09 3.34
N ILE E 138 48.18 -13.25 4.61
CA ILE E 138 49.29 -14.15 4.94
C ILE E 138 48.82 -15.59 4.84
N THR E 139 47.67 -15.88 5.41
CA THR E 139 47.07 -17.20 5.32
C THR E 139 47.04 -17.69 3.88
N TRP E 140 46.50 -16.88 2.98
CA TRP E 140 46.32 -17.34 1.60
C TRP E 140 47.61 -17.31 0.78
N MET E 141 48.31 -16.19 0.77
CA MET E 141 49.43 -15.98 -0.14
C MET E 141 50.74 -16.55 0.36
N ILE E 142 50.83 -16.83 1.65
CA ILE E 142 52.05 -17.37 2.24
C ILE E 142 51.86 -18.80 2.72
N THR E 143 50.95 -19.00 3.66
CA THR E 143 50.87 -20.29 4.36
C THR E 143 50.22 -21.37 3.49
N ARG E 144 48.99 -21.16 3.09
CA ARG E 144 48.29 -22.11 2.24
C ARG E 144 48.96 -22.29 0.87
N THR E 145 49.45 -21.20 0.30
CA THR E 145 50.19 -21.26 -0.96
C THR E 145 51.42 -22.15 -0.80
N GLY E 146 52.17 -21.94 0.27
CA GLY E 146 53.38 -22.70 0.50
C GLY E 146 53.09 -24.17 0.68
N PHE E 147 52.05 -24.47 1.47
CA PHE E 147 51.65 -25.86 1.69
C PHE E 147 51.23 -26.52 0.37
N ALA E 148 50.55 -25.75 -0.49
CA ALA E 148 50.11 -26.26 -1.79
C ALA E 148 51.26 -26.50 -2.76
N LEU E 149 52.24 -25.59 -2.80
CA LEU E 149 53.35 -25.69 -3.73
C LEU E 149 54.29 -26.84 -3.36
N LEU E 150 54.43 -27.11 -2.07
CA LEU E 150 55.45 -28.03 -1.57
C LEU E 150 54.92 -29.41 -1.24
N TRP E 151 53.67 -29.48 -0.79
CA TRP E 151 53.06 -30.75 -0.38
C TRP E 151 51.66 -30.90 -0.99
N PRO E 152 51.57 -30.88 -2.32
CA PRO E 152 50.27 -30.86 -3.01
C PRO E 152 49.37 -32.07 -2.72
N HIS E 153 49.93 -33.24 -2.42
CA HIS E 153 49.16 -34.46 -2.21
C HIS E 153 48.77 -34.70 -0.77
N THR E 154 49.13 -33.78 0.13
CA THR E 154 48.87 -33.93 1.56
C THR E 154 47.69 -33.07 2.01
N GLU E 155 47.30 -33.25 3.27
CA GLU E 155 46.21 -32.47 3.85
C GLU E 155 46.57 -31.02 4.15
N LEU E 156 47.86 -30.68 4.15
CA LEU E 156 48.33 -29.39 4.68
C LEU E 156 47.57 -28.17 4.14
N SER E 157 47.49 -28.05 2.83
CA SER E 157 46.88 -26.85 2.21
C SER E 157 45.35 -26.87 2.26
N TRP E 158 44.78 -27.99 2.71
CA TRP E 158 43.33 -28.13 2.88
C TRP E 158 42.87 -27.73 4.28
N ILE E 159 43.79 -27.43 5.18
CA ILE E 159 43.41 -26.85 6.48
C ILE E 159 43.02 -25.40 6.22
N GLU E 160 41.83 -25.00 6.65
CA GLU E 160 41.30 -23.67 6.30
C GLU E 160 42.06 -22.49 6.89
N GLN E 161 42.35 -22.54 8.18
CA GLN E 161 42.98 -21.43 8.87
C GLN E 161 44.16 -21.89 9.69
N PRO E 162 45.26 -22.19 8.98
CA PRO E 162 46.44 -22.78 9.61
C PRO E 162 47.14 -21.85 10.58
N LEU E 163 46.87 -20.55 10.50
CA LEU E 163 47.38 -19.56 11.43
C LEU E 163 46.44 -19.30 12.61
N GLY E 164 45.27 -19.94 12.61
CA GLY E 164 44.26 -19.67 13.61
C GLY E 164 44.69 -20.13 14.99
N GLY E 165 44.49 -19.26 15.98
CA GLY E 165 44.86 -19.52 17.35
C GLY E 165 43.73 -20.02 18.24
N GLU E 166 42.59 -20.34 17.63
CA GLU E 166 41.45 -20.88 18.35
C GLU E 166 41.36 -22.36 18.06
N LEU E 167 41.63 -23.18 19.06
CA LEU E 167 41.65 -24.63 18.85
C LEU E 167 41.59 -25.40 20.16
N LEU E 168 41.33 -26.69 20.06
CA LEU E 168 41.39 -27.61 21.19
C LEU E 168 42.32 -28.76 20.83
N MET E 169 43.17 -29.17 21.77
CA MET E 169 44.01 -30.36 21.60
C MET E 169 43.72 -31.36 22.70
N ARG E 170 43.71 -32.65 22.37
CA ARG E 170 43.75 -33.70 23.38
C ARG E 170 45.15 -33.72 24.01
N ARG E 171 45.26 -34.26 25.22
CA ARG E 171 46.49 -34.18 26.00
C ARG E 171 47.66 -34.78 25.23
N GLU E 172 47.42 -35.91 24.59
CA GLU E 172 48.46 -36.65 23.86
C GLU E 172 49.00 -35.86 22.65
N VAL E 173 48.15 -35.04 22.04
CA VAL E 173 48.56 -34.16 20.95
C VAL E 173 49.43 -33.01 21.48
N ALA E 174 48.99 -32.40 22.57
CA ALA E 174 49.77 -31.38 23.25
C ALA E 174 51.13 -31.91 23.69
N ALA E 175 51.18 -33.15 24.18
CA ALA E 175 52.44 -33.73 24.65
C ALA E 175 53.39 -33.89 23.49
N MET E 176 52.86 -34.31 22.35
CA MET E 176 53.66 -34.53 21.15
C MET E 176 54.24 -33.21 20.63
N LEU E 177 53.41 -32.17 20.59
CA LEU E 177 53.87 -30.85 20.14
C LEU E 177 54.89 -30.24 21.09
N TYR E 178 54.65 -30.34 22.39
CA TYR E 178 55.60 -29.80 23.37
C TYR E 178 56.97 -30.50 23.32
N GLU E 179 56.98 -31.80 23.06
CA GLU E 179 58.22 -32.58 22.98
C GLU E 179 58.99 -32.36 21.67
N ASP E 180 58.34 -31.79 20.67
CA ASP E 180 58.95 -31.61 19.36
C ASP E 180 59.85 -30.35 19.31
N GLU E 181 61.13 -30.53 19.01
CA GLU E 181 62.08 -29.40 19.04
C GLU E 181 61.79 -28.33 17.99
N ARG E 182 61.25 -28.70 16.83
CA ARG E 182 60.92 -27.68 15.83
C ARG E 182 59.80 -26.76 16.32
N VAL E 183 58.90 -27.33 17.11
CA VAL E 183 57.75 -26.60 17.64
C VAL E 183 58.21 -25.71 18.80
N ARG E 184 58.97 -26.30 19.72
CA ARG E 184 59.50 -25.58 20.87
C ARG E 184 60.35 -24.37 20.51
N ARG E 185 61.12 -24.45 19.43
CA ARG E 185 61.98 -23.35 19.06
C ARG E 185 61.25 -22.18 18.43
N ARG E 186 60.02 -22.43 17.95
CA ARG E 186 59.25 -21.44 17.20
C ARG E 186 58.51 -20.49 18.14
N SER E 187 59.28 -19.59 18.74
CA SER E 187 58.80 -18.72 19.78
C SER E 187 58.01 -17.52 19.24
N ASP E 188 58.07 -17.31 17.93
CA ASP E 188 57.52 -16.09 17.31
C ASP E 188 56.14 -16.35 16.71
N TRP E 189 55.73 -15.60 15.69
CA TRP E 189 54.43 -15.79 15.03
C TRP E 189 54.34 -17.10 14.27
N GLY E 190 55.46 -17.78 14.07
CA GLY E 190 55.46 -19.03 13.31
C GLY E 190 54.86 -20.23 14.01
N ILE E 191 54.50 -20.08 15.29
CA ILE E 191 54.00 -21.21 16.09
C ILE E 191 52.77 -21.88 15.50
N ASP E 192 51.82 -21.09 15.04
CA ASP E 192 50.57 -21.65 14.53
C ASP E 192 50.83 -22.53 13.30
N THR E 193 51.73 -22.09 12.44
CA THR E 193 52.15 -22.87 11.27
C THR E 193 52.75 -24.19 11.71
N LEU E 194 53.59 -24.15 12.75
CA LEU E 194 54.24 -25.36 13.26
C LEU E 194 53.25 -26.35 13.87
N TYR E 195 52.30 -25.84 14.66
CA TYR E 195 51.29 -26.72 15.25
C TYR E 195 50.48 -27.38 14.13
N THR E 196 50.09 -26.60 13.13
CA THR E 196 49.34 -27.13 12.00
C THR E 196 50.15 -28.21 11.26
N PHE E 197 51.42 -27.89 10.98
CA PHE E 197 52.25 -28.75 10.16
C PHE E 197 52.53 -30.07 10.85
N VAL E 198 52.93 -29.98 12.11
CA VAL E 198 53.36 -31.16 12.86
C VAL E 198 52.17 -32.08 13.17
N THR E 199 50.99 -31.51 13.46
CA THR E 199 49.81 -32.36 13.68
C THR E 199 49.44 -33.13 12.41
N VAL E 200 49.48 -32.46 11.26
CA VAL E 200 49.19 -33.12 9.98
C VAL E 200 50.26 -34.18 9.67
N GLN E 201 51.53 -33.84 9.85
CA GLN E 201 52.63 -34.76 9.58
C GLN E 201 52.53 -36.05 10.43
N GLN E 202 52.01 -35.94 11.65
CA GLN E 202 51.89 -37.09 12.55
C GLN E 202 50.54 -37.81 12.38
N GLY E 203 49.69 -37.34 11.46
CA GLY E 203 48.44 -38.03 11.17
C GLY E 203 47.36 -37.87 12.24
N VAL E 204 47.42 -36.78 12.98
CA VAL E 204 46.41 -36.46 13.99
C VAL E 204 45.07 -36.22 13.30
N SER E 205 44.00 -36.80 13.84
CA SER E 205 42.66 -36.59 13.29
C SER E 205 42.19 -35.16 13.63
N ILE E 206 41.65 -34.46 12.64
CA ILE E 206 41.36 -33.04 12.78
C ILE E 206 39.90 -32.76 12.41
N TYR E 207 39.19 -32.04 13.28
CA TYR E 207 37.85 -31.53 13.00
C TYR E 207 37.94 -30.01 12.97
N GLU E 208 37.40 -29.42 11.92
CA GLU E 208 37.31 -27.96 11.81
C GLU E 208 35.87 -27.55 12.02
N CYS E 209 35.61 -26.81 13.09
CA CYS E 209 34.27 -26.33 13.36
C CYS E 209 34.13 -24.87 12.96
N TYR E 210 32.99 -24.55 12.35
CA TYR E 210 32.78 -23.23 11.81
C TYR E 210 32.07 -22.35 12.82
N ILE E 211 32.59 -21.16 13.06
CA ILE E 211 31.98 -20.21 13.98
C ILE E 211 31.46 -19.06 13.13
N PRO E 212 30.15 -19.00 12.95
CA PRO E 212 29.54 -18.20 11.88
C PRO E 212 29.54 -16.70 12.05
N GLU E 213 29.72 -16.18 13.26
CA GLU E 213 29.63 -14.74 13.44
C GLU E 213 30.99 -14.11 13.23
N GLY E 214 32.03 -14.92 13.22
CA GLY E 214 33.37 -14.40 13.00
C GLY E 214 34.01 -13.86 14.27
N LYS E 215 35.21 -13.27 14.11
CA LYS E 215 36.09 -12.85 15.21
C LYS E 215 36.56 -11.37 15.11
N ALA E 216 37.79 -11.07 15.55
CA ALA E 216 38.28 -9.69 15.75
C ALA E 216 39.10 -9.09 14.58
N HIS E 217 38.79 -7.84 14.25
CA HIS E 217 39.47 -7.11 13.18
C HIS E 217 40.58 -6.26 13.75
N ARG E 218 41.73 -6.27 13.10
CA ARG E 218 42.82 -5.38 13.48
C ARG E 218 42.43 -3.95 13.17
N LEU E 219 43.12 -3.00 13.81
CA LEU E 219 42.93 -1.59 13.52
C LEU E 219 43.19 -1.34 12.03
N TYR E 220 42.43 -0.42 11.46
CA TYR E 220 42.62 -0.04 10.07
C TYR E 220 44.05 0.45 9.87
N GLY E 221 44.77 -0.16 8.92
CA GLY E 221 46.13 0.28 8.61
C GLY E 221 46.66 -0.34 7.33
N GLY E 222 47.86 0.09 6.94
CA GLY E 222 48.54 -0.49 5.82
C GLY E 222 48.95 -1.92 6.09
N LEU E 223 49.38 -2.62 5.05
CA LEU E 223 49.86 -3.97 5.20
C LEU E 223 51.11 -4.07 6.09
N ASP E 224 51.83 -2.97 6.28
CA ASP E 224 53.02 -3.03 7.14
C ASP E 224 52.71 -3.29 8.64
N ASP E 225 51.47 -3.10 9.07
CA ASP E 225 51.07 -3.57 10.40
C ASP E 225 51.26 -5.09 10.54
N LEU E 226 51.28 -5.82 9.42
CA LEU E 226 51.43 -7.27 9.41
C LEU E 226 52.82 -7.76 9.01
N ARG E 227 53.77 -6.85 8.89
CA ARG E 227 55.07 -7.17 8.34
C ARG E 227 55.85 -8.20 9.15
N THR E 228 55.91 -8.04 10.47
CA THR E 228 56.61 -9.01 11.31
C THR E 228 55.98 -10.39 11.23
N MET E 229 54.66 -10.44 11.32
CA MET E 229 53.95 -11.69 11.13
C MET E 229 54.24 -12.33 9.76
N LEU E 230 54.27 -11.53 8.71
CA LEU E 230 54.58 -12.02 7.37
C LEU E 230 55.93 -12.69 7.31
N VAL E 231 56.97 -11.99 7.77
CA VAL E 231 58.32 -12.51 7.64
C VAL E 231 58.50 -13.78 8.49
N GLU E 232 57.82 -13.84 9.62
CA GLU E 232 57.93 -15.00 10.50
C GLU E 232 57.13 -16.21 10.00
N CYS E 233 55.97 -15.96 9.39
CA CYS E 233 55.16 -17.04 8.84
C CYS E 233 55.82 -17.64 7.60
N PHE E 234 56.43 -16.79 6.79
CA PHE E 234 57.17 -17.29 5.65
C PHE E 234 58.38 -18.09 6.11
N ALA E 235 59.11 -17.56 7.10
CA ALA E 235 60.29 -18.26 7.63
C ALA E 235 59.93 -19.64 8.14
N ALA E 236 58.74 -19.77 8.73
CA ALA E 236 58.29 -21.06 9.24
C ALA E 236 58.12 -22.07 8.11
N ILE E 237 57.48 -21.66 7.01
CA ILE E 237 57.33 -22.52 5.85
C ILE E 237 58.69 -22.90 5.32
N GLN E 238 59.56 -21.90 5.17
CA GLN E 238 60.90 -22.14 4.63
C GLN E 238 61.66 -23.19 5.44
N SER E 239 61.51 -23.13 6.77
CA SER E 239 62.23 -23.99 7.68
C SER E 239 61.78 -25.44 7.55
N LEU E 240 60.58 -25.63 7.03
CA LEU E 240 59.97 -26.96 6.89
C LEU E 240 60.09 -27.56 5.50
N GLN E 241 60.63 -26.81 4.54
CA GLN E 241 60.47 -27.16 3.12
C GLN E 241 61.06 -28.51 2.68
N HIS E 242 62.02 -29.05 3.43
CA HIS E 242 62.61 -30.35 3.09
C HIS E 242 61.96 -31.53 3.83
N GLU E 243 60.90 -31.27 4.59
CA GLU E 243 60.22 -32.30 5.35
C GLU E 243 59.42 -33.21 4.41
N VAL E 244 59.27 -34.47 4.82
CA VAL E 244 58.44 -35.46 4.13
C VAL E 244 57.12 -35.53 4.91
N VAL E 245 56.02 -35.47 4.17
CA VAL E 245 54.67 -35.55 4.74
C VAL E 245 53.92 -36.62 3.94
N GLY E 246 53.32 -37.57 4.64
CA GLY E 246 52.57 -38.65 4.02
C GLY E 246 51.14 -38.28 3.61
N GLN E 247 50.40 -39.30 3.23
CA GLN E 247 49.04 -39.15 2.72
C GLN E 247 48.04 -38.65 3.79
N PRO E 248 46.93 -38.08 3.36
CA PRO E 248 45.91 -37.58 4.29
C PRO E 248 45.49 -38.62 5.32
N ALA E 249 45.31 -38.15 6.56
CA ALA E 249 44.64 -38.93 7.60
C ALA E 249 43.19 -38.40 7.74
N ILE E 250 42.60 -38.48 8.92
CA ILE E 250 41.20 -38.08 9.11
C ILE E 250 41.07 -36.56 9.20
N HIS E 251 40.23 -36.00 8.34
CA HIS E 251 39.96 -34.57 8.34
C HIS E 251 38.48 -34.37 8.03
N ARG E 252 37.75 -33.87 9.03
CA ARG E 252 36.32 -33.54 8.90
C ARG E 252 36.20 -32.02 9.03
N GLN E 253 35.40 -31.41 8.17
CA GLN E 253 35.28 -29.97 8.12
C GLN E 253 33.82 -29.56 8.00
N GLU E 254 33.31 -28.88 9.02
CA GLU E 254 31.95 -28.35 8.98
C GLU E 254 31.81 -27.46 7.75
N HIS E 255 30.71 -27.63 7.02
CA HIS E 255 30.42 -26.80 5.85
C HIS E 255 30.17 -25.35 6.29
N PRO E 256 30.84 -24.39 5.66
CA PRO E 256 30.67 -22.97 6.02
C PRO E 256 29.24 -22.51 5.87
N HIS E 257 28.74 -21.74 6.83
CA HIS E 257 27.43 -21.10 6.72
C HIS E 257 27.59 -19.90 5.78
N ARG E 258 26.52 -19.17 5.53
CA ARG E 258 26.62 -17.99 4.68
C ARG E 258 27.41 -16.87 5.39
N VAL E 259 28.24 -16.19 4.63
CA VAL E 259 29.07 -15.11 5.16
C VAL E 259 28.18 -13.94 5.68
N PRO E 260 28.42 -13.44 6.89
CA PRO E 260 27.71 -12.24 7.34
C PRO E 260 28.00 -11.07 6.41
N VAL E 261 26.99 -10.25 6.14
CA VAL E 261 27.09 -9.15 5.20
C VAL E 261 28.24 -8.20 5.57
N HIS E 262 28.38 -7.89 6.87
CA HIS E 262 29.43 -6.96 7.31
C HIS E 262 30.84 -7.49 7.07
N ILE E 263 31.00 -8.81 7.00
CA ILE E 263 32.28 -9.39 6.67
C ILE E 263 32.53 -9.36 5.15
N ALA E 264 31.52 -9.70 4.37
CA ALA E 264 31.62 -9.66 2.91
C ALA E 264 31.91 -8.24 2.40
N GLU E 265 31.39 -7.24 3.11
CA GLU E 265 31.53 -5.85 2.69
C GLU E 265 32.67 -5.09 3.40
N ARG E 266 33.50 -5.79 4.15
CA ARG E 266 34.61 -5.16 4.86
C ARG E 266 35.85 -5.02 3.94
N VAL E 267 36.60 -3.94 4.13
CA VAL E 267 37.91 -3.75 3.52
C VAL E 267 38.98 -3.90 4.61
N GLY E 268 39.94 -4.77 4.36
CA GLY E 268 40.86 -5.26 5.38
C GLY E 268 42.14 -4.43 5.58
N TYR E 269 42.45 -3.53 4.65
CA TYR E 269 43.63 -2.68 4.78
C TYR E 269 43.49 -1.34 4.05
N ASP E 270 44.38 -0.40 4.38
CA ASP E 270 44.38 0.94 3.82
C ASP E 270 45.24 0.89 2.55
N VAL E 271 44.60 1.01 1.39
CA VAL E 271 45.25 0.83 0.09
C VAL E 271 46.25 1.97 -0.15
N GLU E 272 45.85 3.20 0.09
CA GLU E 272 46.73 4.35 -0.11
C GLU E 272 48.01 4.21 0.71
N ALA E 273 47.87 3.86 1.99
CA ALA E 273 49.03 3.71 2.86
C ALA E 273 49.93 2.58 2.38
N THR E 274 49.33 1.52 1.87
CA THR E 274 50.06 0.38 1.35
C THR E 274 50.87 0.70 0.08
N LEU E 275 50.28 1.52 -0.80
CA LEU E 275 50.94 1.99 -2.02
C LEU E 275 52.12 2.89 -1.69
N HIS E 276 51.93 3.80 -0.74
CA HIS E 276 53.00 4.68 -0.27
C HIS E 276 54.19 3.90 0.32
N ARG E 277 53.88 2.94 1.17
CA ARG E 277 54.89 2.18 1.90
C ARG E 277 55.71 1.28 0.94
N LEU E 278 55.10 0.93 -0.19
CA LEU E 278 55.79 0.18 -1.24
C LEU E 278 56.97 0.97 -1.87
N MET E 279 56.90 2.30 -1.83
CA MET E 279 57.94 3.18 -2.35
C MET E 279 59.00 3.57 -1.32
N GLN E 280 58.88 3.06 -0.10
CA GLN E 280 59.74 3.46 1.00
C GLN E 280 60.75 2.37 1.38
N HIS E 281 61.80 2.77 2.09
CA HIS E 281 62.79 1.86 2.68
C HIS E 281 63.56 0.99 1.66
N TRP E 282 63.79 1.55 0.48
CA TRP E 282 64.64 0.93 -0.53
C TRP E 282 66.11 1.12 -0.14
N THR E 283 66.91 0.11 -0.49
CA THR E 283 68.36 0.17 -0.43
C THR E 283 68.97 -0.39 -1.70
N PRO E 284 70.20 -0.01 -2.00
CA PRO E 284 70.91 -0.65 -3.11
C PRO E 284 70.95 -2.19 -3.04
N ARG E 285 71.07 -2.76 -1.85
CA ARG E 285 71.08 -4.22 -1.71
C ARG E 285 69.76 -4.87 -2.14
N GLN E 286 68.63 -4.24 -1.82
CA GLN E 286 67.35 -4.78 -2.24
C GLN E 286 67.27 -4.79 -3.77
N VAL E 287 67.73 -3.72 -4.40
CA VAL E 287 67.74 -3.62 -5.86
C VAL E 287 68.57 -4.77 -6.46
N GLU E 288 69.73 -5.03 -5.85
CA GLU E 288 70.65 -6.09 -6.24
C GLU E 288 70.05 -7.49 -6.07
N LEU E 289 69.40 -7.73 -4.93
CA LEU E 289 68.82 -9.03 -4.62
C LEU E 289 67.75 -9.44 -5.65
N LEU E 290 67.14 -8.45 -6.31
CA LEU E 290 66.13 -8.72 -7.32
C LEU E 290 66.66 -9.44 -8.57
N GLU E 291 67.97 -9.45 -8.77
CA GLU E 291 68.57 -10.21 -9.87
C GLU E 291 68.29 -11.70 -9.77
N LEU E 292 67.98 -12.19 -8.56
CA LEU E 292 67.64 -13.60 -8.33
C LEU E 292 66.24 -13.99 -8.83
N PHE E 293 65.42 -12.99 -9.13
CA PHE E 293 64.02 -13.22 -9.50
C PHE E 293 63.80 -13.18 -11.01
N THR E 294 62.62 -13.60 -11.46
CA THR E 294 62.29 -13.57 -12.88
C THR E 294 62.27 -12.15 -13.37
N THR E 295 62.54 -11.98 -14.66
CA THR E 295 62.63 -10.66 -15.27
C THR E 295 61.41 -9.76 -15.01
N PRO E 296 60.19 -10.25 -15.20
CA PRO E 296 59.01 -9.43 -14.93
C PRO E 296 58.91 -8.98 -13.46
N VAL E 297 59.30 -9.84 -12.52
CA VAL E 297 59.28 -9.50 -11.10
C VAL E 297 60.40 -8.53 -10.73
N ARG E 298 61.58 -8.75 -11.29
CA ARG E 298 62.71 -7.88 -11.04
C ARG E 298 62.42 -6.46 -11.52
N GLU E 299 61.91 -6.33 -12.73
CA GLU E 299 61.61 -5.01 -13.31
C GLU E 299 60.38 -4.38 -12.68
N GLY E 300 59.39 -5.21 -12.31
CA GLY E 300 58.18 -4.74 -11.65
C GLY E 300 58.46 -4.12 -10.30
N LEU E 301 59.20 -4.83 -9.46
CA LEU E 301 59.51 -4.31 -8.12
C LEU E 301 60.45 -3.12 -8.18
N ARG E 302 61.43 -3.15 -9.09
CA ARG E 302 62.35 -2.02 -9.24
C ARG E 302 61.61 -0.75 -9.63
N THR E 303 60.50 -0.88 -10.35
CA THR E 303 59.66 0.25 -10.69
C THR E 303 59.09 0.95 -9.46
N CYS E 304 58.83 0.18 -8.41
CA CYS E 304 58.31 0.67 -7.13
C CYS E 304 59.19 1.67 -6.38
N GLN E 305 60.44 1.84 -6.82
CA GLN E 305 61.27 2.95 -6.35
C GLN E 305 60.71 4.30 -6.77
N ARG E 306 59.98 4.33 -7.90
CA ARG E 306 59.51 5.59 -8.48
C ARG E 306 57.99 5.74 -8.40
N ARG E 307 57.28 4.63 -8.52
CA ARG E 307 55.83 4.63 -8.42
C ARG E 307 55.30 3.22 -8.19
N PRO E 308 54.11 3.08 -7.64
CA PRO E 308 53.59 1.76 -7.30
C PRO E 308 53.30 0.94 -8.56
N ALA E 309 53.80 -0.30 -8.57
CA ALA E 309 53.52 -1.23 -9.64
C ALA E 309 53.19 -2.58 -9.03
N PHE E 310 52.20 -3.26 -9.59
CA PHE E 310 51.75 -4.54 -9.07
C PHE E 310 51.02 -5.42 -10.08
N ASN E 311 50.64 -4.88 -11.24
CA ASN E 311 50.00 -5.67 -12.31
C ASN E 311 50.84 -6.90 -12.71
N PHE E 312 52.15 -6.80 -12.56
CA PHE E 312 53.05 -7.90 -12.89
C PHE E 312 52.89 -9.12 -11.96
N MET E 313 52.44 -8.89 -10.74
CA MET E 313 52.48 -9.94 -9.72
C MET E 313 51.20 -10.75 -9.73
N ASP E 314 50.99 -11.46 -10.83
CA ASP E 314 49.86 -12.35 -10.95
C ASP E 314 50.19 -13.68 -10.27
N GLU E 315 49.25 -14.61 -10.37
CA GLU E 315 49.33 -15.90 -9.69
C GLU E 315 50.58 -16.69 -10.05
N MET E 316 50.91 -16.72 -11.33
CA MET E 316 52.08 -17.48 -11.78
C MET E 316 53.40 -16.81 -11.38
N ALA E 317 53.46 -15.49 -11.49
CA ALA E 317 54.62 -14.71 -11.04
C ALA E 317 54.86 -14.90 -9.54
N TRP E 318 53.79 -14.97 -8.76
CA TRP E 318 53.92 -15.15 -7.33
C TRP E 318 54.51 -16.53 -7.00
N ALA E 319 54.06 -17.57 -7.70
CA ALA E 319 54.57 -18.90 -7.44
C ALA E 319 56.07 -19.00 -7.75
N ALA E 320 56.50 -18.37 -8.84
CA ALA E 320 57.93 -18.35 -9.21
C ALA E 320 58.72 -17.58 -8.14
N THR E 321 58.17 -16.45 -7.72
CA THR E 321 58.74 -15.63 -6.68
C THR E 321 58.89 -16.40 -5.38
N TYR E 322 57.86 -17.17 -5.04
CA TYR E 322 57.82 -17.99 -3.84
C TYR E 322 58.99 -18.99 -3.81
N HIS E 323 59.24 -19.66 -4.93
CA HIS E 323 60.31 -20.65 -5.00
C HIS E 323 61.69 -19.97 -4.88
N VAL E 324 61.83 -18.76 -5.41
CA VAL E 324 63.10 -18.04 -5.29
C VAL E 324 63.33 -17.68 -3.81
N LEU E 325 62.29 -17.19 -3.15
CA LEU E 325 62.36 -16.86 -1.73
C LEU E 325 62.66 -18.10 -0.87
N LEU E 326 62.08 -19.24 -1.21
CA LEU E 326 62.33 -20.47 -0.45
C LEU E 326 63.82 -20.80 -0.46
N GLU E 327 64.46 -20.59 -1.61
CA GLU E 327 65.88 -20.88 -1.77
C GLU E 327 66.77 -19.83 -1.11
N HIS E 328 66.43 -18.56 -1.26
CA HIS E 328 67.39 -17.49 -0.99
C HIS E 328 67.06 -16.55 0.18
N PHE E 329 65.81 -16.48 0.61
CA PHE E 329 65.41 -15.59 1.71
C PHE E 329 66.17 -15.95 2.98
N GLN E 330 66.69 -14.93 3.66
CA GLN E 330 67.37 -15.10 4.94
C GLN E 330 66.62 -14.40 6.05
N PRO E 331 65.93 -15.14 6.92
CA PRO E 331 65.27 -14.51 8.06
C PRO E 331 66.30 -13.76 8.90
N GLY E 332 65.92 -12.59 9.38
CA GLY E 332 66.80 -11.75 10.17
C GLY E 332 67.61 -10.76 9.36
N ASP E 333 67.79 -10.98 8.05
CA ASP E 333 68.47 -10.01 7.20
C ASP E 333 67.49 -8.88 6.84
N PRO E 334 67.78 -7.63 7.22
CA PRO E 334 66.82 -6.53 7.02
C PRO E 334 66.40 -6.33 5.56
N ASP E 335 67.34 -6.49 4.62
CA ASP E 335 67.02 -6.31 3.20
C ASP E 335 66.16 -7.43 2.65
N TRP E 336 66.42 -8.67 3.06
CA TRP E 336 65.58 -9.79 2.64
C TRP E 336 64.18 -9.66 3.22
N GLU E 337 64.10 -9.25 4.48
CA GLU E 337 62.80 -9.10 5.12
C GLU E 337 61.99 -8.01 4.41
N GLU E 338 62.65 -6.92 4.05
CA GLU E 338 61.99 -5.84 3.35
C GLU E 338 61.57 -6.21 1.92
N LEU E 339 62.42 -6.97 1.23
CA LEU E 339 62.09 -7.44 -0.11
C LEU E 339 60.90 -8.38 -0.08
N LEU E 340 60.86 -9.31 0.87
CA LEU E 340 59.68 -10.17 1.04
C LEU E 340 58.44 -9.34 1.28
N PHE E 341 58.53 -8.35 2.16
CA PHE E 341 57.39 -7.52 2.45
C PHE E 341 56.86 -6.78 1.19
N LYS E 342 57.76 -6.23 0.39
CA LYS E 342 57.38 -5.52 -0.83
C LYS E 342 56.83 -6.47 -1.88
N LEU E 343 57.43 -7.65 -2.02
CA LEU E 343 56.94 -8.63 -2.99
C LEU E 343 55.52 -9.06 -2.61
N TRP E 344 55.33 -9.43 -1.35
CA TRP E 344 54.02 -9.79 -0.86
C TRP E 344 53.02 -8.64 -1.01
N THR E 345 53.44 -7.41 -0.75
CA THR E 345 52.57 -6.25 -0.94
C THR E 345 52.05 -6.18 -2.39
N THR E 346 52.95 -6.37 -3.37
CA THR E 346 52.51 -6.32 -4.77
C THR E 346 51.54 -7.43 -5.09
N ARG E 347 51.74 -8.63 -4.54
CA ARG E 347 50.83 -9.72 -4.78
C ARG E 347 49.44 -9.39 -4.21
N VAL E 348 49.41 -8.84 -3.01
CA VAL E 348 48.14 -8.48 -2.37
C VAL E 348 47.39 -7.39 -3.16
N LEU E 349 48.14 -6.38 -3.61
CA LEU E 349 47.56 -5.30 -4.41
C LEU E 349 46.99 -5.82 -5.74
N ASN E 350 47.74 -6.71 -6.38
CA ASN E 350 47.30 -7.34 -7.64
C ASN E 350 46.00 -8.11 -7.44
N TYR E 351 45.99 -8.95 -6.41
CA TYR E 351 44.82 -9.74 -6.06
C TYR E 351 43.65 -8.82 -5.72
N THR E 352 43.92 -7.73 -5.04
CA THR E 352 42.87 -6.81 -4.65
C THR E 352 42.16 -6.24 -5.87
N MET E 353 42.94 -5.76 -6.85
CA MET E 353 42.37 -5.07 -8.01
C MET E 353 41.86 -6.01 -9.09
N THR E 354 42.43 -7.21 -9.20
CA THR E 354 42.00 -8.16 -10.23
C THR E 354 41.02 -9.20 -9.74
N VAL E 355 40.92 -9.37 -8.42
CA VAL E 355 40.04 -10.39 -7.86
C VAL E 355 39.04 -9.82 -6.85
N ALA E 356 39.52 -9.23 -5.77
CA ALA E 356 38.65 -8.77 -4.67
C ALA E 356 37.64 -7.71 -5.13
N LEU E 357 38.07 -6.87 -6.07
CA LEU E 357 37.21 -5.84 -6.62
C LEU E 357 36.03 -6.43 -7.46
N ARG E 358 36.14 -7.69 -7.83
CA ARG E 358 35.05 -8.35 -8.56
C ARG E 358 33.96 -8.90 -7.64
N GLY E 359 34.14 -8.76 -6.33
CA GLY E 359 33.13 -9.14 -5.36
C GLY E 359 33.53 -10.36 -4.55
N TYR E 360 32.87 -10.50 -3.41
CA TYR E 360 33.23 -11.47 -2.41
C TYR E 360 33.14 -12.90 -2.96
N ASP E 361 32.08 -13.19 -3.71
CA ASP E 361 31.89 -14.56 -4.22
C ASP E 361 32.98 -14.91 -5.26
N TYR E 362 33.31 -13.96 -6.12
CA TYR E 362 34.40 -14.17 -7.09
C TYR E 362 35.71 -14.44 -6.36
N ALA E 363 35.96 -13.68 -5.29
CA ALA E 363 37.21 -13.79 -4.56
C ALA E 363 37.33 -15.14 -3.89
N GLN E 364 36.23 -15.66 -3.34
CA GLN E 364 36.25 -16.95 -2.66
C GLN E 364 36.58 -18.06 -3.67
N GLN E 365 35.92 -18.06 -4.83
CA GLN E 365 36.18 -19.11 -5.80
C GLN E 365 37.62 -19.02 -6.28
N TYR E 366 38.09 -17.80 -6.49
CA TYR E 366 39.42 -17.56 -6.97
C TYR E 366 40.47 -18.16 -6.03
N LEU E 367 40.32 -17.90 -4.73
CA LEU E 367 41.32 -18.30 -3.76
C LEU E 367 41.40 -19.83 -3.64
N TYR E 368 40.25 -20.49 -3.54
CA TYR E 368 40.22 -21.95 -3.45
C TYR E 368 40.74 -22.61 -4.73
N ARG E 369 40.41 -22.03 -5.89
CA ARG E 369 40.84 -22.58 -7.16
C ARG E 369 42.33 -22.27 -7.43
N MET E 370 42.82 -21.15 -6.89
CA MET E 370 44.23 -20.79 -6.95
C MET E 370 45.05 -21.89 -6.29
N LEU E 371 44.64 -22.34 -5.11
CA LEU E 371 45.29 -23.44 -4.41
C LEU E 371 45.24 -24.72 -5.23
N GLY E 372 44.11 -24.99 -5.87
CA GLY E 372 43.95 -26.14 -6.73
C GLY E 372 44.93 -26.12 -7.89
N ARG E 373 45.08 -24.95 -8.51
CA ARG E 373 46.02 -24.74 -9.61
C ARG E 373 47.47 -24.91 -9.15
N TYR E 374 47.81 -24.38 -7.99
CA TYR E 374 49.15 -24.51 -7.45
C TYR E 374 49.49 -25.98 -7.16
N ARG E 375 48.54 -26.73 -6.59
CA ARG E 375 48.79 -28.13 -6.28
C ARG E 375 48.97 -28.97 -7.53
N TYR E 376 48.10 -28.73 -8.49
CA TYR E 376 48.11 -29.48 -9.74
C TYR E 376 49.44 -29.25 -10.47
N GLN E 377 49.86 -27.99 -10.55
CA GLN E 377 51.13 -27.62 -11.18
C GLN E 377 52.30 -28.25 -10.45
N ALA E 378 52.28 -28.19 -9.12
CA ALA E 378 53.34 -28.76 -8.28
C ALA E 378 53.47 -30.26 -8.44
N ALA E 379 52.33 -30.96 -8.56
CA ALA E 379 52.33 -32.41 -8.71
C ALA E 379 52.80 -32.82 -10.11
N LEU E 380 52.61 -31.96 -11.10
CA LEU E 380 52.92 -32.27 -12.49
C LEU E 380 54.37 -31.99 -12.89
N GLU E 381 54.99 -30.99 -12.27
CA GLU E 381 56.39 -30.65 -12.56
C GLU E 381 57.36 -31.59 -11.82
N SER F 2 9.06 4.84 -38.29
CA SER F 2 10.07 5.61 -37.53
C SER F 2 11.42 5.58 -38.21
N LEU F 3 12.26 6.54 -37.88
CA LEU F 3 13.66 6.58 -38.31
C LEU F 3 14.55 6.03 -37.20
N VAL F 4 15.47 5.13 -37.54
CA VAL F 4 16.46 4.64 -36.58
C VAL F 4 17.82 5.12 -37.07
N VAL F 5 18.57 5.73 -36.17
CA VAL F 5 19.85 6.33 -36.49
C VAL F 5 20.97 5.64 -35.73
N PHE F 6 22.01 5.24 -36.46
CA PHE F 6 23.24 4.78 -35.86
C PHE F 6 24.35 5.78 -36.18
N PRO F 7 24.72 6.63 -35.22
CA PRO F 7 25.94 7.42 -35.38
C PRO F 7 27.14 6.49 -35.26
N PHE F 8 28.15 6.67 -36.11
CA PHE F 8 29.35 5.84 -36.03
C PHE F 8 30.63 6.62 -36.35
N LYS F 9 31.74 6.11 -35.83
CA LYS F 9 33.06 6.66 -36.11
C LYS F 9 33.93 5.54 -36.68
N HIS F 10 34.62 4.79 -35.81
CA HIS F 10 35.52 3.73 -36.26
C HIS F 10 35.13 2.36 -35.69
N GLU F 11 33.89 2.20 -35.27
CA GLU F 11 33.39 0.92 -34.75
C GLU F 11 33.47 -0.15 -35.84
N HIS F 12 33.61 -1.42 -35.43
CA HIS F 12 33.77 -2.50 -36.41
C HIS F 12 32.51 -2.51 -37.30
N PRO F 13 32.69 -2.53 -38.62
CA PRO F 13 31.53 -2.44 -39.51
C PRO F 13 30.57 -3.65 -39.47
N GLU F 14 31.06 -4.84 -39.13
CA GLU F 14 30.21 -6.03 -39.15
C GLU F 14 29.18 -6.03 -38.02
N VAL F 15 29.56 -5.56 -36.84
CA VAL F 15 28.60 -5.41 -35.76
C VAL F 15 27.59 -4.32 -36.11
N LEU F 16 28.07 -3.18 -36.60
CA LEU F 16 27.20 -2.09 -37.04
C LEU F 16 26.19 -2.56 -38.09
N LEU F 17 26.65 -3.28 -39.09
CA LEU F 17 25.79 -3.74 -40.18
C LEU F 17 24.78 -4.80 -39.72
N HIS F 18 25.16 -5.64 -38.75
CA HIS F 18 24.21 -6.55 -38.11
C HIS F 18 23.07 -5.75 -37.45
N ASN F 19 23.44 -4.72 -36.71
CA ASN F 19 22.45 -3.86 -36.03
C ASN F 19 21.57 -3.09 -37.01
N VAL F 20 22.15 -2.62 -38.10
CA VAL F 20 21.39 -1.93 -39.15
C VAL F 20 20.33 -2.88 -39.72
N ARG F 21 20.73 -4.13 -39.94
CA ARG F 21 19.83 -5.16 -40.49
C ARG F 21 18.66 -5.44 -39.55
N VAL F 22 18.95 -5.50 -38.25
CA VAL F 22 17.92 -5.69 -37.23
C VAL F 22 16.90 -4.54 -37.27
N ALA F 23 17.38 -3.31 -37.32
CA ALA F 23 16.48 -2.16 -37.35
C ALA F 23 15.66 -2.13 -38.64
N ALA F 24 16.31 -2.45 -39.76
CA ALA F 24 15.65 -2.42 -41.07
C ALA F 24 14.55 -3.46 -41.20
N ALA F 25 14.69 -4.59 -40.50
CA ALA F 25 13.74 -5.69 -40.61
C ALA F 25 12.55 -5.51 -39.68
N HIS F 26 12.65 -4.53 -38.77
CA HIS F 26 11.60 -4.30 -37.79
C HIS F 26 10.39 -3.65 -38.46
N PRO F 27 9.19 -4.21 -38.25
CA PRO F 27 7.99 -3.70 -38.92
C PRO F 27 7.63 -2.23 -38.64
N ARG F 28 8.07 -1.69 -37.52
CA ARG F 28 7.77 -0.30 -37.18
C ARG F 28 8.84 0.70 -37.65
N VAL F 29 9.93 0.19 -38.20
CA VAL F 29 11.01 1.03 -38.72
C VAL F 29 10.83 1.22 -40.23
N HIS F 30 10.72 2.48 -40.65
CA HIS F 30 10.53 2.83 -42.06
C HIS F 30 11.78 3.39 -42.75
N GLU F 31 12.82 3.69 -41.99
CA GLU F 31 14.10 4.11 -42.55
C GLU F 31 15.21 3.96 -41.50
N VAL F 32 16.41 3.61 -41.97
CA VAL F 32 17.60 3.58 -41.13
C VAL F 32 18.61 4.56 -41.71
N LEU F 33 19.20 5.38 -40.84
CA LEU F 33 20.19 6.36 -41.22
C LEU F 33 21.46 6.12 -40.42
N CYS F 34 22.58 5.92 -41.11
CA CYS F 34 23.87 5.85 -40.45
C CYS F 34 24.61 7.16 -40.71
N ILE F 35 25.00 7.86 -39.65
CA ILE F 35 25.71 9.12 -39.76
C ILE F 35 27.16 8.91 -39.32
N GLY F 36 28.07 8.94 -40.28
CA GLY F 36 29.48 8.72 -40.03
C GLY F 36 30.29 9.98 -39.73
N TYR F 37 31.39 9.78 -39.04
CA TYR F 37 32.31 10.85 -38.65
C TYR F 37 33.07 11.37 -39.87
N GLU F 38 33.55 10.44 -40.69
CA GLU F 38 34.34 10.74 -41.88
C GLU F 38 34.33 9.55 -42.83
N ARG F 39 34.86 9.74 -44.03
CA ARG F 39 34.94 8.68 -45.03
C ARG F 39 36.13 7.73 -44.75
N ASP F 40 36.01 6.95 -43.69
CA ASP F 40 37.03 5.98 -43.28
C ASP F 40 36.66 4.57 -43.79
N GLN F 41 37.32 3.55 -43.25
CA GLN F 41 37.06 2.17 -43.65
C GLN F 41 35.68 1.70 -43.21
N THR F 42 35.24 2.11 -42.02
CA THR F 42 33.90 1.80 -41.54
C THR F 42 32.84 2.39 -42.48
N TYR F 43 32.98 3.68 -42.83
CA TYR F 43 32.05 4.37 -43.72
C TYR F 43 31.90 3.65 -45.04
N GLU F 44 33.02 3.26 -45.65
CA GLU F 44 32.99 2.66 -46.99
C GLU F 44 32.34 1.29 -46.96
N ALA F 45 32.59 0.53 -45.89
CA ALA F 45 31.97 -0.77 -45.67
C ALA F 45 30.46 -0.65 -45.53
N VAL F 46 30.03 0.41 -44.84
CA VAL F 46 28.60 0.65 -44.60
C VAL F 46 27.92 1.11 -45.88
N GLU F 47 28.57 2.00 -46.62
CA GLU F 47 28.02 2.55 -47.87
C GLU F 47 27.84 1.42 -48.89
N ARG F 48 28.78 0.50 -48.91
CA ARG F 48 28.78 -0.68 -49.78
C ARG F 48 27.59 -1.61 -49.48
N ALA F 49 27.36 -1.85 -48.20
CA ALA F 49 26.40 -2.86 -47.75
C ALA F 49 24.96 -2.38 -47.73
N ALA F 50 24.75 -1.07 -47.65
CA ALA F 50 23.42 -0.50 -47.45
C ALA F 50 22.38 -0.86 -48.53
N PRO F 51 22.74 -0.80 -49.81
CA PRO F 51 21.81 -1.21 -50.88
C PRO F 51 21.22 -2.62 -50.75
N GLU F 52 22.05 -3.61 -50.39
CA GLU F 52 21.58 -4.98 -50.25
C GLU F 52 20.70 -5.15 -49.01
N ILE F 53 20.94 -4.35 -47.97
CA ILE F 53 20.08 -4.35 -46.79
C ILE F 53 18.71 -3.77 -47.12
N SER F 54 18.69 -2.65 -47.86
CA SER F 54 17.44 -1.99 -48.25
C SER F 54 16.56 -2.90 -49.09
N ARG F 55 17.21 -3.68 -49.96
CA ARG F 55 16.53 -4.57 -50.88
C ARG F 55 15.92 -5.78 -50.15
N ALA F 56 16.69 -6.37 -49.23
CA ALA F 56 16.27 -7.58 -48.52
C ALA F 56 15.19 -7.34 -47.45
N THR F 57 15.14 -6.13 -46.89
CA THR F 57 14.16 -5.77 -45.87
C THR F 57 13.01 -4.89 -46.39
N GLY F 58 13.18 -4.32 -47.58
CA GLY F 58 12.23 -3.34 -48.08
C GLY F 58 12.24 -2.00 -47.35
N THR F 59 13.23 -1.79 -46.48
CA THR F 59 13.36 -0.55 -45.71
C THR F 59 14.61 0.19 -46.17
N PRO F 60 14.49 1.46 -46.59
CA PRO F 60 15.65 2.21 -47.07
C PRO F 60 16.69 2.48 -45.99
N VAL F 61 17.95 2.21 -46.33
CA VAL F 61 19.09 2.46 -45.47
C VAL F 61 19.96 3.49 -46.18
N SER F 62 20.18 4.63 -45.51
CA SER F 62 20.98 5.72 -46.06
C SER F 62 22.22 5.94 -45.19
N VAL F 63 23.31 6.34 -45.83
CA VAL F 63 24.54 6.66 -45.13
C VAL F 63 24.95 8.08 -45.50
N ARG F 64 25.24 8.89 -44.47
CA ARG F 64 25.66 10.28 -44.64
C ARG F 64 26.80 10.64 -43.70
N LEU F 65 27.55 11.68 -44.07
CA LEU F 65 28.62 12.24 -43.25
C LEU F 65 28.01 13.24 -42.29
N GLN F 66 28.48 13.28 -41.05
CA GLN F 66 28.05 14.32 -40.12
C GLN F 66 28.42 15.71 -40.66
N GLU F 67 27.53 16.66 -40.41
CA GLU F 67 27.75 18.04 -40.80
C GLU F 67 28.39 18.80 -39.64
N ARG F 68 28.96 19.96 -39.94
CA ARG F 68 29.55 20.82 -38.93
C ARG F 68 28.49 21.84 -38.51
N LEU F 69 27.78 21.53 -37.43
CA LEU F 69 26.65 22.33 -36.95
C LEU F 69 26.95 23.15 -35.70
N GLY F 70 27.88 22.68 -34.87
CA GLY F 70 28.22 23.33 -33.62
C GLY F 70 29.58 24.01 -33.64
N THR F 71 30.07 24.40 -32.45
CA THR F 71 31.26 25.24 -32.33
C THR F 71 32.34 24.70 -31.40
N LEU F 72 32.17 23.48 -30.91
CA LEU F 72 33.16 22.86 -30.03
C LEU F 72 33.93 21.83 -30.86
N ARG F 73 34.60 20.87 -30.23
CA ARG F 73 35.24 19.79 -30.98
C ARG F 73 34.19 19.09 -31.84
N PRO F 74 34.48 18.87 -33.14
CA PRO F 74 33.56 18.11 -33.99
C PRO F 74 33.49 16.65 -33.54
N GLY F 75 32.38 16.28 -32.92
CA GLY F 75 32.23 14.96 -32.35
C GLY F 75 30.80 14.48 -32.34
N LYS F 76 30.45 13.80 -31.27
CA LYS F 76 29.18 13.06 -31.18
C LYS F 76 27.98 13.97 -31.44
N GLY F 77 28.03 15.19 -30.90
CA GLY F 77 26.95 16.15 -31.05
C GLY F 77 26.65 16.60 -32.46
N ASP F 78 27.70 16.77 -33.27
CA ASP F 78 27.52 17.09 -34.68
C ASP F 78 26.83 15.93 -35.38
N GLY F 79 27.18 14.70 -35.03
CA GLY F 79 26.53 13.53 -35.59
C GLY F 79 25.05 13.43 -35.24
N MET F 80 24.72 13.56 -33.97
CA MET F 80 23.34 13.44 -33.52
C MET F 80 22.48 14.61 -34.04
N ASN F 81 23.01 15.82 -34.04
CA ASN F 81 22.27 16.98 -34.54
C ASN F 81 22.11 16.95 -36.06
N THR F 82 23.06 16.35 -36.77
CA THR F 82 22.90 16.13 -38.20
C THR F 82 21.72 15.19 -38.48
N ALA F 83 21.61 14.14 -37.67
CA ALA F 83 20.51 13.19 -37.78
C ALA F 83 19.18 13.86 -37.48
N LEU F 84 19.15 14.74 -36.49
CA LEU F 84 17.96 15.53 -36.18
C LEU F 84 17.56 16.36 -37.39
N ARG F 85 18.53 17.01 -38.03
CA ARG F 85 18.25 17.86 -39.18
C ARG F 85 17.67 17.04 -40.33
N TYR F 86 18.29 15.88 -40.60
CA TYR F 86 17.80 15.00 -41.66
C TYR F 86 16.38 14.56 -41.38
N PHE F 87 16.14 14.14 -40.13
CA PHE F 87 14.81 13.70 -39.66
C PHE F 87 13.74 14.79 -39.89
N LEU F 88 14.08 16.02 -39.53
CA LEU F 88 13.13 17.13 -39.51
C LEU F 88 12.89 17.75 -40.88
N GLU F 89 13.95 17.87 -41.68
CA GLU F 89 13.91 18.60 -42.94
C GLU F 89 13.72 17.70 -44.18
N GLU F 90 14.04 16.42 -44.05
CA GLU F 90 14.04 15.49 -45.20
C GLU F 90 13.16 14.25 -45.03
N THR F 91 12.49 14.11 -43.89
CA THR F 91 11.51 13.03 -43.70
C THR F 91 10.26 13.57 -43.05
N GLN F 92 9.26 12.71 -42.99
CA GLN F 92 8.01 12.99 -42.31
C GLN F 92 7.72 11.96 -41.21
N TRP F 93 8.74 11.23 -40.78
CA TRP F 93 8.56 10.19 -39.77
C TRP F 93 8.25 10.86 -38.44
N GLU F 94 7.43 10.20 -37.62
CA GLU F 94 6.93 10.78 -36.38
C GLU F 94 7.86 10.56 -35.18
N ARG F 95 8.76 9.59 -35.29
CA ARG F 95 9.66 9.24 -34.19
C ARG F 95 11.06 8.94 -34.73
N ILE F 96 12.08 9.24 -33.91
CA ILE F 96 13.46 8.97 -34.24
C ILE F 96 14.10 8.21 -33.09
N HIS F 97 14.76 7.10 -33.38
CA HIS F 97 15.58 6.40 -32.39
C HIS F 97 17.04 6.70 -32.64
N PHE F 98 17.86 6.69 -31.59
CA PHE F 98 19.30 6.62 -31.68
C PHE F 98 19.79 5.36 -30.97
N TYR F 99 20.78 4.69 -31.56
CA TYR F 99 21.50 3.59 -30.93
C TYR F 99 22.97 3.70 -31.30
N ASP F 100 23.84 3.47 -30.32
CA ASP F 100 25.28 3.41 -30.58
C ASP F 100 25.60 2.26 -31.55
N ALA F 101 26.61 2.46 -32.39
CA ALA F 101 26.97 1.53 -33.44
C ALA F 101 27.55 0.20 -32.93
N ASP F 102 28.11 0.20 -31.74
CA ASP F 102 28.84 -0.98 -31.22
C ASP F 102 28.10 -1.77 -30.13
N ILE F 103 26.79 -1.54 -30.01
CA ILE F 103 25.96 -2.37 -29.12
C ILE F 103 26.09 -3.84 -29.52
N THR F 104 26.20 -4.70 -28.51
CA THR F 104 26.57 -6.11 -28.69
C THR F 104 25.40 -7.11 -28.62
N SER F 105 24.24 -6.65 -28.15
CA SER F 105 23.08 -7.54 -27.97
C SER F 105 21.79 -6.91 -28.50
N PHE F 106 21.93 -6.09 -29.53
CA PHE F 106 20.79 -5.43 -30.14
C PHE F 106 19.83 -6.48 -30.67
N GLY F 107 18.55 -6.27 -30.47
CA GLY F 107 17.51 -7.08 -31.07
C GLY F 107 16.25 -6.26 -31.27
N PRO F 108 15.26 -6.81 -31.96
CA PRO F 108 14.02 -6.08 -32.24
C PRO F 108 13.27 -5.61 -30.97
N ASP F 109 13.44 -6.30 -29.85
CA ASP F 109 12.81 -5.93 -28.56
C ASP F 109 13.17 -4.54 -28.07
N TRP F 110 14.39 -4.08 -28.37
CA TRP F 110 14.82 -2.75 -27.95
C TRP F 110 13.96 -1.71 -28.65
N ILE F 111 13.78 -1.88 -29.94
CA ILE F 111 12.97 -1.00 -30.76
C ILE F 111 11.50 -1.08 -30.31
N THR F 112 11.00 -2.30 -30.14
CA THR F 112 9.61 -2.52 -29.71
C THR F 112 9.30 -1.81 -28.39
N LYS F 113 10.18 -1.95 -27.41
CA LYS F 113 9.96 -1.38 -26.08
C LYS F 113 9.87 0.15 -26.13
N ALA F 114 10.76 0.77 -26.92
CA ALA F 114 10.75 2.23 -27.06
C ALA F 114 9.47 2.69 -27.75
N GLU F 115 9.07 1.98 -28.79
CA GLU F 115 7.89 2.35 -29.57
C GLU F 115 6.62 2.19 -28.74
N GLU F 116 6.54 1.15 -27.93
CA GLU F 116 5.35 0.89 -27.13
C GLU F 116 5.23 1.89 -25.97
N ALA F 117 6.34 2.30 -25.39
CA ALA F 117 6.34 3.39 -24.42
C ALA F 117 5.94 4.73 -25.07
N ALA F 118 6.39 4.98 -26.29
CA ALA F 118 5.99 6.19 -27.00
C ALA F 118 4.49 6.14 -27.35
N ASP F 119 3.98 4.94 -27.60
CA ASP F 119 2.55 4.75 -27.88
C ASP F 119 1.70 5.13 -26.68
N PHE F 120 2.23 4.90 -25.48
CA PHE F 120 1.53 5.24 -24.24
C PHE F 120 1.43 6.77 -24.07
N GLY F 121 2.38 7.49 -24.65
CA GLY F 121 2.31 8.94 -24.73
C GLY F 121 3.60 9.68 -24.42
N TYR F 122 4.65 8.97 -24.04
CA TYR F 122 5.91 9.62 -23.66
C TYR F 122 6.57 10.36 -24.82
N GLY F 123 7.14 11.53 -24.54
CA GLY F 123 7.85 12.32 -25.52
C GLY F 123 9.28 11.88 -25.74
N LEU F 124 9.90 11.30 -24.72
CA LEU F 124 11.28 10.84 -24.77
C LEU F 124 11.35 9.49 -24.06
N VAL F 125 11.96 8.51 -24.71
CA VAL F 125 12.20 7.20 -24.12
C VAL F 125 13.70 6.95 -24.13
N ARG F 126 14.27 6.58 -22.97
CA ARG F 126 15.69 6.35 -22.80
C ARG F 126 15.89 4.89 -22.40
N HIS F 127 16.84 4.20 -23.00
CA HIS F 127 17.17 2.85 -22.61
C HIS F 127 18.32 2.93 -21.62
N TYR F 128 18.18 2.30 -20.46
CA TYR F 128 19.26 2.21 -19.49
C TYR F 128 19.62 0.77 -19.17
N PHE F 129 20.86 0.61 -18.72
CA PHE F 129 21.54 -0.68 -18.60
C PHE F 129 22.20 -0.78 -17.23
N PRO F 130 22.37 -2.00 -16.73
CA PRO F 130 23.20 -2.17 -15.53
C PRO F 130 24.67 -1.95 -15.95
N ARG F 131 25.44 -1.29 -15.08
CA ARG F 131 26.87 -1.01 -15.33
C ARG F 131 27.69 -1.54 -14.16
N ALA F 132 28.93 -1.93 -14.46
CA ALA F 132 29.89 -2.32 -13.42
C ALA F 132 30.05 -1.16 -12.42
N SER F 133 30.38 -1.50 -11.19
CA SER F 133 30.52 -0.50 -10.13
C SER F 133 31.63 0.52 -10.39
N THR F 134 32.60 0.16 -11.24
CA THR F 134 33.68 1.09 -11.60
C THR F 134 33.61 1.57 -13.07
N ASP F 135 32.49 1.31 -13.72
CA ASP F 135 32.11 2.04 -14.93
C ASP F 135 31.23 3.21 -14.52
N ALA F 136 30.86 4.02 -15.51
CA ALA F 136 29.93 5.12 -15.35
C ALA F 136 30.41 6.19 -14.37
N MET F 137 31.71 6.38 -14.25
CA MET F 137 32.26 7.34 -13.30
C MET F 137 32.09 8.81 -13.70
N ILE F 138 31.95 9.08 -14.99
CA ILE F 138 31.55 10.43 -15.41
C ILE F 138 30.07 10.62 -15.11
N THR F 139 29.25 9.65 -15.50
CA THR F 139 27.82 9.68 -15.24
C THR F 139 27.54 10.03 -13.77
N TRP F 140 28.18 9.30 -12.85
CA TRP F 140 27.88 9.45 -11.44
C TRP F 140 28.56 10.66 -10.79
N MET F 141 29.87 10.78 -10.96
CA MET F 141 30.65 11.78 -10.25
C MET F 141 30.63 13.17 -10.90
N ILE F 142 30.30 13.25 -12.19
CA ILE F 142 30.21 14.54 -12.90
C ILE F 142 28.77 14.97 -13.21
N THR F 143 28.07 14.14 -13.95
CA THR F 143 26.80 14.55 -14.53
C THR F 143 25.66 14.51 -13.52
N ARG F 144 25.43 13.35 -12.90
CA ARG F 144 24.35 13.22 -11.93
C ARG F 144 24.66 14.03 -10.67
N THR F 145 25.94 14.04 -10.27
CA THR F 145 26.36 14.83 -9.13
C THR F 145 26.12 16.33 -9.37
N GLY F 146 26.48 16.82 -10.55
CA GLY F 146 26.28 18.22 -10.89
C GLY F 146 24.81 18.60 -10.91
N PHE F 147 24.00 17.74 -11.53
CA PHE F 147 22.56 17.94 -11.57
C PHE F 147 21.97 18.01 -10.13
N ALA F 148 22.44 17.14 -9.24
CA ALA F 148 21.98 17.11 -7.86
C ALA F 148 22.37 18.37 -7.08
N LEU F 149 23.61 18.82 -7.29
CA LEU F 149 24.13 19.96 -6.55
C LEU F 149 23.55 21.27 -7.03
N LEU F 150 23.19 21.36 -8.31
CA LEU F 150 22.76 22.61 -8.91
C LEU F 150 21.24 22.74 -8.99
N TRP F 151 20.55 21.61 -9.18
CA TRP F 151 19.08 21.61 -9.31
C TRP F 151 18.46 20.48 -8.46
N PRO F 152 18.67 20.54 -7.15
CA PRO F 152 18.30 19.46 -6.23
C PRO F 152 16.80 19.14 -6.17
N HIS F 153 15.94 20.10 -6.51
CA HIS F 153 14.50 19.89 -6.45
C HIS F 153 13.92 19.36 -7.76
N THR F 154 14.76 19.22 -8.79
CA THR F 154 14.26 18.87 -10.12
C THR F 154 14.48 17.40 -10.41
N GLU F 155 13.95 16.98 -11.55
CA GLU F 155 14.10 15.61 -12.03
C GLU F 155 15.48 15.30 -12.61
N LEU F 156 16.29 16.32 -12.85
CA LEU F 156 17.54 16.14 -13.58
C LEU F 156 18.40 14.98 -13.06
N SER F 157 18.68 14.97 -11.76
CA SER F 157 19.60 13.99 -11.18
C SER F 157 18.98 12.60 -11.03
N TRP F 158 17.69 12.49 -11.32
CA TRP F 158 16.94 11.24 -11.23
C TRP F 158 16.99 10.42 -12.52
N ILE F 159 17.40 11.04 -13.63
CA ILE F 159 17.57 10.35 -14.90
C ILE F 159 18.75 9.39 -14.74
N GLU F 160 18.52 8.10 -14.99
CA GLU F 160 19.57 7.11 -14.93
C GLU F 160 20.89 7.14 -15.69
N GLN F 161 20.93 7.30 -16.95
CA GLN F 161 22.30 7.46 -17.51
C GLN F 161 21.92 8.66 -18.42
N PRO F 162 22.12 9.88 -17.90
CA PRO F 162 21.95 11.10 -18.70
C PRO F 162 22.92 11.20 -19.91
N LEU F 163 23.98 10.40 -19.92
CA LEU F 163 24.94 10.40 -21.02
C LEU F 163 24.65 9.31 -22.06
N GLY F 164 23.58 8.55 -21.87
CA GLY F 164 23.30 7.41 -22.72
C GLY F 164 22.83 7.84 -24.11
N GLY F 165 23.31 7.18 -25.15
CA GLY F 165 22.93 7.49 -26.51
C GLY F 165 21.88 6.59 -27.14
N GLU F 166 21.19 5.80 -26.32
CA GLU F 166 20.12 4.94 -26.80
C GLU F 166 18.82 5.57 -26.35
N LEU F 167 18.04 6.05 -27.30
CA LEU F 167 16.83 6.77 -26.99
C LEU F 167 15.88 6.89 -28.18
N LEU F 168 14.63 7.26 -27.89
CA LEU F 168 13.63 7.58 -28.90
C LEU F 168 13.01 8.94 -28.54
N MET F 169 12.90 9.82 -29.51
CA MET F 169 12.21 11.10 -29.33
C MET F 169 11.06 11.18 -30.31
N ARG F 170 9.93 11.70 -29.88
CA ARG F 170 8.94 12.03 -30.89
C ARG F 170 9.34 13.32 -31.60
N ARG F 171 8.69 13.55 -32.73
CA ARG F 171 9.09 14.58 -33.68
C ARG F 171 9.21 15.94 -33.01
N GLU F 172 8.23 16.29 -32.20
CA GLU F 172 8.14 17.64 -31.63
C GLU F 172 9.27 17.88 -30.62
N VAL F 173 9.71 16.82 -29.96
CA VAL F 173 10.85 16.91 -29.03
C VAL F 173 12.12 17.11 -29.84
N ALA F 174 12.28 16.37 -30.93
CA ALA F 174 13.42 16.53 -31.83
C ALA F 174 13.46 17.95 -32.38
N ALA F 175 12.31 18.48 -32.76
CA ALA F 175 12.23 19.83 -33.33
C ALA F 175 12.68 20.87 -32.31
N MET F 176 12.19 20.75 -31.08
CA MET F 176 12.57 21.63 -30.00
C MET F 176 14.11 21.61 -29.75
N LEU F 177 14.69 20.43 -29.74
CA LEU F 177 16.14 20.30 -29.50
C LEU F 177 16.99 20.85 -30.63
N TYR F 178 16.58 20.56 -31.86
CA TYR F 178 17.31 21.04 -33.03
C TYR F 178 17.29 22.59 -33.10
N GLU F 179 16.20 23.22 -32.67
CA GLU F 179 16.06 24.69 -32.77
C GLU F 179 16.75 25.42 -31.62
N ASP F 180 17.17 24.69 -30.61
CA ASP F 180 17.81 25.26 -29.43
C ASP F 180 19.32 25.48 -29.66
N GLU F 181 19.76 26.72 -29.52
CA GLU F 181 21.14 27.11 -29.80
C GLU F 181 22.14 26.45 -28.85
N ARG F 182 21.75 26.24 -27.60
CA ARG F 182 22.63 25.58 -26.63
C ARG F 182 22.93 24.13 -27.04
N VAL F 183 21.95 23.51 -27.67
CA VAL F 183 22.03 22.12 -28.09
C VAL F 183 22.82 22.04 -29.40
N ARG F 184 22.53 22.95 -30.31
CA ARG F 184 23.14 22.95 -31.64
C ARG F 184 24.64 23.17 -31.57
N ARG F 185 25.06 24.02 -30.65
CA ARG F 185 26.47 24.32 -30.51
C ARG F 185 27.27 23.20 -29.84
N ARG F 186 26.59 22.29 -29.15
CA ARG F 186 27.28 21.22 -28.43
C ARG F 186 27.67 20.06 -29.36
N SER F 187 28.71 20.29 -30.14
CA SER F 187 29.12 19.37 -31.19
C SER F 187 29.93 18.17 -30.67
N ASP F 188 30.29 18.22 -29.39
CA ASP F 188 31.22 17.28 -28.79
C ASP F 188 30.53 16.21 -27.92
N TRP F 189 31.22 15.62 -26.94
CA TRP F 189 30.63 14.64 -26.05
C TRP F 189 29.51 15.20 -25.17
N GLY F 190 29.42 16.53 -25.05
CA GLY F 190 28.44 17.15 -24.19
C GLY F 190 27.01 17.09 -24.67
N ILE F 191 26.80 16.62 -25.91
CA ILE F 191 25.47 16.60 -26.49
C ILE F 191 24.43 15.86 -25.64
N ASP F 192 24.78 14.71 -25.09
CA ASP F 192 23.80 13.88 -24.34
C ASP F 192 23.37 14.60 -23.08
N THR F 193 24.31 15.30 -22.45
CA THR F 193 24.02 16.15 -21.32
C THR F 193 23.00 17.21 -21.71
N LEU F 194 23.22 17.87 -22.84
CA LEU F 194 22.32 18.91 -23.33
C LEU F 194 20.92 18.37 -23.69
N TYR F 195 20.84 17.23 -24.39
CA TYR F 195 19.54 16.59 -24.66
C TYR F 195 18.80 16.29 -23.37
N THR F 196 19.50 15.72 -22.39
CA THR F 196 18.89 15.39 -21.10
C THR F 196 18.41 16.64 -20.40
N PHE F 197 19.27 17.65 -20.35
CA PHE F 197 18.96 18.87 -19.63
C PHE F 197 17.77 19.58 -20.23
N VAL F 198 17.79 19.83 -21.53
CA VAL F 198 16.75 20.70 -22.08
C VAL F 198 15.41 19.97 -22.22
N THR F 199 15.42 18.65 -22.38
CA THR F 199 14.16 17.90 -22.35
C THR F 199 13.50 18.00 -20.98
N VAL F 200 14.29 17.88 -19.91
CA VAL F 200 13.75 18.03 -18.57
C VAL F 200 13.29 19.48 -18.33
N GLN F 201 14.12 20.46 -18.68
CA GLN F 201 13.77 21.87 -18.49
C GLN F 201 12.45 22.25 -19.19
N GLN F 202 12.17 21.63 -20.34
CA GLN F 202 10.97 21.94 -21.12
C GLN F 202 9.75 21.09 -20.73
N GLY F 203 9.89 20.26 -19.71
CA GLY F 203 8.77 19.46 -19.23
C GLY F 203 8.37 18.27 -20.11
N VAL F 204 9.31 17.73 -20.88
CA VAL F 204 9.01 16.57 -21.72
C VAL F 204 8.80 15.35 -20.83
N SER F 205 7.76 14.56 -21.10
CA SER F 205 7.55 13.32 -20.33
C SER F 205 8.57 12.25 -20.76
N ILE F 206 9.18 11.60 -19.79
CA ILE F 206 10.31 10.71 -20.03
C ILE F 206 10.05 9.33 -19.45
N TYR F 207 10.25 8.29 -20.26
CA TYR F 207 10.18 6.92 -19.81
C TYR F 207 11.57 6.28 -19.98
N GLU F 208 12.04 5.56 -18.96
CA GLU F 208 13.31 4.84 -19.06
C GLU F 208 13.07 3.32 -19.11
N CYS F 209 13.32 2.72 -20.27
CA CYS F 209 13.25 1.27 -20.47
C CYS F 209 14.51 0.61 -19.97
N TYR F 210 14.37 -0.51 -19.26
CA TYR F 210 15.51 -1.27 -18.80
C TYR F 210 15.91 -2.37 -19.79
N ILE F 211 17.18 -2.40 -20.16
CA ILE F 211 17.78 -3.43 -21.01
C ILE F 211 18.91 -4.07 -20.20
N PRO F 212 18.85 -5.37 -19.92
CA PRO F 212 19.89 -6.03 -19.09
C PRO F 212 21.32 -6.03 -19.65
N GLU F 213 21.50 -6.08 -20.97
CA GLU F 213 22.84 -6.12 -21.55
C GLU F 213 22.90 -5.52 -22.94
N GLY F 214 24.08 -5.07 -23.34
CA GLY F 214 24.25 -4.56 -24.69
C GLY F 214 25.23 -3.42 -24.86
N LYS F 215 25.54 -2.66 -23.81
CA LYS F 215 26.57 -1.63 -23.90
C LYS F 215 27.93 -2.28 -24.15
N ALA F 216 28.64 -1.80 -25.16
CA ALA F 216 30.03 -2.19 -25.36
C ALA F 216 30.86 -1.70 -24.18
N HIS F 217 31.89 -2.46 -23.85
CA HIS F 217 32.85 -2.10 -22.82
C HIS F 217 34.05 -1.52 -23.53
N ARG F 218 34.52 -0.38 -23.06
CA ARG F 218 35.75 0.19 -23.59
C ARG F 218 36.91 -0.76 -23.36
N LEU F 219 37.95 -0.62 -24.15
CA LEU F 219 39.18 -1.37 -23.91
C LEU F 219 39.66 -1.15 -22.47
N TYR F 220 40.30 -2.16 -21.91
CA TYR F 220 40.93 -2.03 -20.60
C TYR F 220 41.96 -0.90 -20.65
N GLY F 221 41.82 0.08 -19.75
CA GLY F 221 42.81 1.14 -19.64
C GLY F 221 42.65 2.01 -18.41
N GLY F 222 43.58 2.93 -18.23
CA GLY F 222 43.47 3.95 -17.21
C GLY F 222 42.30 4.89 -17.45
N LEU F 223 41.98 5.68 -16.44
CA LEU F 223 40.94 6.69 -16.54
C LEU F 223 41.26 7.75 -17.60
N ASP F 224 42.54 7.88 -17.93
CA ASP F 224 43.07 8.76 -18.99
C ASP F 224 42.32 8.57 -20.32
N ASP F 225 41.89 7.34 -20.59
CA ASP F 225 41.15 7.04 -21.81
C ASP F 225 39.82 7.81 -21.89
N LEU F 226 39.29 8.25 -20.75
CA LEU F 226 38.04 9.01 -20.70
C LEU F 226 38.22 10.51 -20.50
N ARG F 227 39.46 10.99 -20.61
CA ARG F 227 39.79 12.37 -20.27
C ARG F 227 39.03 13.40 -21.11
N THR F 228 38.97 13.18 -22.42
CA THR F 228 38.27 14.10 -23.31
C THR F 228 36.79 14.17 -22.99
N MET F 229 36.17 13.00 -22.82
CA MET F 229 34.76 12.93 -22.45
C MET F 229 34.53 13.63 -21.11
N LEU F 230 35.45 13.43 -20.17
CA LEU F 230 35.33 14.07 -18.86
C LEU F 230 35.29 15.58 -18.97
N VAL F 231 36.27 16.17 -19.65
CA VAL F 231 36.38 17.63 -19.65
C VAL F 231 35.24 18.26 -20.45
N GLU F 232 34.74 17.56 -21.47
CA GLU F 232 33.61 18.06 -22.25
C GLU F 232 32.27 17.91 -21.51
N CYS F 233 32.10 16.83 -20.75
CA CYS F 233 30.88 16.62 -19.96
C CYS F 233 30.83 17.60 -18.79
N PHE F 234 31.97 17.87 -18.17
CA PHE F 234 31.99 18.88 -17.10
C PHE F 234 31.71 20.26 -17.67
N ALA F 235 32.32 20.60 -18.81
CA ALA F 235 32.11 21.90 -19.43
C ALA F 235 30.62 22.13 -19.77
N ALA F 236 29.93 21.07 -20.16
CA ALA F 236 28.51 21.14 -20.50
C ALA F 236 27.68 21.51 -19.26
N ILE F 237 27.93 20.84 -18.13
CA ILE F 237 27.27 21.17 -16.86
C ILE F 237 27.58 22.62 -16.48
N GLN F 238 28.86 23.00 -16.56
CA GLN F 238 29.27 24.36 -16.20
C GLN F 238 28.56 25.41 -17.04
N SER F 239 28.39 25.12 -18.34
CA SER F 239 27.74 26.06 -19.26
C SER F 239 26.29 26.27 -18.88
N LEU F 240 25.70 25.27 -18.23
CA LEU F 240 24.28 25.32 -17.83
C LEU F 240 24.00 25.87 -16.43
N GLN F 241 25.03 26.17 -15.66
CA GLN F 241 24.91 26.32 -14.20
C GLN F 241 24.01 27.45 -13.69
N HIS F 242 23.77 28.48 -14.51
CA HIS F 242 22.91 29.59 -14.12
C HIS F 242 21.49 29.46 -14.68
N GLU F 243 21.19 28.35 -15.34
CA GLU F 243 19.84 28.09 -15.86
C GLU F 243 18.85 27.87 -14.71
N VAL F 244 17.59 28.22 -14.97
CA VAL F 244 16.48 27.99 -14.07
C VAL F 244 15.68 26.78 -14.60
N VAL F 245 15.36 25.85 -13.70
CA VAL F 245 14.60 24.65 -14.03
C VAL F 245 13.47 24.46 -13.00
N GLY F 246 12.23 24.35 -13.46
CA GLY F 246 11.08 24.10 -12.59
C GLY F 246 10.99 22.67 -12.07
N GLN F 247 10.13 22.44 -11.08
CA GLN F 247 9.99 21.10 -10.51
C GLN F 247 9.15 20.11 -11.34
N PRO F 248 8.03 20.56 -11.92
CA PRO F 248 7.12 19.64 -12.65
C PRO F 248 7.82 18.74 -13.66
N ALA F 249 7.40 17.49 -13.68
CA ALA F 249 8.05 16.46 -14.49
C ALA F 249 7.18 15.23 -14.52
N ILE F 250 7.15 14.54 -15.65
CA ILE F 250 6.69 13.16 -15.65
C ILE F 250 7.86 12.31 -16.10
N HIS F 251 8.33 11.48 -15.18
CA HIS F 251 9.52 10.70 -15.39
C HIS F 251 9.33 9.34 -14.71
N ARG F 252 9.19 8.29 -15.52
CA ARG F 252 9.04 6.93 -15.01
C ARG F 252 10.21 6.04 -15.42
N GLN F 253 10.43 4.98 -14.64
CA GLN F 253 11.51 4.03 -14.85
C GLN F 253 10.96 2.60 -14.77
N GLU F 254 11.24 1.79 -15.78
CA GLU F 254 10.98 0.37 -15.72
C GLU F 254 11.90 -0.21 -14.65
N HIS F 255 11.35 -1.08 -13.81
CA HIS F 255 12.09 -1.66 -12.71
C HIS F 255 13.18 -2.60 -13.25
N PRO F 256 14.40 -2.49 -12.76
CA PRO F 256 15.48 -3.42 -13.14
C PRO F 256 15.20 -4.90 -12.84
N HIS F 257 15.78 -5.79 -13.63
CA HIS F 257 16.00 -7.18 -13.21
C HIS F 257 17.30 -7.26 -12.39
N ARG F 258 17.60 -8.43 -11.82
CA ARG F 258 18.85 -8.62 -11.10
C ARG F 258 20.04 -8.32 -12.04
N VAL F 259 21.10 -7.69 -11.53
CA VAL F 259 22.30 -7.43 -12.35
C VAL F 259 22.88 -8.76 -12.87
N PRO F 260 23.25 -8.85 -14.15
CA PRO F 260 23.93 -10.06 -14.66
C PRO F 260 25.32 -10.21 -14.03
N VAL F 261 25.76 -11.46 -13.87
CA VAL F 261 27.00 -11.76 -13.17
C VAL F 261 28.20 -11.10 -13.84
N HIS F 262 28.29 -11.15 -15.16
CA HIS F 262 29.45 -10.58 -15.84
C HIS F 262 29.58 -9.06 -15.68
N ILE F 263 28.46 -8.39 -15.38
CA ILE F 263 28.49 -6.97 -15.05
C ILE F 263 28.90 -6.77 -13.59
N ALA F 264 28.32 -7.55 -12.67
CA ALA F 264 28.66 -7.43 -11.25
C ALA F 264 30.15 -7.71 -10.98
N GLU F 265 30.76 -8.57 -11.81
CA GLU F 265 32.14 -8.99 -11.63
C GLU F 265 33.13 -8.15 -12.44
N ARG F 266 32.65 -7.17 -13.20
CA ARG F 266 33.52 -6.42 -14.10
C ARG F 266 34.28 -5.31 -13.34
N VAL F 267 35.54 -5.12 -13.71
CA VAL F 267 36.33 -3.96 -13.27
C VAL F 267 36.49 -3.06 -14.49
N GLY F 268 36.16 -1.79 -14.34
CA GLY F 268 36.02 -0.89 -15.47
C GLY F 268 37.24 -0.08 -15.86
N TYR F 269 38.32 -0.19 -15.09
CA TYR F 269 39.55 0.55 -15.38
C TYR F 269 40.79 -0.11 -14.75
N ASP F 270 41.96 0.27 -15.26
CA ASP F 270 43.25 -0.21 -14.81
C ASP F 270 43.72 0.68 -13.66
N VAL F 271 43.72 0.12 -12.45
CA VAL F 271 44.02 0.88 -11.24
C VAL F 271 45.49 1.34 -11.21
N GLU F 272 46.41 0.44 -11.55
CA GLU F 272 47.82 0.77 -11.52
C GLU F 272 48.13 1.93 -12.49
N ALA F 273 47.58 1.84 -13.70
CA ALA F 273 47.81 2.89 -14.71
C ALA F 273 47.23 4.21 -14.27
N THR F 274 46.09 4.15 -13.58
CA THR F 274 45.40 5.33 -13.09
C THR F 274 46.19 6.01 -11.96
N LEU F 275 46.79 5.22 -11.07
CA LEU F 275 47.64 5.72 -10.00
C LEU F 275 48.88 6.40 -10.55
N HIS F 276 49.50 5.77 -11.54
CA HIS F 276 50.69 6.31 -12.18
C HIS F 276 50.39 7.66 -12.82
N ARG F 277 49.25 7.73 -13.50
CA ARG F 277 48.92 8.87 -14.35
C ARG F 277 48.63 10.10 -13.49
N LEU F 278 48.18 9.85 -12.27
CA LEU F 278 47.99 10.88 -11.26
C LEU F 278 49.27 11.65 -10.88
N MET F 279 50.41 10.98 -11.00
CA MET F 279 51.72 11.55 -10.68
C MET F 279 52.36 12.27 -11.87
N GLN F 280 51.71 12.27 -13.03
CA GLN F 280 52.30 12.80 -14.24
C GLN F 280 51.65 14.10 -14.66
N HIS F 281 52.35 14.81 -15.54
CA HIS F 281 51.88 16.01 -16.22
C HIS F 281 51.54 17.17 -15.30
N TRP F 282 52.27 17.28 -14.21
CA TRP F 282 52.17 18.39 -13.28
C TRP F 282 52.87 19.63 -13.88
N THR F 283 52.35 20.80 -13.57
CA THR F 283 53.04 22.06 -13.82
C THR F 283 52.95 22.96 -12.60
N PRO F 284 53.87 23.92 -12.49
CA PRO F 284 53.78 24.90 -11.41
C PRO F 284 52.42 25.61 -11.34
N ARG F 285 51.80 25.87 -12.49
CA ARG F 285 50.50 26.55 -12.52
C ARG F 285 49.38 25.70 -11.89
N GLN F 286 49.39 24.39 -12.16
CA GLN F 286 48.44 23.48 -11.54
C GLN F 286 48.59 23.51 -10.02
N VAL F 287 49.83 23.46 -9.55
CA VAL F 287 50.13 23.54 -8.12
C VAL F 287 49.56 24.83 -7.52
N GLU F 288 49.75 25.95 -8.21
CA GLU F 288 49.31 27.25 -7.74
C GLU F 288 47.77 27.38 -7.75
N LEU F 289 47.12 26.87 -8.78
CA LEU F 289 45.67 26.93 -8.91
C LEU F 289 44.96 26.15 -7.79
N LEU F 290 45.62 25.17 -7.18
CA LEU F 290 45.05 24.42 -6.06
C LEU F 290 44.82 25.30 -4.82
N GLU F 291 45.42 26.48 -4.80
CA GLU F 291 45.15 27.48 -3.80
C GLU F 291 43.66 27.88 -3.72
N LEU F 292 42.92 27.71 -4.83
CA LEU F 292 41.49 28.00 -4.88
C LEU F 292 40.60 26.98 -4.15
N PHE F 293 41.16 25.82 -3.84
CA PHE F 293 40.39 24.72 -3.29
C PHE F 293 40.53 24.66 -1.77
N THR F 294 39.72 23.82 -1.13
CA THR F 294 39.79 23.64 0.32
C THR F 294 41.14 23.07 0.68
N THR F 295 41.56 23.30 1.91
CA THR F 295 42.88 22.90 2.36
C THR F 295 43.16 21.40 2.24
N PRO F 296 42.25 20.53 2.68
CA PRO F 296 42.47 19.09 2.52
C PRO F 296 42.64 18.66 1.05
N VAL F 297 41.92 19.29 0.13
CA VAL F 297 42.01 18.98 -1.30
C VAL F 297 43.29 19.54 -1.92
N ARG F 298 43.63 20.77 -1.56
CA ARG F 298 44.86 21.39 -2.00
C ARG F 298 46.07 20.55 -1.60
N GLU F 299 46.14 20.20 -0.32
CA GLU F 299 47.26 19.40 0.19
C GLU F 299 47.24 17.96 -0.32
N GLY F 300 46.05 17.37 -0.40
CA GLY F 300 45.91 16.02 -0.92
C GLY F 300 46.39 15.87 -2.36
N LEU F 301 45.94 16.75 -3.24
CA LEU F 301 46.33 16.63 -4.66
C LEU F 301 47.78 16.98 -4.88
N ARG F 302 48.29 17.97 -4.15
CA ARG F 302 49.71 18.32 -4.25
C ARG F 302 50.61 17.15 -3.85
N THR F 303 50.12 16.32 -2.94
CA THR F 303 50.84 15.11 -2.53
C THR F 303 51.08 14.17 -3.71
N CYS F 304 50.16 14.18 -4.68
CA CYS F 304 50.28 13.36 -5.88
C CYS F 304 51.47 13.67 -6.79
N GLN F 305 52.16 14.79 -6.56
CA GLN F 305 53.44 15.00 -7.21
C GLN F 305 54.49 13.96 -6.81
N ARG F 306 54.37 13.43 -5.60
CA ARG F 306 55.36 12.49 -5.07
C ARG F 306 54.84 11.05 -4.93
N ARG F 307 53.58 10.90 -4.58
CA ARG F 307 52.95 9.58 -4.53
C ARG F 307 51.43 9.69 -4.63
N PRO F 308 50.76 8.63 -5.07
CA PRO F 308 49.32 8.70 -5.29
C PRO F 308 48.61 8.89 -3.95
N ALA F 309 47.76 9.91 -3.89
CA ALA F 309 46.95 10.15 -2.70
C ALA F 309 45.51 10.32 -3.14
N PHE F 310 44.59 9.78 -2.37
CA PHE F 310 43.16 9.85 -2.67
C PHE F 310 42.23 9.66 -1.48
N ASN F 311 42.73 9.22 -0.32
CA ASN F 311 41.91 9.10 0.88
C ASN F 311 41.18 10.41 1.22
N PHE F 312 41.80 11.54 0.89
CA PHE F 312 41.23 12.86 1.17
C PHE F 312 39.96 13.19 0.37
N MET F 313 39.77 12.54 -0.77
CA MET F 313 38.69 12.91 -1.68
C MET F 313 37.44 12.08 -1.42
N ASP F 314 36.86 12.33 -0.25
CA ASP F 314 35.63 11.69 0.13
C ASP F 314 34.46 12.44 -0.50
N GLU F 315 33.25 11.96 -0.22
CA GLU F 315 32.04 12.49 -0.81
C GLU F 315 31.86 13.99 -0.60
N MET F 316 32.14 14.45 0.62
CA MET F 316 31.98 15.87 0.95
C MET F 316 33.06 16.74 0.34
N ALA F 317 34.27 16.23 0.31
CA ALA F 317 35.37 16.93 -0.34
C ALA F 317 35.09 17.10 -1.83
N TRP F 318 34.50 16.08 -2.46
CA TRP F 318 34.22 16.15 -3.89
C TRP F 318 33.17 17.21 -4.20
N ALA F 319 32.12 17.33 -3.38
CA ALA F 319 31.11 18.37 -3.56
C ALA F 319 31.73 19.76 -3.46
N ALA F 320 32.57 19.97 -2.45
CA ALA F 320 33.24 21.26 -2.28
C ALA F 320 34.15 21.56 -3.50
N THR F 321 34.87 20.54 -3.96
CA THR F 321 35.71 20.62 -5.15
C THR F 321 34.87 20.95 -6.40
N TYR F 322 33.72 20.31 -6.52
CA TYR F 322 32.82 20.53 -7.65
C TYR F 322 32.45 22.01 -7.77
N HIS F 323 32.14 22.66 -6.65
CA HIS F 323 31.74 24.06 -6.66
C HIS F 323 32.90 24.99 -7.03
N VAL F 324 34.11 24.65 -6.60
CA VAL F 324 35.28 25.45 -6.96
C VAL F 324 35.50 25.35 -8.46
N LEU F 325 35.44 24.13 -9.00
CA LEU F 325 35.57 23.93 -10.45
C LEU F 325 34.50 24.69 -11.24
N LEU F 326 33.26 24.66 -10.77
CA LEU F 326 32.20 25.36 -11.49
C LEU F 326 32.49 26.86 -11.61
N GLU F 327 33.09 27.43 -10.57
CA GLU F 327 33.37 28.86 -10.57
C GLU F 327 34.62 29.19 -11.42
N HIS F 328 35.66 28.36 -11.36
CA HIS F 328 36.98 28.74 -11.85
C HIS F 328 37.50 27.97 -13.07
N PHE F 329 37.00 26.75 -13.30
CA PHE F 329 37.40 25.95 -14.45
C PHE F 329 37.26 26.71 -15.78
N GLN F 330 38.34 26.73 -16.55
CA GLN F 330 38.35 27.35 -17.88
C GLN F 330 38.39 26.26 -18.95
N PRO F 331 37.29 26.03 -19.66
CA PRO F 331 37.29 25.02 -20.73
C PRO F 331 38.37 25.29 -21.77
N GLY F 332 39.05 24.22 -22.20
CA GLY F 332 40.14 24.33 -23.17
C GLY F 332 41.50 24.70 -22.60
N ASP F 333 41.56 25.11 -21.33
CA ASP F 333 42.80 25.54 -20.69
C ASP F 333 43.50 24.27 -20.21
N PRO F 334 44.67 23.90 -20.75
CA PRO F 334 45.28 22.61 -20.41
C PRO F 334 45.49 22.37 -18.92
N ASP F 335 45.89 23.39 -18.15
CA ASP F 335 46.05 23.20 -16.70
C ASP F 335 44.73 22.92 -15.97
N TRP F 336 43.67 23.63 -16.33
CA TRP F 336 42.38 23.41 -15.70
C TRP F 336 41.81 22.05 -16.09
N GLU F 337 41.98 21.65 -17.34
CA GLU F 337 41.51 20.35 -17.79
C GLU F 337 42.26 19.24 -17.08
N GLU F 338 43.56 19.45 -16.85
CA GLU F 338 44.38 18.47 -16.17
C GLU F 338 44.05 18.39 -14.69
N LEU F 339 43.77 19.52 -14.07
CA LEU F 339 43.38 19.57 -12.65
C LEU F 339 42.04 18.86 -12.47
N LEU F 340 41.08 19.13 -13.35
CA LEU F 340 39.78 18.43 -13.32
C LEU F 340 40.00 16.92 -13.42
N PHE F 341 40.88 16.52 -14.34
CA PHE F 341 41.15 15.10 -14.54
C PHE F 341 41.79 14.44 -13.29
N LYS F 342 42.75 15.10 -12.66
CA LYS F 342 43.40 14.56 -11.47
C LYS F 342 42.46 14.52 -10.26
N LEU F 343 41.69 15.58 -10.07
CA LEU F 343 40.71 15.66 -8.99
C LEU F 343 39.66 14.56 -9.13
N TRP F 344 39.11 14.41 -10.32
CA TRP F 344 38.14 13.36 -10.62
C TRP F 344 38.76 11.98 -10.40
N THR F 345 40.00 11.80 -10.83
CA THR F 345 40.73 10.56 -10.61
C THR F 345 40.77 10.19 -9.14
N THR F 346 41.09 11.16 -8.28
CA THR F 346 41.17 10.89 -6.85
C THR F 346 39.82 10.53 -6.27
N ARG F 347 38.76 11.15 -6.76
CA ARG F 347 37.42 10.79 -6.32
C ARG F 347 37.11 9.35 -6.72
N VAL F 348 37.42 8.98 -7.96
CA VAL F 348 37.13 7.65 -8.45
C VAL F 348 37.91 6.61 -7.66
N LEU F 349 39.19 6.89 -7.40
CA LEU F 349 40.03 5.98 -6.63
C LEU F 349 39.49 5.81 -5.21
N ASN F 350 39.10 6.90 -4.58
CA ASN F 350 38.56 6.89 -3.22
C ASN F 350 37.27 6.06 -3.18
N TYR F 351 36.37 6.38 -4.10
CA TYR F 351 35.14 5.61 -4.27
C TYR F 351 35.42 4.15 -4.54
N THR F 352 36.45 3.87 -5.33
CA THR F 352 36.78 2.47 -5.65
C THR F 352 37.19 1.66 -4.42
N MET F 353 38.05 2.23 -3.58
CA MET F 353 38.57 1.53 -2.41
C MET F 353 37.62 1.59 -1.20
N THR F 354 36.76 2.59 -1.09
CA THR F 354 35.86 2.71 0.07
C THR F 354 34.45 2.23 -0.19
N VAL F 355 34.09 2.03 -1.46
CA VAL F 355 32.74 1.62 -1.83
C VAL F 355 32.73 0.40 -2.75
N ALA F 356 33.34 0.51 -3.93
CA ALA F 356 33.26 -0.58 -4.92
C ALA F 356 33.89 -1.86 -4.43
N LEU F 357 34.94 -1.76 -3.63
CA LEU F 357 35.63 -2.93 -3.07
C LEU F 357 34.74 -3.69 -2.05
N ARG F 358 33.72 -3.01 -1.52
CA ARG F 358 32.74 -3.66 -0.64
C ARG F 358 31.72 -4.48 -1.42
N GLY F 359 31.68 -4.34 -2.74
CA GLY F 359 30.86 -5.19 -3.58
C GLY F 359 29.78 -4.42 -4.30
N TYR F 360 29.22 -5.08 -5.30
CA TYR F 360 28.30 -4.46 -6.23
C TYR F 360 27.04 -3.93 -5.55
N ASP F 361 26.44 -4.74 -4.70
CA ASP F 361 25.20 -4.35 -4.03
C ASP F 361 25.43 -3.13 -3.13
N TYR F 362 26.56 -3.13 -2.41
CA TYR F 362 26.90 -1.99 -1.56
C TYR F 362 27.08 -0.75 -2.39
N ALA F 363 27.78 -0.87 -3.51
CA ALA F 363 28.05 0.26 -4.37
C ALA F 363 26.77 0.84 -4.94
N GLN F 364 25.86 0.00 -5.41
CA GLN F 364 24.62 0.49 -6.02
C GLN F 364 23.81 1.31 -4.99
N GLN F 365 23.63 0.77 -3.79
CA GLN F 365 22.92 1.52 -2.76
C GLN F 365 23.66 2.81 -2.36
N TYR F 366 24.98 2.76 -2.34
CA TYR F 366 25.79 3.93 -2.00
C TYR F 366 25.55 5.08 -2.97
N LEU F 367 25.58 4.77 -4.27
CA LEU F 367 25.51 5.80 -5.28
C LEU F 367 24.18 6.57 -5.25
N TYR F 368 23.07 5.86 -5.09
CA TYR F 368 21.78 6.54 -4.95
C TYR F 368 21.71 7.35 -3.66
N ARG F 369 22.29 6.84 -2.59
CA ARG F 369 22.27 7.56 -1.33
C ARG F 369 23.17 8.80 -1.38
N MET F 370 24.25 8.71 -2.16
CA MET F 370 25.16 9.81 -2.40
C MET F 370 24.42 10.98 -3.06
N LEU F 371 23.67 10.70 -4.12
CA LEU F 371 22.90 11.74 -4.80
C LEU F 371 21.88 12.36 -3.87
N GLY F 372 21.27 11.54 -3.01
CA GLY F 372 20.31 11.99 -2.02
C GLY F 372 20.92 12.98 -1.03
N ARG F 373 22.12 12.67 -0.56
CA ARG F 373 22.83 13.57 0.36
C ARG F 373 23.22 14.88 -0.33
N TYR F 374 23.65 14.80 -1.60
CA TYR F 374 24.03 15.98 -2.35
C TYR F 374 22.82 16.88 -2.60
N ARG F 375 21.68 16.29 -2.94
CA ARG F 375 20.44 17.05 -3.11
C ARG F 375 20.08 17.80 -1.83
N TYR F 376 20.13 17.07 -0.72
CA TYR F 376 19.78 17.59 0.60
C TYR F 376 20.68 18.77 0.99
N GLN F 377 21.99 18.58 0.88
CA GLN F 377 22.96 19.63 1.19
C GLN F 377 22.71 20.87 0.33
N ALA F 378 22.51 20.65 -0.97
CA ALA F 378 22.29 21.76 -1.90
C ALA F 378 20.97 22.49 -1.61
N ALA F 379 19.94 21.74 -1.27
CA ALA F 379 18.64 22.32 -0.96
C ALA F 379 18.70 23.24 0.27
N LEU F 380 19.54 22.87 1.23
CA LEU F 380 19.71 23.64 2.46
C LEU F 380 20.58 24.89 2.31
N GLU F 381 21.52 24.88 1.36
CA GLU F 381 22.56 25.91 1.29
C GLU F 381 22.09 27.23 0.69
CAC FLC G . -1.34 -5.82 7.43
CA FLC G . -1.36 -4.60 6.57
CB FLC G . -0.71 -4.83 5.20
CBC FLC G . 0.32 -5.98 5.23
CG FLC G . -1.77 -5.06 4.10
CGC FLC G . -1.36 -4.50 2.74
OA1 FLC G . -0.94 -5.73 8.61
OA2 FLC G . -1.74 -6.89 6.90
OB1 FLC G . 0.13 -7.11 4.67
OB2 FLC G . 1.37 -5.73 5.86
OG1 FLC G . -1.56 -5.19 1.73
OG2 FLC G . -0.86 -3.37 2.64
OHB FLC G . 0.04 -3.63 5.01
CAC FLC H . 15.52 -34.81 -12.36
CA FLC H . 15.65 -35.70 -11.15
CB FLC H . 16.41 -35.06 -9.98
CBC FLC H . 15.82 -33.72 -9.58
CG FLC H . 16.33 -36.00 -8.78
CGC FLC H . 17.12 -35.51 -7.59
OA1 FLC H . 14.71 -35.20 -13.26
OA2 FLC H . 16.17 -33.74 -12.46
OB1 FLC H . 14.59 -33.57 -9.33
OB2 FLC H . 16.64 -32.77 -9.49
OG1 FLC H . 18.33 -35.33 -7.71
OG2 FLC H . 16.52 -35.31 -6.52
OHB FLC H . 17.77 -34.83 -10.36
CAC FLC I . -57.48 29.20 -7.20
CA FLC I . -56.56 30.33 -7.63
CB FLC I . -56.02 31.19 -6.49
CBC FLC I . -55.47 30.42 -5.30
CG FLC I . -54.89 32.05 -7.06
CGC FLC I . -54.47 33.21 -6.15
OA1 FLC I . -57.83 28.38 -8.09
OA2 FLC I . -57.85 29.10 -6.00
OB1 FLC I . -54.64 29.49 -5.42
OB2 FLC I . -55.89 30.77 -4.18
OG1 FLC I . -55.29 34.08 -5.81
OG2 FLC I . -53.30 33.26 -5.80
OHB FLC I . -57.12 31.97 -5.99
CAC FLC J . -32.78 16.26 19.58
CA FLC J . -33.16 14.79 19.47
CB FLC J . -34.66 14.51 19.52
CBC FLC J . -35.48 15.44 18.66
CG FLC J . -34.91 13.07 19.05
CGC FLC J . -36.32 12.55 19.31
OA1 FLC J . -31.66 16.61 19.12
OA2 FLC J . -33.57 17.07 20.11
OB1 FLC J . -35.16 15.68 17.46
OB2 FLC J . -36.47 15.95 19.21
OG1 FLC J . -36.78 12.58 20.46
OG2 FLC J . -36.96 12.10 18.35
OHB FLC J . -35.10 14.69 20.87
CAC FLC K . 45.00 -10.32 11.79
CA FLC K . 46.03 -11.11 11.02
CB FLC K . 45.48 -12.05 9.95
CBC FLC K . 44.52 -11.39 8.99
CG FLC K . 46.66 -12.63 9.16
CGC FLC K . 46.30 -13.79 8.25
OA1 FLC K . 45.43 -9.53 12.67
OA2 FLC K . 43.76 -10.47 11.55
OB1 FLC K . 44.68 -10.24 8.52
OB2 FLC K . 43.56 -12.09 8.69
OG1 FLC K . 45.73 -14.80 8.70
OG2 FLC K . 46.62 -13.72 7.06
OHB FLC K . 44.74 -13.10 10.57
CAC FLC L . 32.32 4.19 -21.72
CA FLC L . 32.03 5.61 -21.23
CB FLC L . 31.18 5.65 -19.95
CBC FLC L . 31.67 4.70 -18.88
CG FLC L . 31.16 7.07 -19.37
CGC FLC L . 30.16 7.26 -18.23
OA1 FLC L . 33.26 4.03 -22.54
OA2 FLC L . 31.65 3.23 -21.29
OB1 FLC L . 32.87 4.63 -18.54
OB2 FLC L . 30.79 4.00 -18.35
OG1 FLC L . 28.94 7.01 -18.38
OG2 FLC L . 30.59 7.68 -17.14
OHB FLC L . 29.86 5.26 -20.36
#